data_1WH6
#
_entry.id   1WH6
#
_entity_poly.entity_id   1
_entity_poly.type   'polypeptide(L)'
_entity_poly.pdbx_seq_one_letter_code
;GSSGSSGQYELYMYREVDTLELTRQVKEKLAKNGICQRIFGEKVLGLSQGSVSDMLSRPKPWSKLTQKGREPFIRMQLWL
SDQLGQAVGQQPGASSGPSSG
;
_entity_poly.pdbx_strand_id   A
#
# COMPACT_ATOMS: atom_id res chain seq x y z
N GLY A 1 14.48 23.72 -4.38
CA GLY A 1 14.38 23.37 -2.96
C GLY A 1 13.48 22.16 -2.77
N SER A 2 12.32 22.33 -2.12
CA SER A 2 11.34 21.27 -1.95
C SER A 2 10.79 20.84 -3.32
N SER A 3 11.00 19.57 -3.69
CA SER A 3 10.86 19.06 -5.04
C SER A 3 10.54 17.56 -5.00
N GLY A 4 9.26 17.20 -4.83
CA GLY A 4 8.81 15.81 -4.96
C GLY A 4 7.44 15.67 -4.30
N SER A 5 7.44 15.74 -2.97
CA SER A 5 6.28 16.01 -2.12
C SER A 5 5.35 14.80 -1.97
N SER A 6 4.79 14.28 -3.08
CA SER A 6 4.05 13.03 -3.08
C SER A 6 4.94 11.85 -2.63
N GLY A 7 6.27 12.00 -2.72
CA GLY A 7 7.25 11.06 -2.21
C GLY A 7 7.11 9.73 -2.94
N GLN A 8 7.46 9.73 -4.23
CA GLN A 8 7.53 8.52 -5.05
C GLN A 8 8.49 7.52 -4.38
N TYR A 9 8.34 6.26 -4.77
CA TYR A 9 9.02 5.12 -4.14
C TYR A 9 10.54 5.22 -4.12
N GLU A 10 11.14 6.05 -4.97
CA GLU A 10 12.54 6.30 -5.02
C GLU A 10 13.11 6.72 -3.66
N LEU A 11 12.33 7.37 -2.79
CA LEU A 11 12.74 7.64 -1.41
C LEU A 11 13.02 6.30 -0.69
N TYR A 12 12.03 5.41 -0.76
CA TYR A 12 11.94 4.11 -0.10
C TYR A 12 12.85 3.06 -0.76
N MET A 13 13.38 3.31 -1.96
CA MET A 13 14.40 2.44 -2.54
C MET A 13 15.61 2.37 -1.62
N TYR A 14 15.92 3.46 -0.91
CA TYR A 14 17.08 3.58 -0.05
C TYR A 14 16.67 3.34 1.41
N ARG A 15 15.73 4.14 1.91
CA ARG A 15 15.43 4.30 3.33
C ARG A 15 14.51 3.17 3.82
N GLU A 16 14.48 2.93 5.13
CA GLU A 16 13.64 1.93 5.78
C GLU A 16 12.36 2.53 6.38
N VAL A 17 11.41 1.65 6.69
CA VAL A 17 10.08 1.94 7.21
C VAL A 17 9.75 0.88 8.25
N ASP A 18 8.81 1.13 9.16
CA ASP A 18 8.31 0.13 10.10
C ASP A 18 7.15 -0.59 9.42
N THR A 19 7.37 -1.77 8.83
CA THR A 19 6.31 -2.46 8.09
C THR A 19 5.10 -2.81 8.99
N LEU A 20 5.30 -2.94 10.30
CA LEU A 20 4.22 -3.23 11.22
C LEU A 20 3.36 -2.00 11.46
N GLU A 21 3.93 -0.80 11.60
CA GLU A 21 3.15 0.43 11.75
C GLU A 21 2.55 0.85 10.40
N LEU A 22 3.25 0.59 9.30
CA LEU A 22 2.76 0.85 7.95
C LEU A 22 1.44 0.11 7.73
N THR A 23 1.44 -1.21 7.91
CA THR A 23 0.24 -2.01 7.73
C THR A 23 -0.86 -1.52 8.66
N ARG A 24 -0.50 -1.15 9.88
CA ARG A 24 -1.40 -0.50 10.84
C ARG A 24 -2.08 0.75 10.27
N GLN A 25 -1.30 1.77 9.89
CA GLN A 25 -1.76 3.01 9.29
C GLN A 25 -2.72 2.70 8.13
N VAL A 26 -2.31 1.79 7.25
CA VAL A 26 -3.10 1.35 6.11
C VAL A 26 -4.43 0.78 6.61
N LYS A 27 -4.42 -0.26 7.45
CA LYS A 27 -5.62 -0.91 7.99
C LYS A 27 -6.58 0.11 8.60
N GLU A 28 -6.07 1.08 9.36
CA GLU A 28 -6.89 2.15 9.95
C GLU A 28 -7.51 3.03 8.87
N LYS A 29 -6.71 3.59 7.94
CA LYS A 29 -7.22 4.48 6.90
C LYS A 29 -8.27 3.78 6.04
N LEU A 30 -8.10 2.49 5.78
CA LEU A 30 -9.06 1.66 5.07
C LEU A 30 -10.33 1.51 5.91
N ALA A 31 -10.21 1.11 7.18
CA ALA A 31 -11.34 0.89 8.08
C ALA A 31 -12.16 2.17 8.29
N LYS A 32 -11.51 3.33 8.43
CA LYS A 32 -12.09 4.67 8.56
C LYS A 32 -12.93 5.10 7.36
N ASN A 33 -12.86 4.33 6.29
CA ASN A 33 -13.53 4.58 5.01
C ASN A 33 -14.38 3.38 4.59
N GLY A 34 -14.46 2.31 5.40
CA GLY A 34 -15.20 1.11 5.06
C GLY A 34 -14.67 0.44 3.78
N ILE A 35 -13.35 0.48 3.55
CA ILE A 35 -12.74 -0.18 2.42
C ILE A 35 -12.38 -1.59 2.89
N CYS A 36 -12.87 -2.61 2.19
CA CYS A 36 -12.43 -3.99 2.36
C CYS A 36 -10.95 -4.05 1.99
N GLN A 37 -10.08 -4.37 2.95
CA GLN A 37 -8.65 -4.48 2.71
C GLN A 37 -8.34 -5.52 1.63
N ARG A 38 -9.23 -6.52 1.43
CA ARG A 38 -9.12 -7.49 0.35
C ARG A 38 -9.11 -6.81 -1.02
N ILE A 39 -10.16 -6.05 -1.35
CA ILE A 39 -10.31 -5.41 -2.66
C ILE A 39 -9.21 -4.34 -2.82
N PHE A 40 -8.86 -3.64 -1.74
CA PHE A 40 -7.69 -2.76 -1.75
C PHE A 40 -6.46 -3.56 -2.21
N GLY A 41 -6.20 -4.72 -1.61
CA GLY A 41 -5.07 -5.54 -1.98
C GLY A 41 -5.13 -6.00 -3.43
N GLU A 42 -6.30 -6.43 -3.89
CA GLU A 42 -6.56 -6.94 -5.21
C GLU A 42 -6.31 -5.89 -6.30
N LYS A 43 -6.87 -4.69 -6.12
CA LYS A 43 -6.83 -3.63 -7.12
C LYS A 43 -5.60 -2.75 -6.91
N VAL A 44 -5.50 -2.10 -5.75
CA VAL A 44 -4.42 -1.16 -5.44
C VAL A 44 -3.10 -1.91 -5.41
N LEU A 45 -2.92 -2.88 -4.50
CA LEU A 45 -1.62 -3.53 -4.34
C LEU A 45 -1.33 -4.44 -5.53
N GLY A 46 -2.36 -5.11 -6.04
CA GLY A 46 -2.30 -6.04 -7.15
C GLY A 46 -2.17 -7.48 -6.71
N LEU A 47 -2.31 -7.82 -5.43
CA LEU A 47 -2.00 -9.13 -4.88
C LEU A 47 -3.23 -10.00 -4.70
N SER A 48 -3.00 -11.31 -4.54
CA SER A 48 -4.02 -12.28 -4.23
C SER A 48 -4.66 -11.96 -2.88
N GLN A 49 -5.93 -12.32 -2.76
CA GLN A 49 -6.78 -12.01 -1.61
C GLN A 49 -6.27 -12.64 -0.31
N GLY A 50 -5.64 -13.81 -0.36
CA GLY A 50 -5.04 -14.46 0.79
C GLY A 50 -3.64 -13.92 1.04
N SER A 51 -2.82 -13.70 0.00
CA SER A 51 -1.48 -13.16 0.16
C SER A 51 -1.49 -11.84 0.91
N VAL A 52 -2.37 -10.90 0.52
CA VAL A 52 -2.50 -9.62 1.17
C VAL A 52 -3.03 -9.75 2.61
N SER A 53 -3.89 -10.74 2.87
CA SER A 53 -4.41 -11.02 4.20
C SER A 53 -3.24 -11.38 5.10
N ASP A 54 -2.44 -12.37 4.70
CA ASP A 54 -1.24 -12.77 5.44
C ASP A 54 -0.32 -11.56 5.63
N MET A 55 -0.22 -10.68 4.63
CA MET A 55 0.63 -9.49 4.66
C MET A 55 0.21 -8.57 5.79
N LEU A 56 -1.02 -8.07 5.73
CA LEU A 56 -1.56 -7.13 6.70
C LEU A 56 -1.68 -7.70 8.10
N SER A 57 -1.89 -9.02 8.25
CA SER A 57 -1.96 -9.67 9.55
C SER A 57 -0.57 -9.88 10.16
N ARG A 58 0.37 -10.45 9.39
CA ARG A 58 1.69 -10.86 9.89
C ARG A 58 2.76 -10.52 8.86
N PRO A 59 3.11 -9.23 8.68
CA PRO A 59 4.10 -8.82 7.70
C PRO A 59 5.49 -9.37 8.05
N LYS A 60 6.46 -9.20 7.14
CA LYS A 60 7.88 -9.41 7.44
C LYS A 60 8.53 -8.03 7.61
N PRO A 61 9.68 -7.91 8.30
CA PRO A 61 10.39 -6.64 8.44
C PRO A 61 10.97 -6.21 7.08
N TRP A 62 11.26 -4.91 6.92
CA TRP A 62 11.79 -4.37 5.66
C TRP A 62 13.10 -5.07 5.26
N SER A 63 13.91 -5.41 6.25
CA SER A 63 15.19 -6.11 6.12
C SER A 63 15.07 -7.52 5.51
N LYS A 64 13.91 -8.16 5.64
CA LYS A 64 13.62 -9.44 5.00
C LYS A 64 13.19 -9.27 3.55
N LEU A 65 12.46 -8.20 3.26
CA LEU A 65 11.80 -8.02 1.98
C LEU A 65 12.86 -7.63 0.95
N THR A 66 12.99 -8.38 -0.14
CA THR A 66 13.80 -7.97 -1.28
C THR A 66 13.03 -6.94 -2.10
N GLN A 67 13.61 -6.38 -3.18
CA GLN A 67 12.91 -5.40 -4.02
C GLN A 67 11.55 -5.91 -4.50
N LYS A 68 11.43 -7.17 -4.97
CA LYS A 68 10.13 -7.69 -5.42
C LYS A 68 9.19 -7.97 -4.23
N GLY A 69 9.73 -8.15 -3.02
CA GLY A 69 8.93 -8.31 -1.82
C GLY A 69 8.48 -6.96 -1.24
N ARG A 70 9.23 -5.88 -1.48
CA ARG A 70 8.91 -4.54 -1.01
C ARG A 70 7.85 -3.88 -1.89
N GLU A 71 7.72 -4.27 -3.16
CA GLU A 71 6.75 -3.70 -4.10
C GLU A 71 5.35 -3.47 -3.51
N PRO A 72 4.67 -4.44 -2.88
CA PRO A 72 3.36 -4.21 -2.31
C PRO A 72 3.43 -3.24 -1.12
N PHE A 73 4.45 -3.36 -0.26
CA PHE A 73 4.62 -2.46 0.88
C PHE A 73 4.84 -1.02 0.42
N ILE A 74 5.63 -0.80 -0.62
CA ILE A 74 5.86 0.49 -1.26
C ILE A 74 4.51 1.07 -1.69
N ARG A 75 3.68 0.30 -2.41
CA ARG A 75 2.38 0.77 -2.86
C ARG A 75 1.49 1.10 -1.67
N MET A 76 1.58 0.34 -0.58
CA MET A 76 0.96 0.64 0.70
C MET A 76 1.41 2.02 1.23
N GLN A 77 2.72 2.27 1.27
CA GLN A 77 3.32 3.51 1.77
C GLN A 77 2.88 4.70 0.96
N LEU A 78 2.84 4.55 -0.36
CA LEU A 78 2.40 5.59 -1.26
C LEU A 78 0.95 5.86 -1.01
N TRP A 79 0.10 4.84 -1.09
CA TRP A 79 -1.35 4.97 -0.98
C TRP A 79 -1.79 5.77 0.24
N LEU A 80 -1.04 5.68 1.34
CA LEU A 80 -1.30 6.44 2.56
C LEU A 80 -1.41 7.93 2.28
N SER A 81 -0.41 8.49 1.60
CA SER A 81 -0.32 9.91 1.31
C SER A 81 -0.86 10.20 -0.10
N ASP A 82 -0.34 9.49 -1.09
CA ASP A 82 -0.55 9.62 -2.53
C ASP A 82 -2.01 9.41 -2.90
N GLN A 83 -2.67 8.48 -2.21
CA GLN A 83 -4.01 7.94 -2.47
C GLN A 83 -4.18 7.26 -3.84
N LEU A 84 -3.15 7.27 -4.69
CA LEU A 84 -3.13 6.83 -6.08
C LEU A 84 -4.40 7.22 -6.82
N GLY A 85 -4.56 8.51 -7.08
CA GLY A 85 -5.76 9.05 -7.68
C GLY A 85 -5.76 8.91 -9.18
N GLN A 86 -5.69 7.68 -9.68
CA GLN A 86 -6.10 7.32 -11.02
C GLN A 86 -7.60 7.55 -11.11
N ALA A 87 -8.37 6.63 -10.53
CA ALA A 87 -9.76 6.40 -10.85
C ALA A 87 -10.39 5.68 -9.66
N VAL A 88 -11.58 6.13 -9.27
CA VAL A 88 -12.44 5.45 -8.32
C VAL A 88 -13.85 5.47 -8.93
N GLY A 89 -14.67 4.45 -8.64
CA GLY A 89 -16.08 4.47 -8.97
C GLY A 89 -16.62 3.14 -9.48
N GLN A 90 -15.98 2.00 -9.21
CA GLN A 90 -16.45 0.71 -9.71
C GLN A 90 -16.24 -0.39 -8.68
N GLN A 91 -17.33 -0.84 -8.05
CA GLN A 91 -17.34 -2.09 -7.29
C GLN A 91 -17.29 -3.31 -8.21
N PRO A 92 -16.86 -4.48 -7.70
CA PRO A 92 -17.01 -5.76 -8.38
C PRO A 92 -18.47 -6.24 -8.33
N GLY A 93 -19.28 -5.79 -9.29
CA GLY A 93 -20.56 -6.43 -9.61
C GLY A 93 -20.28 -7.89 -9.93
N ALA A 94 -20.98 -8.79 -9.25
CA ALA A 94 -20.83 -10.24 -9.10
C ALA A 94 -21.13 -10.58 -7.64
N SER A 95 -21.45 -11.86 -7.38
CA SER A 95 -21.53 -12.52 -6.07
C SER A 95 -21.77 -14.02 -6.33
N SER A 96 -21.75 -14.83 -5.27
CA SER A 96 -22.26 -16.18 -5.23
C SER A 96 -22.67 -16.51 -3.79
N GLY A 97 -23.63 -17.42 -3.64
CA GLY A 97 -23.91 -18.13 -2.40
C GLY A 97 -23.70 -19.62 -2.66
N PRO A 98 -23.59 -20.42 -1.59
CA PRO A 98 -23.46 -21.87 -1.71
C PRO A 98 -24.79 -22.47 -2.20
N SER A 99 -24.73 -23.68 -2.74
CA SER A 99 -25.85 -24.50 -3.12
C SER A 99 -25.38 -25.95 -2.98
N SER A 100 -26.35 -26.84 -2.80
CA SER A 100 -26.23 -28.29 -2.66
C SER A 100 -27.29 -28.98 -3.53
N GLY A 101 -27.91 -28.23 -4.46
CA GLY A 101 -29.36 -28.17 -4.55
C GLY A 101 -29.82 -26.92 -3.80
N GLY A 1 23.07 15.68 10.44
CA GLY A 1 22.03 14.83 9.86
C GLY A 1 20.81 15.68 9.53
N SER A 2 20.47 15.80 8.25
CA SER A 2 19.26 16.43 7.75
C SER A 2 19.20 16.12 6.26
N SER A 3 18.00 16.01 5.69
CA SER A 3 17.77 15.89 4.25
C SER A 3 16.27 16.03 3.99
N GLY A 4 15.87 16.18 2.73
CA GLY A 4 14.49 16.16 2.32
C GLY A 4 14.41 16.49 0.84
N SER A 5 13.31 16.10 0.20
CA SER A 5 12.98 16.52 -1.16
C SER A 5 11.49 16.24 -1.35
N SER A 6 11.12 14.96 -1.47
CA SER A 6 9.76 14.49 -1.63
C SER A 6 9.59 13.19 -0.85
N GLY A 7 9.91 12.04 -1.46
CA GLY A 7 9.75 10.72 -0.88
C GLY A 7 9.65 9.73 -2.03
N GLN A 8 8.45 9.16 -2.22
CA GLN A 8 8.16 8.14 -3.22
C GLN A 8 9.02 6.89 -3.05
N TYR A 9 8.73 5.88 -3.87
CA TYR A 9 9.43 4.60 -3.90
C TYR A 9 10.94 4.77 -4.06
N GLU A 10 11.38 5.85 -4.72
CA GLU A 10 12.78 6.18 -4.92
C GLU A 10 13.49 6.35 -3.57
N LEU A 11 13.00 7.22 -2.69
CA LEU A 11 13.57 7.43 -1.35
C LEU A 11 13.62 6.11 -0.61
N TYR A 12 12.49 5.40 -0.61
CA TYR A 12 12.30 4.16 0.12
C TYR A 12 13.08 3.01 -0.53
N MET A 13 13.72 3.21 -1.69
CA MET A 13 14.40 2.14 -2.37
C MET A 13 15.60 1.69 -1.55
N TYR A 14 16.30 2.63 -0.91
CA TYR A 14 17.55 2.41 -0.19
C TYR A 14 17.34 2.34 1.32
N ARG A 15 16.47 3.20 1.86
CA ARG A 15 16.24 3.32 3.30
C ARG A 15 14.99 2.53 3.71
N GLU A 16 14.90 2.17 4.98
CA GLU A 16 13.82 1.34 5.52
C GLU A 16 12.60 2.14 5.93
N VAL A 17 11.58 1.38 6.33
CA VAL A 17 10.34 1.80 6.95
C VAL A 17 9.95 0.68 7.93
N ASP A 18 9.06 0.97 8.88
CA ASP A 18 8.53 0.02 9.84
C ASP A 18 7.28 -0.62 9.25
N THR A 19 7.40 -1.82 8.69
CA THR A 19 6.29 -2.54 8.07
C THR A 19 5.13 -2.78 9.05
N LEU A 20 5.39 -2.92 10.36
CA LEU A 20 4.34 -3.14 11.34
C LEU A 20 3.48 -1.89 11.51
N GLU A 21 4.10 -0.71 11.49
CA GLU A 21 3.42 0.56 11.68
C GLU A 21 2.75 1.01 10.37
N LEU A 22 3.42 0.75 9.24
CA LEU A 22 2.83 0.94 7.92
C LEU A 22 1.51 0.18 7.81
N THR A 23 1.52 -1.14 8.06
CA THR A 23 0.33 -1.95 7.94
C THR A 23 -0.75 -1.43 8.89
N ARG A 24 -0.36 -1.13 10.13
CA ARG A 24 -1.19 -0.50 11.16
C ARG A 24 -1.98 0.69 10.57
N GLN A 25 -1.28 1.70 10.06
CA GLN A 25 -1.81 2.88 9.40
C GLN A 25 -2.77 2.51 8.28
N VAL A 26 -2.33 1.67 7.35
CA VAL A 26 -3.12 1.27 6.19
C VAL A 26 -4.46 0.69 6.64
N LYS A 27 -4.45 -0.27 7.57
CA LYS A 27 -5.66 -0.93 8.05
C LYS A 27 -6.65 0.09 8.62
N GLU A 28 -6.17 1.13 9.30
CA GLU A 28 -7.01 2.18 9.85
C GLU A 28 -7.55 3.09 8.74
N LYS A 29 -6.71 3.64 7.86
CA LYS A 29 -7.19 4.52 6.78
C LYS A 29 -8.20 3.79 5.89
N LEU A 30 -8.03 2.49 5.68
CA LEU A 30 -9.00 1.64 5.00
C LEU A 30 -10.29 1.61 5.81
N ALA A 31 -10.23 1.21 7.08
CA ALA A 31 -11.37 1.12 7.98
C ALA A 31 -12.14 2.45 8.02
N LYS A 32 -11.44 3.59 8.04
CA LYS A 32 -12.00 4.92 8.09
C LYS A 32 -12.96 5.17 6.92
N ASN A 33 -12.65 4.68 5.72
CA ASN A 33 -13.56 4.76 4.56
C ASN A 33 -14.41 3.48 4.39
N GLY A 34 -14.31 2.51 5.31
CA GLY A 34 -14.99 1.23 5.21
C GLY A 34 -14.46 0.36 4.08
N ILE A 35 -13.24 0.60 3.60
CA ILE A 35 -12.67 -0.08 2.45
C ILE A 35 -12.33 -1.50 2.90
N CYS A 36 -12.89 -2.49 2.20
CA CYS A 36 -12.55 -3.88 2.41
C CYS A 36 -11.07 -4.10 2.04
N GLN A 37 -10.27 -4.62 2.98
CA GLN A 37 -8.88 -4.96 2.76
C GLN A 37 -8.69 -5.94 1.60
N ARG A 38 -9.63 -6.87 1.40
CA ARG A 38 -9.63 -7.75 0.23
C ARG A 38 -9.53 -6.95 -1.08
N ILE A 39 -10.41 -5.98 -1.25
CA ILE A 39 -10.54 -5.17 -2.45
C ILE A 39 -9.33 -4.26 -2.56
N PHE A 40 -8.90 -3.61 -1.47
CA PHE A 40 -7.67 -2.82 -1.48
C PHE A 40 -6.50 -3.62 -2.05
N GLY A 41 -6.33 -4.84 -1.56
CA GLY A 41 -5.27 -5.73 -2.03
C GLY A 41 -5.37 -5.96 -3.53
N GLU A 42 -6.54 -6.39 -3.97
CA GLU A 42 -6.82 -6.67 -5.38
C GLU A 42 -6.60 -5.43 -6.26
N LYS A 43 -7.13 -4.28 -5.86
CA LYS A 43 -7.24 -3.08 -6.69
C LYS A 43 -5.98 -2.23 -6.65
N VAL A 44 -5.33 -2.09 -5.49
CA VAL A 44 -4.19 -1.18 -5.32
C VAL A 44 -2.88 -1.95 -5.35
N LEU A 45 -2.78 -2.98 -4.50
CA LEU A 45 -1.52 -3.69 -4.32
C LEU A 45 -1.27 -4.64 -5.48
N GLY A 46 -2.34 -5.17 -6.08
CA GLY A 46 -2.28 -6.23 -7.06
C GLY A 46 -2.00 -7.57 -6.38
N LEU A 47 -2.50 -7.79 -5.17
CA LEU A 47 -2.29 -9.02 -4.40
C LEU A 47 -3.63 -9.69 -4.16
N SER A 48 -3.62 -11.03 -4.18
CA SER A 48 -4.74 -11.89 -3.90
C SER A 48 -5.28 -11.65 -2.48
N GLN A 49 -6.54 -12.02 -2.29
CA GLN A 49 -7.26 -11.92 -1.02
C GLN A 49 -6.45 -12.53 0.11
N GLY A 50 -6.00 -13.77 -0.07
CA GLY A 50 -5.26 -14.51 0.94
C GLY A 50 -3.88 -13.89 1.17
N SER A 51 -3.13 -13.64 0.09
CA SER A 51 -1.79 -13.09 0.18
C SER A 51 -1.80 -11.75 0.92
N VAL A 52 -2.69 -10.80 0.58
CA VAL A 52 -2.79 -9.55 1.30
C VAL A 52 -3.17 -9.74 2.77
N SER A 53 -3.97 -10.76 3.08
CA SER A 53 -4.36 -11.10 4.42
C SER A 53 -3.10 -11.47 5.19
N ASP A 54 -2.31 -12.41 4.67
CA ASP A 54 -1.08 -12.83 5.31
C ASP A 54 -0.07 -11.68 5.38
N MET A 55 -0.08 -10.74 4.42
CA MET A 55 0.72 -9.54 4.47
C MET A 55 0.34 -8.67 5.66
N LEU A 56 -0.91 -8.22 5.73
CA LEU A 56 -1.41 -7.36 6.78
C LEU A 56 -1.41 -8.02 8.16
N SER A 57 -1.72 -9.32 8.25
CA SER A 57 -1.77 -10.07 9.49
C SER A 57 -0.37 -10.49 9.96
N ARG A 58 0.55 -10.81 9.05
CA ARG A 58 1.92 -11.23 9.36
C ARG A 58 2.89 -10.46 8.48
N PRO A 59 3.07 -9.14 8.68
CA PRO A 59 4.02 -8.37 7.90
C PRO A 59 5.43 -8.89 8.14
N LYS A 60 6.18 -9.09 7.07
CA LYS A 60 7.59 -9.39 7.14
C LYS A 60 8.37 -8.09 7.41
N PRO A 61 9.58 -8.20 7.99
CA PRO A 61 10.42 -7.04 8.22
C PRO A 61 10.99 -6.54 6.89
N TRP A 62 11.34 -5.26 6.83
CA TRP A 62 11.97 -4.66 5.67
C TRP A 62 13.37 -5.26 5.42
N SER A 63 14.01 -5.78 6.46
CA SER A 63 15.24 -6.57 6.39
C SER A 63 15.06 -7.98 5.81
N LYS A 64 13.83 -8.46 5.61
CA LYS A 64 13.51 -9.71 4.89
C LYS A 64 13.09 -9.42 3.46
N LEU A 65 12.30 -8.37 3.27
CA LEU A 65 11.70 -8.09 1.98
C LEU A 65 12.82 -7.56 1.08
N THR A 66 13.06 -8.20 -0.06
CA THR A 66 14.00 -7.75 -1.08
C THR A 66 13.31 -6.75 -2.00
N GLN A 67 13.94 -6.32 -3.12
CA GLN A 67 13.27 -5.48 -4.10
C GLN A 67 11.89 -6.01 -4.50
N LYS A 68 11.79 -7.28 -4.91
CA LYS A 68 10.52 -7.83 -5.35
C LYS A 68 9.57 -7.99 -4.16
N GLY A 69 10.10 -8.22 -2.96
CA GLY A 69 9.33 -8.33 -1.73
C GLY A 69 8.72 -7.00 -1.31
N ARG A 70 9.45 -5.90 -1.46
CA ARG A 70 9.06 -4.58 -0.99
C ARG A 70 7.94 -3.98 -1.85
N GLU A 71 7.82 -4.39 -3.12
CA GLU A 71 6.89 -3.83 -4.09
C GLU A 71 5.49 -3.47 -3.56
N PRO A 72 4.71 -4.41 -2.98
CA PRO A 72 3.36 -4.11 -2.50
C PRO A 72 3.42 -3.18 -1.29
N PHE A 73 4.33 -3.43 -0.34
CA PHE A 73 4.51 -2.59 0.83
C PHE A 73 4.82 -1.14 0.44
N ILE A 74 5.57 -0.92 -0.63
CA ILE A 74 5.84 0.40 -1.19
C ILE A 74 4.54 1.07 -1.63
N ARG A 75 3.70 0.38 -2.41
CA ARG A 75 2.43 0.94 -2.84
C ARG A 75 1.55 1.23 -1.62
N MET A 76 1.59 0.39 -0.59
CA MET A 76 0.95 0.65 0.70
C MET A 76 1.41 1.99 1.30
N GLN A 77 2.72 2.29 1.30
CA GLN A 77 3.24 3.53 1.88
C GLN A 77 2.72 4.72 1.09
N LEU A 78 2.84 4.65 -0.23
CA LEU A 78 2.44 5.76 -1.08
C LEU A 78 0.96 6.00 -0.95
N TRP A 79 0.13 4.96 -1.11
CA TRP A 79 -1.32 5.07 -1.07
C TRP A 79 -1.82 5.87 0.13
N LEU A 80 -1.18 5.71 1.29
CA LEU A 80 -1.57 6.39 2.53
C LEU A 80 -1.65 7.90 2.32
N SER A 81 -0.70 8.46 1.57
CA SER A 81 -0.66 9.87 1.23
C SER A 81 -1.33 10.07 -0.14
N ASP A 82 -0.79 9.41 -1.16
CA ASP A 82 -0.90 9.65 -2.58
C ASP A 82 -2.20 9.15 -3.21
N GLN A 83 -2.91 8.24 -2.54
CA GLN A 83 -4.15 7.58 -2.96
C GLN A 83 -4.14 6.86 -4.33
N LEU A 84 -3.05 6.90 -5.12
CA LEU A 84 -2.93 6.42 -6.49
C LEU A 84 -3.99 7.04 -7.43
N GLY A 85 -3.59 8.12 -8.11
CA GLY A 85 -4.30 8.91 -9.13
C GLY A 85 -5.68 8.38 -9.52
N GLN A 86 -5.75 7.37 -10.37
CA GLN A 86 -6.94 6.56 -10.56
C GLN A 86 -6.56 5.13 -10.92
N ALA A 87 -5.75 4.97 -11.97
CA ALA A 87 -5.30 3.70 -12.51
C ALA A 87 -4.21 4.02 -13.52
N VAL A 88 -3.19 3.16 -13.64
CA VAL A 88 -2.11 3.36 -14.59
C VAL A 88 -1.49 1.99 -14.88
N GLY A 89 -0.71 1.89 -15.95
CA GLY A 89 -0.09 0.66 -16.40
C GLY A 89 -0.98 0.05 -17.47
N GLN A 90 -1.86 -0.87 -17.10
CA GLN A 90 -2.76 -1.57 -18.00
C GLN A 90 -4.16 -1.54 -17.41
N GLN A 91 -5.13 -1.04 -18.19
CA GLN A 91 -6.56 -1.16 -17.92
C GLN A 91 -7.25 -1.46 -19.26
N PRO A 92 -8.32 -2.25 -19.33
CA PRO A 92 -8.98 -2.56 -20.59
C PRO A 92 -10.05 -1.54 -21.01
N GLY A 93 -10.51 -0.66 -20.10
CA GLY A 93 -11.54 0.34 -20.40
C GLY A 93 -12.85 -0.30 -20.87
N ALA A 94 -13.07 -1.58 -20.54
CA ALA A 94 -14.09 -2.42 -21.12
C ALA A 94 -15.43 -2.17 -20.43
N SER A 95 -16.54 -2.35 -21.14
CA SER A 95 -17.87 -2.36 -20.54
C SER A 95 -17.96 -3.46 -19.48
N SER A 96 -18.68 -3.20 -18.39
CA SER A 96 -19.01 -4.14 -17.32
C SER A 96 -20.32 -3.66 -16.70
N GLY A 97 -21.29 -4.56 -16.54
CA GLY A 97 -22.57 -4.30 -15.89
C GLY A 97 -23.53 -3.49 -16.76
N PRO A 98 -24.82 -3.41 -16.38
CA PRO A 98 -25.72 -2.35 -16.82
C PRO A 98 -25.70 -1.14 -15.87
N SER A 99 -25.30 -1.34 -14.60
CA SER A 99 -25.44 -0.40 -13.50
C SER A 99 -26.84 0.24 -13.52
N SER A 100 -27.85 -0.56 -13.17
CA SER A 100 -29.19 -0.12 -12.86
C SER A 100 -29.77 -1.06 -11.81
N GLY A 101 -30.72 -0.57 -11.03
CA GLY A 101 -31.05 -1.12 -9.72
C GLY A 101 -30.26 -0.33 -8.68
N GLY A 1 12.55 26.93 1.45
CA GLY A 1 11.95 25.65 1.84
C GLY A 1 10.47 25.66 1.52
N SER A 2 10.14 25.42 0.26
CA SER A 2 8.79 25.22 -0.23
C SER A 2 8.47 23.74 -0.01
N SER A 3 7.30 23.45 0.55
CA SER A 3 6.75 22.10 0.63
C SER A 3 6.16 21.74 -0.74
N GLY A 4 5.92 20.46 -1.01
CA GLY A 4 5.35 20.00 -2.26
C GLY A 4 5.40 18.47 -2.36
N SER A 5 4.88 17.93 -3.46
CA SER A 5 4.85 16.50 -3.71
C SER A 5 6.26 15.99 -3.97
N SER A 6 6.82 15.23 -3.02
CA SER A 6 8.13 14.61 -3.15
C SER A 6 8.15 13.39 -2.22
N GLY A 7 7.99 12.19 -2.77
CA GLY A 7 8.00 10.96 -1.99
C GLY A 7 7.53 9.77 -2.81
N GLN A 8 8.23 9.45 -3.90
CA GLN A 8 7.91 8.33 -4.78
C GLN A 8 8.73 7.09 -4.40
N TYR A 9 8.40 5.95 -5.02
CA TYR A 9 8.95 4.64 -4.71
C TYR A 9 10.47 4.61 -4.74
N GLU A 10 11.05 5.31 -5.71
CA GLU A 10 12.50 5.42 -5.90
C GLU A 10 13.21 5.83 -4.61
N LEU A 11 12.70 6.86 -3.94
CA LEU A 11 13.29 7.48 -2.76
C LEU A 11 13.25 6.50 -1.58
N TYR A 12 12.10 5.87 -1.33
CA TYR A 12 11.97 4.91 -0.24
C TYR A 12 12.74 3.62 -0.52
N MET A 13 13.06 3.32 -1.78
CA MET A 13 13.78 2.11 -2.18
C MET A 13 15.15 2.00 -1.48
N TYR A 14 15.76 3.13 -1.14
CA TYR A 14 17.09 3.17 -0.55
C TYR A 14 17.05 3.02 0.97
N ARG A 15 15.89 3.11 1.59
CA ARG A 15 15.74 3.31 3.01
C ARG A 15 15.11 2.06 3.61
N GLU A 16 14.46 2.18 4.75
CA GLU A 16 13.56 1.19 5.30
C GLU A 16 12.32 1.92 5.79
N VAL A 17 11.30 1.16 6.18
CA VAL A 17 10.03 1.66 6.62
C VAL A 17 9.55 0.69 7.70
N ASP A 18 8.62 1.15 8.53
CA ASP A 18 8.12 0.38 9.64
C ASP A 18 6.99 -0.50 9.14
N THR A 19 7.28 -1.70 8.65
CA THR A 19 6.26 -2.52 8.00
C THR A 19 5.16 -3.01 8.97
N LEU A 20 5.31 -2.77 10.28
CA LEU A 20 4.32 -3.02 11.31
C LEU A 20 3.43 -1.80 11.60
N GLU A 21 3.90 -0.58 11.34
CA GLU A 21 3.17 0.66 11.53
C GLU A 21 2.50 1.06 10.23
N LEU A 22 3.20 0.86 9.11
CA LEU A 22 2.71 1.05 7.75
C LEU A 22 1.39 0.31 7.60
N THR A 23 1.39 -1.01 7.85
CA THR A 23 0.19 -1.82 7.76
C THR A 23 -0.85 -1.23 8.70
N ARG A 24 -0.49 -0.90 9.95
CA ARG A 24 -1.40 -0.29 10.92
C ARG A 24 -2.12 0.92 10.35
N GLN A 25 -1.40 1.95 9.91
CA GLN A 25 -1.99 3.14 9.31
C GLN A 25 -2.85 2.75 8.12
N VAL A 26 -2.38 1.85 7.25
CA VAL A 26 -3.14 1.39 6.11
C VAL A 26 -4.48 0.77 6.59
N LYS A 27 -4.44 -0.25 7.44
CA LYS A 27 -5.58 -1.00 7.97
C LYS A 27 -6.57 -0.05 8.63
N GLU A 28 -6.09 0.75 9.56
CA GLU A 28 -6.92 1.66 10.36
C GLU A 28 -7.54 2.73 9.47
N LYS A 29 -6.82 3.26 8.47
CA LYS A 29 -7.35 4.29 7.57
C LYS A 29 -8.33 3.68 6.56
N LEU A 30 -8.06 2.48 6.07
CA LEU A 30 -9.00 1.73 5.23
C LEU A 30 -10.28 1.51 6.02
N ALA A 31 -10.19 1.11 7.30
CA ALA A 31 -11.34 0.97 8.17
C ALA A 31 -12.07 2.30 8.33
N LYS A 32 -11.34 3.39 8.61
CA LYS A 32 -11.87 4.74 8.76
C LYS A 32 -12.71 5.14 7.54
N ASN A 33 -12.26 4.78 6.33
CA ASN A 33 -12.94 5.16 5.08
C ASN A 33 -14.01 4.15 4.69
N GLY A 34 -13.96 2.91 5.18
CA GLY A 34 -14.92 1.85 4.89
C GLY A 34 -14.48 0.87 3.80
N ILE A 35 -13.17 0.78 3.50
CA ILE A 35 -12.65 0.02 2.38
C ILE A 35 -12.42 -1.44 2.80
N CYS A 36 -12.84 -2.34 1.92
CA CYS A 36 -12.63 -3.78 1.96
C CYS A 36 -11.14 -4.07 1.72
N GLN A 37 -10.43 -4.58 2.72
CA GLN A 37 -8.98 -4.75 2.65
C GLN A 37 -8.55 -5.73 1.55
N ARG A 38 -9.36 -6.75 1.24
CA ARG A 38 -9.11 -7.64 0.09
C ARG A 38 -9.00 -6.87 -1.23
N ILE A 39 -9.97 -5.99 -1.49
CA ILE A 39 -10.11 -5.32 -2.77
C ILE A 39 -8.94 -4.36 -2.93
N PHE A 40 -8.60 -3.65 -1.85
CA PHE A 40 -7.39 -2.84 -1.79
C PHE A 40 -6.16 -3.65 -2.24
N GLY A 41 -5.99 -4.89 -1.74
CA GLY A 41 -4.91 -5.76 -2.18
C GLY A 41 -4.96 -6.00 -3.68
N GLU A 42 -6.12 -6.44 -4.15
CA GLU A 42 -6.34 -6.87 -5.53
C GLU A 42 -6.27 -5.72 -6.55
N LYS A 43 -6.43 -4.45 -6.15
CA LYS A 43 -6.40 -3.32 -7.08
C LYS A 43 -5.28 -2.31 -6.81
N VAL A 44 -4.93 -2.02 -5.56
CA VAL A 44 -3.76 -1.17 -5.28
C VAL A 44 -2.51 -2.03 -5.38
N LEU A 45 -2.41 -3.11 -4.58
CA LEU A 45 -1.13 -3.76 -4.36
C LEU A 45 -0.77 -4.75 -5.46
N GLY A 46 -1.75 -5.37 -6.10
CA GLY A 46 -1.53 -6.54 -6.96
C GLY A 46 -1.46 -7.84 -6.16
N LEU A 47 -2.00 -7.87 -4.94
CA LEU A 47 -1.93 -9.03 -4.05
C LEU A 47 -3.31 -9.66 -3.90
N SER A 48 -3.38 -10.96 -4.22
CA SER A 48 -4.49 -11.87 -3.98
C SER A 48 -4.97 -11.81 -2.52
N GLN A 49 -6.15 -12.37 -2.29
CA GLN A 49 -6.79 -12.38 -0.98
C GLN A 49 -5.93 -13.07 0.07
N GLY A 50 -5.41 -14.26 -0.24
CA GLY A 50 -4.53 -14.98 0.66
C GLY A 50 -3.18 -14.29 0.82
N SER A 51 -2.75 -13.49 -0.16
CA SER A 51 -1.54 -12.70 -0.05
C SER A 51 -1.79 -11.55 0.92
N VAL A 52 -2.64 -10.58 0.58
CA VAL A 52 -2.79 -9.36 1.37
C VAL A 52 -3.23 -9.65 2.80
N SER A 53 -4.11 -10.63 3.02
CA SER A 53 -4.60 -10.96 4.34
C SER A 53 -3.46 -11.45 5.24
N ASP A 54 -2.63 -12.36 4.73
CA ASP A 54 -1.52 -12.93 5.48
C ASP A 54 -0.49 -11.83 5.77
N MET A 55 -0.31 -10.92 4.80
CA MET A 55 0.54 -9.74 4.90
C MET A 55 0.11 -8.85 6.05
N LEU A 56 -1.12 -8.33 6.01
CA LEU A 56 -1.67 -7.47 7.05
C LEU A 56 -1.81 -8.18 8.40
N SER A 57 -1.92 -9.50 8.44
CA SER A 57 -1.97 -10.24 9.70
C SER A 57 -0.56 -10.31 10.31
N ARG A 58 0.42 -10.80 9.54
CA ARG A 58 1.78 -11.07 10.00
C ARG A 58 2.79 -10.52 8.99
N PRO A 59 3.00 -9.20 8.92
CA PRO A 59 3.98 -8.63 8.02
C PRO A 59 5.38 -9.03 8.47
N LYS A 60 6.35 -8.91 7.56
CA LYS A 60 7.76 -9.17 7.81
C LYS A 60 8.55 -7.87 7.73
N PRO A 61 9.74 -7.79 8.34
CA PRO A 61 10.52 -6.55 8.35
C PRO A 61 11.01 -6.27 6.93
N TRP A 62 11.14 -5.00 6.58
CA TRP A 62 11.64 -4.51 5.30
C TRP A 62 12.99 -5.15 4.97
N SER A 63 13.84 -5.35 5.99
CA SER A 63 15.15 -5.98 5.88
C SER A 63 15.07 -7.40 5.33
N LYS A 64 14.05 -8.18 5.73
CA LYS A 64 13.82 -9.54 5.22
C LYS A 64 13.21 -9.55 3.82
N LEU A 65 12.75 -8.42 3.28
CA LEU A 65 12.15 -8.35 1.96
C LEU A 65 13.24 -8.05 0.94
N THR A 66 13.09 -8.54 -0.29
CA THR A 66 13.87 -8.08 -1.45
C THR A 66 13.16 -6.88 -2.08
N GLN A 67 13.70 -6.23 -3.11
CA GLN A 67 12.96 -5.21 -3.86
C GLN A 67 11.63 -5.80 -4.39
N LYS A 68 11.65 -7.04 -4.90
CA LYS A 68 10.46 -7.78 -5.34
C LYS A 68 9.45 -7.94 -4.20
N GLY A 69 9.92 -8.15 -2.97
CA GLY A 69 9.06 -8.31 -1.80
C GLY A 69 8.57 -6.97 -1.24
N ARG A 70 9.33 -5.89 -1.43
CA ARG A 70 9.01 -4.53 -0.98
C ARG A 70 7.96 -3.89 -1.88
N GLU A 71 7.91 -4.29 -3.14
CA GLU A 71 7.06 -3.77 -4.19
C GLU A 71 5.59 -3.51 -3.75
N PRO A 72 4.88 -4.47 -3.12
CA PRO A 72 3.52 -4.24 -2.62
C PRO A 72 3.50 -3.32 -1.40
N PHE A 73 4.41 -3.47 -0.44
CA PHE A 73 4.56 -2.55 0.68
C PHE A 73 4.79 -1.10 0.24
N ILE A 74 5.49 -0.88 -0.87
CA ILE A 74 5.69 0.45 -1.45
C ILE A 74 4.34 1.02 -1.89
N ARG A 75 3.52 0.24 -2.58
CA ARG A 75 2.20 0.67 -3.00
C ARG A 75 1.33 0.98 -1.76
N MET A 76 1.47 0.19 -0.69
CA MET A 76 0.90 0.47 0.61
C MET A 76 1.34 1.85 1.15
N GLN A 77 2.64 2.17 1.12
CA GLN A 77 3.15 3.45 1.62
C GLN A 77 2.56 4.59 0.82
N LEU A 78 2.57 4.48 -0.51
CA LEU A 78 2.11 5.54 -1.37
C LEU A 78 0.64 5.81 -1.09
N TRP A 79 -0.23 4.80 -1.10
CA TRP A 79 -1.67 5.01 -0.98
C TRP A 79 -2.08 5.86 0.23
N LEU A 80 -1.31 5.78 1.32
CA LEU A 80 -1.54 6.62 2.50
C LEU A 80 -1.55 8.09 2.10
N SER A 81 -0.44 8.58 1.51
CA SER A 81 -0.25 10.00 1.21
C SER A 81 -0.65 10.38 -0.22
N ASP A 82 -0.29 9.56 -1.22
CA ASP A 82 -0.62 9.72 -2.64
C ASP A 82 -2.14 9.87 -2.78
N GLN A 83 -2.84 8.97 -2.09
CA GLN A 83 -4.25 8.68 -1.93
C GLN A 83 -4.69 7.49 -2.79
N LEU A 84 -4.03 7.24 -3.94
CA LEU A 84 -4.21 6.17 -4.94
C LEU A 84 -5.64 5.86 -5.35
N GLY A 85 -6.39 5.30 -4.42
CA GLY A 85 -7.85 5.17 -4.36
C GLY A 85 -8.52 4.95 -5.71
N GLN A 86 -8.58 3.69 -6.16
CA GLN A 86 -9.39 3.34 -7.32
C GLN A 86 -10.83 3.81 -7.12
N ALA A 87 -11.42 3.50 -5.97
CA ALA A 87 -12.83 3.58 -5.68
C ALA A 87 -13.04 3.25 -4.19
N VAL A 88 -14.29 2.96 -3.80
CA VAL A 88 -14.76 2.42 -2.52
C VAL A 88 -14.77 3.52 -1.43
N GLY A 89 -15.75 3.41 -0.52
CA GLY A 89 -16.03 4.36 0.53
C GLY A 89 -17.40 4.06 1.13
N GLN A 90 -18.45 4.68 0.59
CA GLN A 90 -19.82 4.54 1.09
C GLN A 90 -20.42 3.17 0.76
N GLN A 91 -20.26 2.20 1.65
CA GLN A 91 -21.16 1.06 1.83
C GLN A 91 -21.20 0.79 3.34
N PRO A 92 -22.30 0.22 3.88
CA PRO A 92 -22.45 0.01 5.32
C PRO A 92 -21.61 -1.19 5.77
N GLY A 93 -20.64 -0.94 6.66
CA GLY A 93 -19.72 -1.96 7.17
C GLY A 93 -19.05 -1.49 8.44
N ALA A 94 -19.80 -1.42 9.54
CA ALA A 94 -19.27 -0.98 10.84
C ALA A 94 -18.12 -1.89 11.26
N SER A 95 -17.00 -1.29 11.68
CA SER A 95 -15.73 -1.97 11.90
C SER A 95 -15.64 -2.65 13.29
N SER A 96 -16.58 -2.33 14.19
CA SER A 96 -16.86 -2.97 15.47
C SER A 96 -15.65 -3.52 16.25
N GLY A 97 -15.18 -2.79 17.26
CA GLY A 97 -14.24 -3.32 18.24
C GLY A 97 -14.11 -2.46 19.48
N PRO A 98 -13.28 -2.90 20.45
CA PRO A 98 -12.82 -2.11 21.60
C PRO A 98 -11.74 -1.10 21.18
N SER A 99 -11.36 -0.22 22.11
CA SER A 99 -10.42 0.88 21.88
C SER A 99 -9.65 1.12 23.17
N SER A 100 -8.42 0.63 23.25
CA SER A 100 -7.57 0.74 24.43
C SER A 100 -6.96 2.13 24.62
N GLY A 101 -6.22 2.32 25.70
CA GLY A 101 -5.46 3.52 26.01
C GLY A 101 -4.02 3.13 26.21
N GLY A 1 22.11 17.36 -4.63
CA GLY A 1 22.07 16.66 -5.93
C GLY A 1 21.34 17.49 -6.97
N SER A 2 21.10 16.93 -8.15
CA SER A 2 19.83 17.20 -8.81
C SER A 2 18.75 16.44 -8.02
N SER A 3 17.51 16.89 -8.10
CA SER A 3 16.34 16.17 -7.63
C SER A 3 16.40 15.82 -6.14
N GLY A 4 16.12 16.84 -5.32
CA GLY A 4 15.85 16.71 -3.91
C GLY A 4 14.36 16.72 -3.61
N SER A 5 13.50 16.32 -4.55
CA SER A 5 12.10 16.06 -4.25
C SER A 5 12.07 14.71 -3.53
N SER A 6 12.16 14.75 -2.20
CA SER A 6 12.05 13.58 -1.35
C SER A 6 10.64 13.01 -1.49
N GLY A 7 10.47 12.00 -2.32
CA GLY A 7 9.15 11.54 -2.74
C GLY A 7 9.24 10.40 -3.75
N GLN A 8 8.06 10.00 -4.25
CA GLN A 8 7.75 8.74 -4.89
C GLN A 8 8.35 7.54 -4.13
N TYR A 9 8.23 6.36 -4.73
CA TYR A 9 8.86 5.14 -4.26
C TYR A 9 10.37 5.28 -4.13
N GLU A 10 10.99 6.21 -4.87
CA GLU A 10 12.42 6.40 -4.89
C GLU A 10 12.96 6.74 -3.50
N LEU A 11 12.20 7.46 -2.67
CA LEU A 11 12.60 7.75 -1.28
C LEU A 11 12.80 6.43 -0.54
N TYR A 12 11.77 5.58 -0.58
CA TYR A 12 11.68 4.29 0.10
C TYR A 12 12.53 3.23 -0.61
N MET A 13 13.15 3.56 -1.74
CA MET A 13 14.03 2.66 -2.46
C MET A 13 15.37 2.51 -1.74
N TYR A 14 15.64 3.32 -0.72
CA TYR A 14 16.83 3.23 0.12
C TYR A 14 16.40 3.12 1.58
N ARG A 15 15.68 4.13 2.08
CA ARG A 15 15.18 4.19 3.44
C ARG A 15 14.38 2.96 3.79
N GLU A 16 14.43 2.58 5.07
CA GLU A 16 13.61 1.53 5.65
C GLU A 16 12.21 2.07 5.95
N VAL A 17 11.38 1.21 6.51
CA VAL A 17 10.11 1.61 7.12
C VAL A 17 9.83 0.59 8.23
N ASP A 18 9.07 1.01 9.24
CA ASP A 18 8.57 0.14 10.29
C ASP A 18 7.34 -0.55 9.72
N THR A 19 7.52 -1.75 9.16
CA THR A 19 6.47 -2.42 8.43
C THR A 19 5.25 -2.73 9.31
N LEU A 20 5.42 -2.99 10.61
CA LEU A 20 4.28 -3.09 11.52
C LEU A 20 3.40 -1.85 11.42
N GLU A 21 3.99 -0.68 11.68
CA GLU A 21 3.30 0.60 11.74
C GLU A 21 2.77 1.02 10.37
N LEU A 22 3.47 0.66 9.29
CA LEU A 22 2.95 0.80 7.93
C LEU A 22 1.64 0.05 7.79
N THR A 23 1.60 -1.27 8.05
CA THR A 23 0.34 -1.99 7.94
C THR A 23 -0.70 -1.36 8.87
N ARG A 24 -0.28 -0.88 10.05
CA ARG A 24 -1.15 -0.27 11.05
C ARG A 24 -1.93 0.91 10.46
N GLN A 25 -1.21 1.92 9.97
CA GLN A 25 -1.80 3.10 9.33
C GLN A 25 -2.67 2.70 8.16
N VAL A 26 -2.21 1.75 7.35
CA VAL A 26 -2.96 1.23 6.22
C VAL A 26 -4.30 0.69 6.71
N LYS A 27 -4.30 -0.28 7.62
CA LYS A 27 -5.48 -0.87 8.23
C LYS A 27 -6.40 0.21 8.78
N GLU A 28 -5.89 1.14 9.58
CA GLU A 28 -6.66 2.20 10.17
C GLU A 28 -7.42 3.01 9.13
N LYS A 29 -6.71 3.55 8.13
CA LYS A 29 -7.28 4.41 7.10
C LYS A 29 -8.26 3.63 6.22
N LEU A 30 -7.95 2.38 5.91
CA LEU A 30 -8.85 1.51 5.15
C LEU A 30 -10.15 1.33 5.92
N ALA A 31 -10.08 0.96 7.19
CA ALA A 31 -11.24 0.75 8.05
C ALA A 31 -12.00 2.06 8.33
N LYS A 32 -11.30 3.20 8.38
CA LYS A 32 -11.88 4.54 8.49
C LYS A 32 -12.85 4.76 7.34
N ASN A 33 -12.37 4.53 6.12
CA ASN A 33 -13.19 4.73 4.93
C ASN A 33 -14.22 3.61 4.80
N GLY A 34 -13.91 2.42 5.33
CA GLY A 34 -14.78 1.23 5.32
C GLY A 34 -14.41 0.24 4.22
N ILE A 35 -13.26 0.40 3.56
CA ILE A 35 -12.81 -0.37 2.41
C ILE A 35 -12.46 -1.79 2.85
N CYS A 36 -12.97 -2.81 2.15
CA CYS A 36 -12.67 -4.23 2.36
C CYS A 36 -11.23 -4.58 1.91
N GLN A 37 -10.39 -5.13 2.82
CA GLN A 37 -8.95 -5.34 2.62
C GLN A 37 -8.62 -6.21 1.41
N ARG A 38 -9.42 -7.24 1.15
CA ARG A 38 -9.29 -8.08 -0.03
C ARG A 38 -9.25 -7.25 -1.30
N ILE A 39 -10.22 -6.35 -1.44
CA ILE A 39 -10.39 -5.54 -2.63
C ILE A 39 -9.24 -4.56 -2.75
N PHE A 40 -8.85 -3.93 -1.64
CA PHE A 40 -7.72 -3.00 -1.64
C PHE A 40 -6.50 -3.67 -2.26
N GLY A 41 -6.19 -4.87 -1.79
CA GLY A 41 -5.14 -5.70 -2.37
C GLY A 41 -5.33 -5.90 -3.87
N GLU A 42 -6.48 -6.43 -4.25
CA GLU A 42 -6.83 -6.81 -5.63
C GLU A 42 -6.91 -5.62 -6.60
N LYS A 43 -7.10 -4.39 -6.12
CA LYS A 43 -7.26 -3.19 -6.93
C LYS A 43 -6.01 -2.31 -6.92
N VAL A 44 -5.31 -2.22 -5.80
CA VAL A 44 -4.23 -1.24 -5.61
C VAL A 44 -2.88 -1.95 -5.51
N LEU A 45 -2.79 -3.01 -4.71
CA LEU A 45 -1.51 -3.70 -4.50
C LEU A 45 -1.24 -4.72 -5.62
N GLY A 46 -2.26 -5.11 -6.38
CA GLY A 46 -2.18 -6.18 -7.37
C GLY A 46 -1.78 -7.50 -6.73
N LEU A 47 -2.36 -7.83 -5.56
CA LEU A 47 -2.09 -9.06 -4.83
C LEU A 47 -3.39 -9.81 -4.59
N SER A 48 -3.29 -11.14 -4.52
CA SER A 48 -4.39 -12.02 -4.17
C SER A 48 -4.91 -11.72 -2.76
N GLN A 49 -6.19 -11.97 -2.57
CA GLN A 49 -6.92 -11.73 -1.33
C GLN A 49 -6.22 -12.37 -0.14
N GLY A 50 -5.96 -13.68 -0.21
CA GLY A 50 -5.42 -14.47 0.88
C GLY A 50 -4.00 -14.05 1.20
N SER A 51 -3.21 -13.74 0.16
CA SER A 51 -1.87 -13.21 0.28
C SER A 51 -1.93 -11.91 1.09
N VAL A 52 -2.63 -10.88 0.60
CA VAL A 52 -2.71 -9.58 1.27
C VAL A 52 -3.32 -9.70 2.68
N SER A 53 -4.20 -10.69 2.90
CA SER A 53 -4.83 -10.98 4.17
C SER A 53 -3.78 -11.41 5.20
N ASP A 54 -2.95 -12.41 4.84
CA ASP A 54 -1.80 -12.84 5.64
C ASP A 54 -0.86 -11.67 5.87
N MET A 55 -0.58 -10.91 4.81
CA MET A 55 0.36 -9.80 4.79
C MET A 55 -0.01 -8.77 5.83
N LEU A 56 -1.14 -8.09 5.64
CA LEU A 56 -1.63 -7.07 6.57
C LEU A 56 -1.86 -7.62 7.98
N SER A 57 -2.08 -8.92 8.16
CA SER A 57 -2.23 -9.50 9.47
C SER A 57 -0.87 -9.65 10.15
N ARG A 58 0.10 -10.28 9.48
CA ARG A 58 1.36 -10.73 10.03
C ARG A 58 2.49 -10.34 9.07
N PRO A 59 2.82 -9.03 8.96
CA PRO A 59 3.86 -8.58 8.05
C PRO A 59 5.24 -9.07 8.52
N LYS A 60 6.24 -8.96 7.64
CA LYS A 60 7.66 -9.22 7.88
C LYS A 60 8.39 -7.88 8.05
N PRO A 61 9.60 -7.86 8.64
CA PRO A 61 10.39 -6.64 8.72
C PRO A 61 10.81 -6.20 7.32
N TRP A 62 11.10 -4.90 7.13
CA TRP A 62 11.65 -4.41 5.87
C TRP A 62 12.97 -5.12 5.53
N SER A 63 13.70 -5.52 6.57
CA SER A 63 14.93 -6.30 6.50
C SER A 63 14.73 -7.57 5.67
N LYS A 64 13.58 -8.23 5.82
CA LYS A 64 13.28 -9.50 5.16
C LYS A 64 12.86 -9.32 3.72
N LEU A 65 12.30 -8.18 3.37
CA LEU A 65 11.76 -7.94 2.05
C LEU A 65 12.92 -7.62 1.11
N THR A 66 13.00 -8.31 -0.03
CA THR A 66 13.82 -7.94 -1.18
C THR A 66 13.17 -6.74 -1.90
N GLN A 67 13.70 -6.20 -3.00
CA GLN A 67 12.91 -5.25 -3.80
C GLN A 67 11.58 -5.87 -4.22
N LYS A 68 11.59 -7.11 -4.73
CA LYS A 68 10.37 -7.82 -5.14
C LYS A 68 9.39 -7.93 -3.97
N GLY A 69 9.90 -8.13 -2.75
CA GLY A 69 9.11 -8.17 -1.54
C GLY A 69 8.65 -6.79 -1.07
N ARG A 70 9.43 -5.72 -1.29
CA ARG A 70 9.10 -4.35 -0.92
C ARG A 70 8.05 -3.79 -1.88
N GLU A 71 7.99 -4.28 -3.11
CA GLU A 71 7.15 -3.80 -4.19
C GLU A 71 5.68 -3.49 -3.80
N PRO A 72 4.92 -4.41 -3.16
CA PRO A 72 3.55 -4.10 -2.74
C PRO A 72 3.55 -3.12 -1.57
N PHE A 73 4.46 -3.29 -0.61
CA PHE A 73 4.56 -2.42 0.55
C PHE A 73 4.86 -0.97 0.16
N ILE A 74 5.59 -0.74 -0.92
CA ILE A 74 5.82 0.59 -1.47
C ILE A 74 4.51 1.21 -1.90
N ARG A 75 3.67 0.49 -2.66
CA ARG A 75 2.39 1.01 -3.06
C ARG A 75 1.54 1.29 -1.81
N MET A 76 1.63 0.44 -0.78
CA MET A 76 1.02 0.66 0.51
C MET A 76 1.46 2.00 1.13
N GLN A 77 2.78 2.29 1.16
CA GLN A 77 3.35 3.53 1.69
C GLN A 77 2.81 4.72 0.91
N LEU A 78 2.87 4.65 -0.42
CA LEU A 78 2.43 5.75 -1.27
C LEU A 78 0.96 5.99 -1.04
N TRP A 79 0.11 4.97 -1.16
CA TRP A 79 -1.33 5.07 -1.03
C TRP A 79 -1.76 5.86 0.19
N LEU A 80 -1.02 5.76 1.30
CA LEU A 80 -1.33 6.47 2.53
C LEU A 80 -1.43 7.98 2.28
N SER A 81 -0.48 8.59 1.58
CA SER A 81 -0.55 10.00 1.18
C SER A 81 -1.07 10.21 -0.26
N ASP A 82 -0.43 9.54 -1.22
CA ASP A 82 -0.53 9.72 -2.66
C ASP A 82 -1.93 9.38 -3.19
N GLN A 83 -2.66 8.54 -2.47
CA GLN A 83 -4.02 8.09 -2.72
C GLN A 83 -4.27 7.54 -4.14
N LEU A 84 -3.22 7.29 -4.92
CA LEU A 84 -3.20 6.85 -6.32
C LEU A 84 -4.34 7.49 -7.12
N GLY A 85 -4.19 8.79 -7.35
CA GLY A 85 -5.06 9.61 -8.15
C GLY A 85 -4.24 10.07 -9.34
N GLN A 86 -4.40 9.41 -10.48
CA GLN A 86 -3.56 9.59 -11.65
C GLN A 86 -4.42 9.55 -12.91
N ALA A 87 -4.86 8.36 -13.30
CA ALA A 87 -5.66 8.07 -14.45
C ALA A 87 -6.27 6.68 -14.21
N VAL A 88 -7.09 6.23 -15.13
CA VAL A 88 -8.01 5.12 -14.98
C VAL A 88 -7.91 4.28 -16.27
N GLY A 89 -8.26 3.01 -16.19
CA GLY A 89 -8.23 2.06 -17.30
C GLY A 89 -6.99 1.18 -17.21
N GLN A 90 -5.88 1.57 -17.86
CA GLN A 90 -4.72 0.71 -18.04
C GLN A 90 -3.42 1.51 -18.19
N GLN A 91 -2.30 0.79 -18.33
CA GLN A 91 -0.97 1.33 -18.60
C GLN A 91 -0.38 0.50 -19.76
N PRO A 92 -0.56 0.90 -21.03
CA PRO A 92 -0.02 0.15 -22.16
C PRO A 92 1.50 0.37 -22.27
N GLY A 93 2.27 -0.44 -21.54
CA GLY A 93 3.74 -0.37 -21.54
C GLY A 93 4.19 0.97 -20.95
N ALA A 94 5.33 1.48 -21.44
CA ALA A 94 5.85 2.81 -21.08
C ALA A 94 6.30 3.46 -22.39
N SER A 95 5.43 4.25 -23.01
CA SER A 95 5.67 4.99 -24.24
C SER A 95 4.52 5.99 -24.38
N SER A 96 4.81 7.29 -24.31
CA SER A 96 3.84 8.39 -24.32
C SER A 96 2.59 8.05 -23.49
N GLY A 97 2.75 8.14 -22.17
CA GLY A 97 1.68 7.97 -21.21
C GLY A 97 0.60 9.05 -21.38
N PRO A 98 -0.55 8.89 -20.71
CA PRO A 98 -1.65 9.82 -20.78
C PRO A 98 -1.23 11.17 -20.21
N SER A 99 -1.26 12.21 -21.05
CA SER A 99 -1.15 13.62 -20.69
C SER A 99 0.26 14.06 -20.28
N SER A 100 1.11 13.18 -19.75
CA SER A 100 2.42 13.50 -19.25
C SER A 100 3.46 12.65 -20.01
N GLY A 101 4.28 13.32 -20.80
CA GLY A 101 5.59 12.81 -21.17
C GLY A 101 6.41 12.59 -19.92
N GLY A 1 15.37 26.50 -5.96
CA GLY A 1 16.31 25.41 -5.68
C GLY A 1 16.30 25.16 -4.19
N SER A 2 15.38 24.32 -3.73
CA SER A 2 15.16 24.10 -2.31
C SER A 2 16.13 23.07 -1.73
N SER A 3 15.96 22.79 -0.44
CA SER A 3 16.59 21.74 0.33
C SER A 3 16.05 20.36 -0.12
N GLY A 4 16.29 20.04 -1.39
CA GLY A 4 15.84 18.85 -2.08
C GLY A 4 14.39 19.00 -2.57
N SER A 5 14.09 18.26 -3.64
CA SER A 5 12.78 17.78 -4.01
C SER A 5 13.02 16.53 -4.86
N SER A 6 12.96 15.38 -4.21
CA SER A 6 12.58 14.13 -4.85
C SER A 6 11.83 13.32 -3.80
N GLY A 7 10.98 12.42 -4.28
CA GLY A 7 10.02 11.66 -3.51
C GLY A 7 9.79 10.36 -4.27
N GLN A 8 8.52 10.02 -4.50
CA GLN A 8 8.11 8.76 -5.13
C GLN A 8 8.74 7.59 -4.35
N TYR A 9 8.74 6.40 -4.93
CA TYR A 9 9.35 5.23 -4.33
C TYR A 9 10.85 5.41 -4.10
N GLU A 10 11.53 6.23 -4.92
CA GLU A 10 12.98 6.41 -4.83
C GLU A 10 13.42 6.96 -3.47
N LEU A 11 12.61 7.80 -2.82
CA LEU A 11 12.84 8.22 -1.43
C LEU A 11 13.11 6.99 -0.57
N TYR A 12 12.18 6.05 -0.62
CA TYR A 12 12.13 4.90 0.25
C TYR A 12 13.02 3.76 -0.26
N MET A 13 13.49 3.79 -1.52
CA MET A 13 14.29 2.71 -2.12
C MET A 13 15.46 2.36 -1.21
N TYR A 14 16.14 3.39 -0.71
CA TYR A 14 17.36 3.24 0.07
C TYR A 14 17.07 3.14 1.57
N ARG A 15 15.85 3.45 2.03
CA ARG A 15 15.50 3.75 3.41
C ARG A 15 14.83 2.52 4.05
N GLU A 16 14.45 2.61 5.33
CA GLU A 16 13.60 1.64 6.01
C GLU A 16 12.24 2.25 6.32
N VAL A 17 11.29 1.38 6.71
CA VAL A 17 9.92 1.73 7.02
C VAL A 17 9.39 0.62 7.90
N ASP A 18 8.63 0.98 8.94
CA ASP A 18 8.20 0.03 9.95
C ASP A 18 6.98 -0.72 9.46
N THR A 19 7.19 -1.92 8.92
CA THR A 19 6.13 -2.70 8.30
C THR A 19 4.95 -2.95 9.24
N LEU A 20 5.18 -3.06 10.56
CA LEU A 20 4.12 -3.23 11.53
C LEU A 20 3.21 -2.00 11.51
N GLU A 21 3.79 -0.81 11.71
CA GLU A 21 3.08 0.46 11.70
C GLU A 21 2.45 0.70 10.33
N LEU A 22 3.15 0.38 9.25
CA LEU A 22 2.66 0.55 7.89
C LEU A 22 1.35 -0.21 7.72
N THR A 23 1.31 -1.53 7.98
CA THR A 23 0.06 -2.28 7.88
C THR A 23 -1.02 -1.67 8.79
N ARG A 24 -0.61 -1.24 9.99
CA ARG A 24 -1.48 -0.60 10.97
C ARG A 24 -2.21 0.59 10.36
N GLN A 25 -1.48 1.65 9.99
CA GLN A 25 -2.08 2.86 9.45
C GLN A 25 -2.79 2.60 8.13
N VAL A 26 -2.35 1.62 7.34
CA VAL A 26 -3.08 1.21 6.14
C VAL A 26 -4.48 0.76 6.55
N LYS A 27 -4.59 -0.21 7.47
CA LYS A 27 -5.87 -0.70 7.96
C LYS A 27 -6.70 0.44 8.55
N GLU A 28 -6.13 1.32 9.37
CA GLU A 28 -6.84 2.45 9.94
C GLU A 28 -7.41 3.35 8.85
N LYS A 29 -6.60 3.80 7.88
CA LYS A 29 -7.07 4.64 6.77
C LYS A 29 -8.22 3.96 6.00
N LEU A 30 -8.08 2.67 5.69
CA LEU A 30 -9.11 1.88 5.04
C LEU A 30 -10.36 1.89 5.89
N ALA A 31 -10.26 1.55 7.16
CA ALA A 31 -11.35 1.44 8.12
C ALA A 31 -12.08 2.77 8.32
N LYS A 32 -11.34 3.87 8.36
CA LYS A 32 -11.88 5.23 8.45
C LYS A 32 -12.76 5.51 7.24
N ASN A 33 -12.34 5.05 6.05
CA ASN A 33 -13.06 5.27 4.81
C ASN A 33 -14.11 4.21 4.50
N GLY A 34 -14.12 3.08 5.23
CA GLY A 34 -15.05 1.98 5.04
C GLY A 34 -14.58 0.97 3.97
N ILE A 35 -13.35 1.08 3.48
CA ILE A 35 -12.84 0.31 2.36
C ILE A 35 -12.48 -1.10 2.84
N CYS A 36 -12.85 -2.11 2.06
CA CYS A 36 -12.48 -3.50 2.30
C CYS A 36 -10.98 -3.68 2.06
N GLN A 37 -10.23 -4.17 3.05
CA GLN A 37 -8.83 -4.54 2.85
C GLN A 37 -8.70 -5.61 1.76
N ARG A 38 -9.69 -6.50 1.61
CA ARG A 38 -9.68 -7.56 0.60
C ARG A 38 -9.56 -6.95 -0.80
N ILE A 39 -10.52 -6.10 -1.16
CA ILE A 39 -10.60 -5.46 -2.47
C ILE A 39 -9.43 -4.49 -2.61
N PHE A 40 -9.05 -3.78 -1.54
CA PHE A 40 -7.85 -2.94 -1.57
C PHE A 40 -6.64 -3.78 -2.00
N GLY A 41 -6.41 -4.96 -1.40
CA GLY A 41 -5.28 -5.78 -1.77
C GLY A 41 -5.32 -6.19 -3.23
N GLU A 42 -6.48 -6.66 -3.67
CA GLU A 42 -6.69 -7.20 -5.00
C GLU A 42 -6.58 -6.09 -6.06
N LYS A 43 -7.23 -4.94 -5.87
CA LYS A 43 -7.25 -3.84 -6.83
C LYS A 43 -6.08 -2.89 -6.68
N VAL A 44 -5.82 -2.39 -5.47
CA VAL A 44 -4.74 -1.43 -5.21
C VAL A 44 -3.43 -2.21 -5.25
N LEU A 45 -3.17 -3.07 -4.27
CA LEU A 45 -1.83 -3.65 -4.12
C LEU A 45 -1.50 -4.60 -5.27
N GLY A 46 -2.50 -5.12 -5.99
CA GLY A 46 -2.28 -6.05 -7.08
C GLY A 46 -1.77 -7.40 -6.55
N LEU A 47 -2.14 -7.77 -5.32
CA LEU A 47 -1.77 -9.01 -4.69
C LEU A 47 -3.01 -9.88 -4.59
N SER A 48 -2.83 -11.18 -4.86
CA SER A 48 -3.86 -12.17 -4.62
C SER A 48 -4.22 -12.20 -3.14
N GLN A 49 -5.42 -12.71 -2.87
CA GLN A 49 -6.03 -12.66 -1.57
C GLN A 49 -5.17 -13.30 -0.48
N GLY A 50 -4.71 -14.54 -0.69
CA GLY A 50 -3.88 -15.23 0.28
C GLY A 50 -2.57 -14.48 0.55
N SER A 51 -2.04 -13.80 -0.45
CA SER A 51 -0.82 -13.01 -0.34
C SER A 51 -1.09 -11.84 0.60
N VAL A 52 -2.10 -11.01 0.28
CA VAL A 52 -2.41 -9.81 1.05
C VAL A 52 -2.84 -10.13 2.48
N SER A 53 -3.49 -11.27 2.68
CA SER A 53 -4.06 -11.62 3.96
C SER A 53 -2.93 -11.77 4.97
N ASP A 54 -1.95 -12.64 4.72
CA ASP A 54 -0.76 -12.82 5.56
C ASP A 54 0.05 -11.52 5.63
N MET A 55 0.11 -10.74 4.55
CA MET A 55 0.77 -9.44 4.51
C MET A 55 0.27 -8.50 5.62
N LEU A 56 -1.01 -8.09 5.56
CA LEU A 56 -1.59 -7.20 6.57
C LEU A 56 -1.72 -7.88 7.93
N SER A 57 -1.88 -9.20 7.98
CA SER A 57 -2.06 -9.92 9.24
C SER A 57 -0.73 -9.97 10.01
N ARG A 58 0.36 -10.40 9.39
CA ARG A 58 1.67 -10.62 10.00
C ARG A 58 2.76 -10.25 8.99
N PRO A 59 3.02 -8.96 8.72
CA PRO A 59 4.00 -8.57 7.72
C PRO A 59 5.40 -9.02 8.15
N LYS A 60 6.29 -9.25 7.18
CA LYS A 60 7.70 -9.46 7.46
C LYS A 60 8.36 -8.14 7.91
N PRO A 61 9.52 -8.20 8.60
CA PRO A 61 10.31 -7.00 8.86
C PRO A 61 10.90 -6.51 7.54
N TRP A 62 11.18 -5.21 7.44
CA TRP A 62 11.66 -4.58 6.23
C TRP A 62 12.89 -5.29 5.65
N SER A 63 13.85 -5.60 6.52
CA SER A 63 15.10 -6.22 6.15
C SER A 63 14.92 -7.64 5.60
N LYS A 64 13.86 -8.35 5.98
CA LYS A 64 13.58 -9.66 5.40
C LYS A 64 13.03 -9.55 4.00
N LEU A 65 12.31 -8.47 3.68
CA LEU A 65 11.78 -8.28 2.34
C LEU A 65 12.94 -7.85 1.44
N THR A 66 12.89 -8.26 0.18
CA THR A 66 13.82 -7.83 -0.86
C THR A 66 13.18 -6.71 -1.66
N GLN A 67 13.88 -6.02 -2.57
CA GLN A 67 13.23 -5.04 -3.44
C GLN A 67 11.99 -5.63 -4.11
N LYS A 68 12.10 -6.82 -4.70
CA LYS A 68 10.96 -7.54 -5.29
C LYS A 68 9.83 -7.75 -4.27
N GLY A 69 10.15 -8.14 -3.03
CA GLY A 69 9.15 -8.29 -1.97
C GLY A 69 8.60 -6.97 -1.43
N ARG A 70 9.31 -5.85 -1.61
CA ARG A 70 8.93 -4.54 -1.11
C ARG A 70 7.99 -3.84 -2.06
N GLU A 71 7.98 -4.18 -3.35
CA GLU A 71 7.14 -3.53 -4.36
C GLU A 71 5.66 -3.35 -3.93
N PRO A 72 4.94 -4.36 -3.41
CA PRO A 72 3.58 -4.15 -2.95
C PRO A 72 3.54 -3.24 -1.71
N PHE A 73 4.44 -3.44 -0.73
CA PHE A 73 4.52 -2.60 0.45
C PHE A 73 4.81 -1.14 0.12
N ILE A 74 5.56 -0.86 -0.95
CA ILE A 74 5.84 0.49 -1.45
C ILE A 74 4.52 1.15 -1.88
N ARG A 75 3.69 0.45 -2.64
CA ARG A 75 2.39 0.97 -3.01
C ARG A 75 1.56 1.19 -1.75
N MET A 76 1.62 0.29 -0.76
CA MET A 76 0.98 0.47 0.54
C MET A 76 1.39 1.80 1.19
N GLN A 77 2.68 2.15 1.13
CA GLN A 77 3.25 3.36 1.72
C GLN A 77 2.77 4.60 0.99
N LEU A 78 2.79 4.58 -0.34
CA LEU A 78 2.37 5.72 -1.14
C LEU A 78 0.89 5.94 -0.92
N TRP A 79 0.09 4.88 -0.99
CA TRP A 79 -1.36 4.94 -0.85
C TRP A 79 -1.82 5.70 0.41
N LEU A 80 -1.06 5.59 1.50
CA LEU A 80 -1.35 6.29 2.73
C LEU A 80 -1.51 7.80 2.50
N SER A 81 -0.58 8.44 1.79
CA SER A 81 -0.60 9.87 1.53
C SER A 81 -1.26 10.18 0.18
N ASP A 82 -1.14 9.27 -0.80
CA ASP A 82 -1.43 9.47 -2.22
C ASP A 82 -2.85 9.03 -2.63
N GLN A 83 -3.39 8.01 -1.97
CA GLN A 83 -4.63 7.29 -2.28
C GLN A 83 -4.69 6.66 -3.70
N LEU A 84 -3.63 6.80 -4.51
CA LEU A 84 -3.47 6.36 -5.89
C LEU A 84 -4.66 6.74 -6.75
N GLY A 85 -4.68 8.00 -7.17
CA GLY A 85 -5.72 8.57 -7.97
C GLY A 85 -5.48 10.08 -8.01
N GLN A 86 -6.21 10.71 -8.90
CA GLN A 86 -6.17 12.15 -9.12
C GLN A 86 -6.99 12.91 -8.07
N ALA A 87 -8.32 12.71 -8.02
CA ALA A 87 -9.22 13.46 -7.16
C ALA A 87 -10.61 12.82 -7.07
N VAL A 88 -10.67 11.57 -6.62
CA VAL A 88 -11.91 10.96 -6.14
C VAL A 88 -11.54 9.91 -5.08
N GLY A 89 -12.45 9.62 -4.15
CA GLY A 89 -12.25 8.65 -3.09
C GLY A 89 -12.51 9.22 -1.70
N GLN A 90 -13.48 10.12 -1.58
CA GLN A 90 -14.06 10.67 -0.36
C GLN A 90 -13.23 11.86 0.13
N GLN A 91 -13.81 13.07 0.07
CA GLN A 91 -13.18 14.38 0.28
C GLN A 91 -12.15 14.73 -0.81
N PRO A 92 -11.77 16.01 -0.94
CA PRO A 92 -10.69 16.45 -1.83
C PRO A 92 -9.28 16.15 -1.29
N GLY A 93 -9.15 15.25 -0.30
CA GLY A 93 -7.87 14.88 0.30
C GLY A 93 -7.51 15.83 1.42
N ALA A 94 -7.44 15.33 2.66
CA ALA A 94 -6.85 16.05 3.80
C ALA A 94 -5.86 15.13 4.51
N SER A 95 -4.57 15.46 4.47
CA SER A 95 -3.50 14.69 5.08
C SER A 95 -2.47 15.66 5.68
N SER A 96 -2.92 16.57 6.54
CA SER A 96 -2.02 17.31 7.42
C SER A 96 -1.52 16.37 8.54
N GLY A 97 -0.51 16.81 9.28
CA GLY A 97 -0.01 16.20 10.50
C GLY A 97 1.45 16.59 10.72
N PRO A 98 1.89 16.82 11.98
CA PRO A 98 3.29 17.02 12.29
C PRO A 98 4.03 15.66 12.26
N SER A 99 5.08 15.53 11.44
CA SER A 99 5.86 14.31 11.28
C SER A 99 7.36 14.58 11.48
N SER A 100 8.10 13.52 11.81
CA SER A 100 9.54 13.48 12.11
C SER A 100 10.34 13.10 10.84
N GLY A 101 11.60 12.68 11.00
CA GLY A 101 12.35 11.97 9.97
C GLY A 101 12.42 10.51 10.37
N GLY A 1 15.26 26.14 5.98
CA GLY A 1 16.03 26.29 4.74
C GLY A 1 15.39 25.47 3.64
N SER A 2 15.79 24.20 3.55
CA SER A 2 15.20 23.19 2.66
C SER A 2 15.38 23.55 1.18
N SER A 3 14.99 22.64 0.28
CA SER A 3 14.93 22.93 -1.14
C SER A 3 13.82 22.09 -1.77
N GLY A 4 13.99 20.77 -1.86
CA GLY A 4 13.02 19.87 -2.51
C GLY A 4 12.37 18.90 -1.52
N SER A 5 11.38 18.15 -2.01
CA SER A 5 10.68 17.09 -1.30
C SER A 5 10.01 16.15 -2.32
N SER A 6 10.74 15.17 -2.84
CA SER A 6 10.22 14.17 -3.75
C SER A 6 9.24 13.24 -3.00
N GLY A 7 8.00 13.16 -3.47
CA GLY A 7 6.93 12.38 -2.89
C GLY A 7 6.61 11.20 -3.78
N GLN A 8 7.62 10.33 -4.01
CA GLN A 8 7.57 9.10 -4.79
C GLN A 8 8.40 8.02 -4.10
N TYR A 9 8.28 6.77 -4.59
CA TYR A 9 8.92 5.57 -4.03
C TYR A 9 10.43 5.71 -3.87
N GLU A 10 11.06 6.60 -4.63
CA GLU A 10 12.49 6.87 -4.61
C GLU A 10 12.96 7.38 -3.25
N LEU A 11 12.05 7.80 -2.38
CA LEU A 11 12.35 8.09 -0.98
C LEU A 11 12.68 6.77 -0.25
N TYR A 12 11.80 5.78 -0.37
CA TYR A 12 11.82 4.55 0.40
C TYR A 12 12.68 3.46 -0.24
N MET A 13 13.25 3.70 -1.43
CA MET A 13 14.13 2.74 -2.08
C MET A 13 15.30 2.33 -1.18
N TYR A 14 15.86 3.29 -0.43
CA TYR A 14 17.11 3.12 0.31
C TYR A 14 16.88 3.06 1.83
N ARG A 15 15.90 3.84 2.29
CA ARG A 15 15.42 3.87 3.66
C ARG A 15 14.73 2.54 3.98
N GLU A 16 14.62 2.21 5.27
CA GLU A 16 13.62 1.27 5.75
C GLU A 16 12.28 1.98 5.98
N VAL A 17 11.27 1.20 6.36
CA VAL A 17 10.05 1.67 7.00
C VAL A 17 9.75 0.67 8.12
N ASP A 18 9.03 1.10 9.15
CA ASP A 18 8.46 0.20 10.14
C ASP A 18 7.30 -0.56 9.49
N THR A 19 7.54 -1.75 8.93
CA THR A 19 6.51 -2.45 8.15
C THR A 19 5.30 -2.86 8.99
N LEU A 20 5.48 -3.09 10.30
CA LEU A 20 4.41 -3.42 11.21
C LEU A 20 3.46 -2.23 11.32
N GLU A 21 4.03 -1.04 11.51
CA GLU A 21 3.34 0.23 11.62
C GLU A 21 2.68 0.59 10.29
N LEU A 22 3.37 0.35 9.18
CA LEU A 22 2.82 0.54 7.85
C LEU A 22 1.48 -0.19 7.73
N THR A 23 1.45 -1.51 7.99
CA THR A 23 0.18 -2.24 7.88
C THR A 23 -0.87 -1.68 8.85
N ARG A 24 -0.46 -1.23 10.04
CA ARG A 24 -1.34 -0.60 11.03
C ARG A 24 -2.04 0.63 10.45
N GLN A 25 -1.28 1.61 9.99
CA GLN A 25 -1.78 2.84 9.39
C GLN A 25 -2.69 2.53 8.21
N VAL A 26 -2.29 1.57 7.38
CA VAL A 26 -3.05 1.12 6.22
C VAL A 26 -4.40 0.59 6.68
N LYS A 27 -4.44 -0.41 7.56
CA LYS A 27 -5.69 -0.97 8.08
C LYS A 27 -6.57 0.12 8.69
N GLU A 28 -6.01 1.06 9.45
CA GLU A 28 -6.76 2.18 10.01
C GLU A 28 -7.42 3.00 8.90
N LYS A 29 -6.64 3.53 7.95
CA LYS A 29 -7.21 4.38 6.89
C LYS A 29 -8.21 3.61 6.03
N LEU A 30 -7.98 2.31 5.80
CA LEU A 30 -8.93 1.47 5.07
C LEU A 30 -10.24 1.37 5.85
N ALA A 31 -10.18 1.13 7.16
CA ALA A 31 -11.36 1.07 8.02
C ALA A 31 -12.09 2.41 7.98
N LYS A 32 -11.35 3.50 8.18
CA LYS A 32 -11.82 4.89 8.19
C LYS A 32 -12.67 5.16 6.95
N ASN A 33 -12.15 4.84 5.76
CA ASN A 33 -12.83 5.13 4.50
C ASN A 33 -13.76 4.01 4.05
N GLY A 34 -14.00 2.99 4.88
CA GLY A 34 -14.97 1.93 4.63
C GLY A 34 -14.56 0.98 3.50
N ILE A 35 -13.26 0.74 3.35
CA ILE A 35 -12.65 0.00 2.26
C ILE A 35 -12.35 -1.41 2.76
N CYS A 36 -12.99 -2.41 2.15
CA CYS A 36 -12.67 -3.82 2.37
C CYS A 36 -11.23 -4.11 1.95
N GLN A 37 -10.36 -4.44 2.90
CA GLN A 37 -8.93 -4.64 2.66
C GLN A 37 -8.66 -5.69 1.59
N ARG A 38 -9.50 -6.73 1.47
CA ARG A 38 -9.41 -7.74 0.41
C ARG A 38 -9.38 -7.08 -0.97
N ILE A 39 -10.30 -6.16 -1.25
CA ILE A 39 -10.44 -5.56 -2.57
C ILE A 39 -9.30 -4.58 -2.76
N PHE A 40 -9.04 -3.73 -1.76
CA PHE A 40 -7.86 -2.87 -1.76
C PHE A 40 -6.62 -3.69 -2.14
N GLY A 41 -6.44 -4.85 -1.50
CA GLY A 41 -5.29 -5.69 -1.65
C GLY A 41 -5.31 -6.57 -2.90
N GLU A 42 -6.41 -6.55 -3.67
CA GLU A 42 -6.48 -7.05 -5.05
C GLU A 42 -6.16 -5.96 -6.08
N LYS A 43 -6.61 -4.73 -5.85
CA LYS A 43 -6.56 -3.64 -6.82
C LYS A 43 -5.24 -2.88 -6.68
N VAL A 44 -5.05 -2.14 -5.59
CA VAL A 44 -3.95 -1.19 -5.37
C VAL A 44 -2.56 -1.84 -5.49
N LEU A 45 -2.26 -2.79 -4.61
CA LEU A 45 -1.06 -3.61 -4.50
C LEU A 45 -0.97 -4.69 -5.59
N GLY A 46 -2.08 -5.02 -6.26
CA GLY A 46 -2.20 -6.02 -7.31
C GLY A 46 -2.06 -7.47 -6.86
N LEU A 47 -2.07 -7.75 -5.55
CA LEU A 47 -1.80 -9.10 -5.02
C LEU A 47 -3.04 -9.98 -5.05
N SER A 48 -2.88 -11.29 -4.89
CA SER A 48 -3.97 -12.18 -4.52
C SER A 48 -4.30 -11.97 -3.04
N GLN A 49 -5.57 -12.17 -2.71
CA GLN A 49 -6.13 -12.04 -1.36
C GLN A 49 -5.48 -13.01 -0.40
N GLY A 50 -5.03 -14.16 -0.90
CA GLY A 50 -4.31 -15.14 -0.12
C GLY A 50 -3.01 -14.56 0.42
N SER A 51 -2.31 -13.74 -0.37
CA SER A 51 -1.11 -13.05 0.09
C SER A 51 -1.51 -11.91 1.02
N VAL A 52 -2.39 -11.02 0.55
CA VAL A 52 -2.61 -9.74 1.22
C VAL A 52 -3.16 -9.89 2.64
N SER A 53 -3.93 -10.96 2.89
CA SER A 53 -4.56 -11.19 4.18
C SER A 53 -3.48 -11.41 5.23
N ASP A 54 -2.56 -12.37 4.99
CA ASP A 54 -1.41 -12.61 5.87
C ASP A 54 -0.59 -11.34 6.02
N MET A 55 -0.40 -10.61 4.91
CA MET A 55 0.42 -9.42 4.83
C MET A 55 0.00 -8.37 5.86
N LEU A 56 -1.24 -7.89 5.73
CA LEU A 56 -1.79 -6.92 6.67
C LEU A 56 -1.92 -7.50 8.08
N SER A 57 -2.19 -8.80 8.23
CA SER A 57 -2.31 -9.44 9.53
C SER A 57 -0.97 -9.42 10.27
N ARG A 58 0.09 -9.87 9.60
CA ARG A 58 1.44 -10.06 10.12
C ARG A 58 2.42 -9.77 8.97
N PRO A 59 2.89 -8.54 8.79
CA PRO A 59 3.94 -8.26 7.82
C PRO A 59 5.28 -8.87 8.29
N LYS A 60 6.30 -8.75 7.44
CA LYS A 60 7.68 -9.18 7.71
C LYS A 60 8.52 -7.91 7.85
N PRO A 61 9.66 -7.94 8.56
CA PRO A 61 10.49 -6.76 8.72
C PRO A 61 11.09 -6.34 7.36
N TRP A 62 11.33 -5.05 7.16
CA TRP A 62 11.70 -4.50 5.86
C TRP A 62 12.95 -5.18 5.29
N SER A 63 13.95 -5.46 6.12
CA SER A 63 15.17 -6.09 5.64
C SER A 63 14.89 -7.44 4.97
N LYS A 64 13.97 -8.20 5.55
CA LYS A 64 13.69 -9.58 5.14
C LYS A 64 12.99 -9.60 3.78
N LEU A 65 12.38 -8.50 3.36
CA LEU A 65 11.73 -8.33 2.06
C LEU A 65 12.81 -7.90 1.06
N THR A 66 12.92 -8.55 -0.09
CA THR A 66 13.72 -8.06 -1.22
C THR A 66 13.01 -6.89 -1.90
N GLN A 67 13.63 -6.24 -2.90
CA GLN A 67 12.97 -5.22 -3.71
C GLN A 67 11.65 -5.74 -4.30
N LYS A 68 11.65 -6.97 -4.81
CA LYS A 68 10.43 -7.65 -5.27
C LYS A 68 9.41 -7.72 -4.15
N GLY A 69 9.84 -8.21 -2.97
CA GLY A 69 9.04 -8.22 -1.76
C GLY A 69 8.43 -6.84 -1.46
N ARG A 70 9.21 -5.77 -1.62
CA ARG A 70 8.87 -4.41 -1.19
C ARG A 70 7.97 -3.69 -2.17
N GLU A 71 7.94 -4.03 -3.46
CA GLU A 71 7.13 -3.39 -4.49
C GLU A 71 5.67 -3.13 -4.07
N PRO A 72 4.91 -4.13 -3.56
CA PRO A 72 3.58 -3.89 -3.02
C PRO A 72 3.62 -3.05 -1.74
N PHE A 73 4.52 -3.30 -0.78
CA PHE A 73 4.62 -2.50 0.44
C PHE A 73 4.88 -1.02 0.14
N ILE A 74 5.59 -0.69 -0.93
CA ILE A 74 5.82 0.69 -1.37
C ILE A 74 4.50 1.30 -1.79
N ARG A 75 3.69 0.61 -2.61
CA ARG A 75 2.36 1.08 -2.98
C ARG A 75 1.51 1.24 -1.72
N MET A 76 1.64 0.36 -0.72
CA MET A 76 1.01 0.54 0.58
C MET A 76 1.40 1.89 1.23
N GLN A 77 2.71 2.20 1.29
CA GLN A 77 3.25 3.41 1.92
C GLN A 77 2.77 4.67 1.21
N LEU A 78 2.77 4.63 -0.11
CA LEU A 78 2.33 5.73 -0.96
C LEU A 78 0.86 5.97 -0.73
N TRP A 79 0.02 4.96 -0.95
CA TRP A 79 -1.43 5.06 -0.89
C TRP A 79 -1.92 5.79 0.37
N LEU A 80 -1.18 5.67 1.48
CA LEU A 80 -1.47 6.40 2.72
C LEU A 80 -1.60 7.90 2.49
N SER A 81 -0.67 8.54 1.76
CA SER A 81 -0.80 9.94 1.35
C SER A 81 -1.33 10.09 -0.08
N ASP A 82 -0.75 9.35 -1.02
CA ASP A 82 -0.93 9.46 -2.47
C ASP A 82 -2.30 9.01 -2.92
N GLN A 83 -2.96 8.14 -2.15
CA GLN A 83 -4.29 7.58 -2.36
C GLN A 83 -4.45 6.77 -3.65
N LEU A 84 -3.47 6.79 -4.56
CA LEU A 84 -3.53 6.30 -5.93
C LEU A 84 -4.81 6.77 -6.60
N GLY A 85 -4.83 8.05 -6.95
CA GLY A 85 -5.95 8.66 -7.64
C GLY A 85 -5.89 8.33 -9.13
N GLN A 86 -6.14 7.07 -9.46
CA GLN A 86 -5.97 6.51 -10.80
C GLN A 86 -6.69 7.34 -11.85
N ALA A 87 -7.87 7.90 -11.54
CA ALA A 87 -8.65 8.75 -12.44
C ALA A 87 -9.79 9.35 -11.63
N VAL A 88 -9.70 10.64 -11.28
CA VAL A 88 -10.70 11.31 -10.43
C VAL A 88 -10.62 12.82 -10.72
N GLY A 89 -11.69 13.56 -10.43
CA GLY A 89 -11.66 15.02 -10.52
C GLY A 89 -10.98 15.61 -9.28
N GLN A 90 -11.37 15.14 -8.09
CA GLN A 90 -10.79 15.54 -6.81
C GLN A 90 -9.47 14.80 -6.61
N GLN A 91 -8.37 15.47 -6.98
CA GLN A 91 -6.98 15.06 -6.89
C GLN A 91 -6.13 16.32 -6.71
N PRO A 92 -4.82 16.21 -6.44
CA PRO A 92 -3.88 17.31 -6.68
C PRO A 92 -3.72 17.59 -8.18
N GLY A 93 -2.93 18.61 -8.53
CA GLY A 93 -2.56 18.93 -9.89
C GLY A 93 -1.71 20.19 -9.91
N ALA A 94 -0.39 20.01 -9.86
CA ALA A 94 0.64 21.04 -9.86
C ALA A 94 1.41 20.98 -11.18
N SER A 95 1.07 21.86 -12.12
CA SER A 95 1.71 21.90 -13.44
C SER A 95 2.86 22.92 -13.44
N SER A 96 3.88 22.72 -14.30
CA SER A 96 5.06 23.58 -14.41
C SER A 96 5.58 23.63 -15.85
N GLY A 97 6.44 24.61 -16.17
CA GLY A 97 7.18 24.65 -17.42
C GLY A 97 8.39 23.70 -17.36
N PRO A 98 9.04 23.43 -18.50
CA PRO A 98 10.33 22.75 -18.52
C PRO A 98 11.41 23.66 -17.93
N SER A 99 12.64 23.15 -17.83
CA SER A 99 13.82 23.92 -17.46
C SER A 99 15.06 23.27 -18.08
N SER A 100 16.19 23.97 -18.05
CA SER A 100 17.46 23.49 -18.60
C SER A 100 17.34 23.03 -20.08
N GLY A 101 18.32 22.27 -20.58
CA GLY A 101 18.38 21.66 -21.90
C GLY A 101 19.14 20.35 -21.76
N GLY A 1 7.82 12.31 13.36
CA GLY A 1 8.01 11.03 12.66
C GLY A 1 7.07 10.88 11.47
N SER A 2 5.90 10.31 11.68
CA SER A 2 5.03 9.80 10.62
C SER A 2 3.93 10.83 10.35
N SER A 3 4.23 11.81 9.50
CA SER A 3 3.31 12.77 8.92
C SER A 3 4.00 13.46 7.74
N GLY A 4 3.18 14.04 6.85
CA GLY A 4 3.58 14.69 5.61
C GLY A 4 4.55 13.81 4.83
N SER A 5 5.79 14.29 4.73
CA SER A 5 6.89 13.69 3.98
C SER A 5 6.64 13.78 2.47
N SER A 6 7.72 13.67 1.70
CA SER A 6 7.73 13.49 0.26
C SER A 6 8.88 12.53 -0.05
N GLY A 7 8.81 11.82 -1.17
CA GLY A 7 9.82 10.84 -1.55
C GLY A 7 9.40 10.24 -2.87
N GLN A 8 9.77 8.99 -3.13
CA GLN A 8 9.05 8.13 -4.05
C GLN A 8 9.42 6.68 -3.77
N TYR A 9 8.88 5.77 -4.57
CA TYR A 9 9.24 4.37 -4.64
C TYR A 9 10.76 4.18 -4.63
N GLU A 10 11.50 5.02 -5.35
CA GLU A 10 12.96 5.01 -5.43
C GLU A 10 13.58 5.26 -4.07
N LEU A 11 13.21 6.37 -3.43
CA LEU A 11 13.67 6.72 -2.10
C LEU A 11 13.44 5.55 -1.14
N TYR A 12 12.26 4.94 -1.16
CA TYR A 12 11.97 3.76 -0.34
C TYR A 12 12.88 2.59 -0.71
N MET A 13 13.14 2.35 -2.00
CA MET A 13 13.97 1.29 -2.55
C MET A 13 15.37 1.25 -1.94
N TYR A 14 15.88 2.38 -1.44
CA TYR A 14 17.23 2.50 -0.92
C TYR A 14 17.32 2.30 0.59
N ARG A 15 16.20 2.45 1.30
CA ARG A 15 16.19 2.67 2.74
C ARG A 15 15.31 1.63 3.40
N GLU A 16 14.75 1.89 4.57
CA GLU A 16 13.89 0.96 5.30
C GLU A 16 12.64 1.69 5.75
N VAL A 17 11.67 0.94 6.25
CA VAL A 17 10.44 1.47 6.82
C VAL A 17 10.02 0.55 7.96
N ASP A 18 9.18 1.03 8.88
CA ASP A 18 8.49 0.22 9.87
C ASP A 18 7.38 -0.51 9.13
N THR A 19 7.61 -1.75 8.68
CA THR A 19 6.54 -2.49 8.01
C THR A 19 5.34 -2.73 8.93
N LEU A 20 5.50 -2.61 10.26
CA LEU A 20 4.46 -2.86 11.25
C LEU A 20 3.63 -1.62 11.55
N GLU A 21 4.27 -0.45 11.73
CA GLU A 21 3.51 0.79 11.81
C GLU A 21 2.78 1.00 10.47
N LEU A 22 3.44 0.65 9.36
CA LEU A 22 2.86 0.71 8.04
C LEU A 22 1.57 -0.11 7.97
N THR A 23 1.55 -1.40 8.33
CA THR A 23 0.28 -2.14 8.31
C THR A 23 -0.72 -1.45 9.23
N ARG A 24 -0.30 -1.02 10.42
CA ARG A 24 -1.11 -0.28 11.40
C ARG A 24 -1.88 0.88 10.72
N GLN A 25 -1.15 1.83 10.13
CA GLN A 25 -1.67 3.02 9.49
C GLN A 25 -2.63 2.65 8.35
N VAL A 26 -2.28 1.61 7.59
CA VAL A 26 -3.05 1.11 6.46
C VAL A 26 -4.39 0.57 6.96
N LYS A 27 -4.38 -0.34 7.94
CA LYS A 27 -5.57 -0.93 8.55
C LYS A 27 -6.51 0.16 9.04
N GLU A 28 -5.98 1.23 9.64
CA GLU A 28 -6.78 2.37 10.08
C GLU A 28 -7.39 3.08 8.87
N LYS A 29 -6.60 3.53 7.89
CA LYS A 29 -7.14 4.29 6.76
C LYS A 29 -8.19 3.51 5.97
N LEU A 30 -8.07 2.19 5.92
CA LEU A 30 -9.09 1.31 5.36
C LEU A 30 -10.35 1.39 6.23
N ALA A 31 -10.23 1.10 7.53
CA ALA A 31 -11.34 1.12 8.49
C ALA A 31 -12.01 2.50 8.59
N LYS A 32 -11.29 3.57 8.29
CA LYS A 32 -11.77 4.95 8.27
C LYS A 32 -13.04 5.07 7.42
N ASN A 33 -13.12 4.31 6.33
CA ASN A 33 -14.22 4.27 5.37
C ASN A 33 -14.73 2.82 5.17
N GLY A 34 -14.30 1.89 6.02
CA GLY A 34 -14.49 0.45 5.88
C GLY A 34 -14.28 -0.04 4.44
N ILE A 35 -13.11 0.22 3.86
CA ILE A 35 -12.80 -0.23 2.50
C ILE A 35 -12.56 -1.74 2.52
N CYS A 36 -13.04 -2.44 1.48
CA CYS A 36 -12.79 -3.85 1.27
C CYS A 36 -11.28 -4.09 1.07
N GLN A 37 -10.63 -4.67 2.09
CA GLN A 37 -9.24 -5.12 2.03
C GLN A 37 -8.97 -5.96 0.79
N ARG A 38 -9.90 -6.85 0.41
CA ARG A 38 -9.74 -7.71 -0.77
C ARG A 38 -9.59 -6.90 -2.05
N ILE A 39 -10.42 -5.87 -2.26
CA ILE A 39 -10.41 -5.11 -3.50
C ILE A 39 -9.17 -4.23 -3.50
N PHE A 40 -8.90 -3.55 -2.39
CA PHE A 40 -7.66 -2.82 -2.20
C PHE A 40 -6.52 -3.72 -2.65
N GLY A 41 -6.36 -4.88 -2.02
CA GLY A 41 -5.30 -5.84 -2.25
C GLY A 41 -5.20 -6.30 -3.70
N GLU A 42 -6.34 -6.61 -4.32
CA GLU A 42 -6.41 -6.99 -5.72
C GLU A 42 -5.78 -5.90 -6.61
N LYS A 43 -6.08 -4.64 -6.33
CA LYS A 43 -5.93 -3.57 -7.31
C LYS A 43 -4.69 -2.74 -7.07
N VAL A 44 -4.47 -2.27 -5.84
CA VAL A 44 -3.28 -1.49 -5.51
C VAL A 44 -2.08 -2.44 -5.39
N LEU A 45 -1.99 -3.25 -4.32
CA LEU A 45 -0.82 -4.09 -4.05
C LEU A 45 -0.69 -5.24 -5.06
N GLY A 46 -1.78 -5.62 -5.75
CA GLY A 46 -1.74 -6.57 -6.86
C GLY A 46 -1.63 -8.02 -6.40
N LEU A 47 -2.33 -8.42 -5.33
CA LEU A 47 -2.18 -9.72 -4.68
C LEU A 47 -3.55 -10.37 -4.40
N SER A 48 -3.58 -11.70 -4.24
CA SER A 48 -4.74 -12.44 -3.78
C SER A 48 -5.16 -12.05 -2.36
N GLN A 49 -6.40 -12.43 -2.02
CA GLN A 49 -7.11 -12.08 -0.80
C GLN A 49 -6.30 -12.49 0.42
N GLY A 50 -5.96 -13.77 0.54
CA GLY A 50 -5.32 -14.30 1.72
C GLY A 50 -3.85 -13.90 1.80
N SER A 51 -3.18 -13.68 0.65
CA SER A 51 -1.84 -13.13 0.60
C SER A 51 -1.80 -11.79 1.32
N VAL A 52 -2.64 -10.85 0.89
CA VAL A 52 -2.69 -9.52 1.44
C VAL A 52 -3.19 -9.54 2.90
N SER A 53 -4.11 -10.46 3.22
CA SER A 53 -4.63 -10.64 4.56
C SER A 53 -3.48 -10.99 5.50
N ASP A 54 -2.71 -12.03 5.19
CA ASP A 54 -1.60 -12.46 6.05
C ASP A 54 -0.50 -11.41 6.12
N MET A 55 -0.41 -10.52 5.12
CA MET A 55 0.46 -9.37 5.14
C MET A 55 0.05 -8.39 6.23
N LEU A 56 -1.17 -7.84 6.15
CA LEU A 56 -1.69 -6.93 7.18
C LEU A 56 -1.67 -7.56 8.58
N SER A 57 -2.00 -8.84 8.70
CA SER A 57 -1.98 -9.58 9.95
C SER A 57 -0.56 -9.68 10.52
N ARG A 58 0.40 -10.19 9.73
CA ARG A 58 1.72 -10.57 10.22
C ARG A 58 2.77 -10.27 9.14
N PRO A 59 3.15 -9.00 8.93
CA PRO A 59 4.12 -8.64 7.90
C PRO A 59 5.52 -9.17 8.25
N LYS A 60 6.44 -9.10 7.29
CA LYS A 60 7.86 -9.42 7.44
C LYS A 60 8.65 -8.14 7.69
N PRO A 61 9.89 -8.21 8.19
CA PRO A 61 10.76 -7.05 8.23
C PRO A 61 11.15 -6.66 6.81
N TRP A 62 11.45 -5.38 6.58
CA TRP A 62 11.88 -4.89 5.27
C TRP A 62 13.13 -5.64 4.78
N SER A 63 13.99 -6.05 5.71
CA SER A 63 15.15 -6.91 5.49
C SER A 63 14.78 -8.18 4.73
N LYS A 64 13.70 -8.87 5.12
CA LYS A 64 13.30 -10.16 4.55
C LYS A 64 12.64 -9.99 3.19
N LEU A 65 12.30 -8.76 2.81
CA LEU A 65 11.69 -8.47 1.53
C LEU A 65 12.80 -8.19 0.53
N THR A 66 12.78 -8.86 -0.61
CA THR A 66 13.51 -8.46 -1.81
C THR A 66 12.91 -7.14 -2.33
N GLN A 67 13.52 -6.47 -3.32
CA GLN A 67 12.83 -5.37 -4.01
C GLN A 67 11.47 -5.86 -4.56
N LYS A 68 11.45 -7.07 -5.14
CA LYS A 68 10.25 -7.69 -5.67
C LYS A 68 9.18 -7.88 -4.57
N GLY A 69 9.59 -8.19 -3.34
CA GLY A 69 8.71 -8.31 -2.19
C GLY A 69 8.38 -6.94 -1.57
N ARG A 70 9.19 -5.90 -1.80
CA ARG A 70 8.92 -4.54 -1.36
C ARG A 70 7.94 -3.84 -2.28
N GLU A 71 7.83 -4.22 -3.56
CA GLU A 71 6.89 -3.64 -4.52
C GLU A 71 5.48 -3.44 -3.95
N PRO A 72 4.84 -4.45 -3.34
CA PRO A 72 3.55 -4.23 -2.71
C PRO A 72 3.72 -3.26 -1.53
N PHE A 73 4.59 -3.53 -0.55
CA PHE A 73 4.76 -2.66 0.62
C PHE A 73 5.01 -1.19 0.28
N ILE A 74 5.68 -0.87 -0.83
CA ILE A 74 5.89 0.49 -1.34
C ILE A 74 4.55 1.12 -1.65
N ARG A 75 3.69 0.43 -2.39
CA ARG A 75 2.37 0.90 -2.72
C ARG A 75 1.55 1.09 -1.45
N MET A 76 1.73 0.24 -0.43
CA MET A 76 1.13 0.46 0.87
C MET A 76 1.52 1.83 1.45
N GLN A 77 2.81 2.17 1.40
CA GLN A 77 3.37 3.43 1.90
C GLN A 77 2.83 4.61 1.10
N LEU A 78 2.79 4.48 -0.24
CA LEU A 78 2.37 5.55 -1.11
C LEU A 78 0.90 5.82 -0.91
N TRP A 79 0.04 4.82 -1.12
CA TRP A 79 -1.42 4.92 -1.02
C TRP A 79 -1.87 5.68 0.24
N LEU A 80 -1.15 5.55 1.35
CA LEU A 80 -1.42 6.26 2.59
C LEU A 80 -1.55 7.76 2.36
N SER A 81 -0.57 8.41 1.71
CA SER A 81 -0.71 9.84 1.37
C SER A 81 -1.20 10.09 -0.07
N ASP A 82 -1.01 9.14 -0.98
CA ASP A 82 -1.13 9.32 -2.43
C ASP A 82 -2.57 9.11 -2.88
N GLN A 83 -3.22 8.06 -2.35
CA GLN A 83 -4.53 7.50 -2.69
C GLN A 83 -4.69 6.99 -4.13
N LEU A 84 -3.66 7.05 -4.99
CA LEU A 84 -3.64 6.55 -6.37
C LEU A 84 -4.86 7.00 -7.18
N GLY A 85 -4.79 8.19 -7.75
CA GLY A 85 -6.00 8.93 -8.09
C GLY A 85 -6.90 8.36 -9.18
N GLN A 86 -6.44 7.39 -9.97
CA GLN A 86 -7.27 6.50 -10.76
C GLN A 86 -6.73 5.10 -10.51
N ALA A 87 -5.67 4.78 -11.25
CA ALA A 87 -4.91 3.55 -11.29
C ALA A 87 -3.57 3.97 -11.92
N VAL A 88 -2.49 3.24 -11.62
CA VAL A 88 -1.13 3.60 -11.99
C VAL A 88 -0.40 2.28 -12.27
N GLY A 89 -0.89 1.51 -13.24
CA GLY A 89 -0.44 0.13 -13.45
C GLY A 89 -1.51 -0.85 -13.02
N GLN A 90 -2.31 -1.38 -13.94
CA GLN A 90 -3.41 -2.28 -13.61
C GLN A 90 -3.54 -3.36 -14.70
N GLN A 91 -4.06 -4.53 -14.33
CA GLN A 91 -4.36 -5.63 -15.24
C GLN A 91 -5.67 -6.33 -14.79
N PRO A 92 -6.41 -6.94 -15.72
CA PRO A 92 -7.63 -7.69 -15.43
C PRO A 92 -7.32 -9.07 -14.86
N GLY A 93 -8.31 -9.64 -14.16
CA GLY A 93 -8.32 -10.99 -13.62
C GLY A 93 -9.77 -11.49 -13.62
N ALA A 94 -10.22 -12.07 -12.51
CA ALA A 94 -11.61 -12.37 -12.15
C ALA A 94 -11.61 -12.67 -10.65
N SER A 95 -12.42 -11.96 -9.85
CA SER A 95 -12.26 -12.03 -8.41
C SER A 95 -12.68 -13.40 -7.83
N SER A 96 -13.80 -13.95 -8.28
CA SER A 96 -14.43 -15.16 -7.77
C SER A 96 -14.64 -15.10 -6.24
N GLY A 97 -15.12 -16.19 -5.65
CA GLY A 97 -15.33 -16.34 -4.22
C GLY A 97 -14.86 -17.71 -3.75
N PRO A 98 -14.58 -17.90 -2.46
CA PRO A 98 -14.50 -19.23 -1.87
C PRO A 98 -15.88 -19.87 -1.94
N SER A 99 -16.04 -20.87 -2.80
CA SER A 99 -17.23 -21.70 -2.89
C SER A 99 -16.73 -23.14 -2.87
N SER A 100 -16.61 -23.69 -1.66
CA SER A 100 -15.88 -24.92 -1.34
C SER A 100 -14.37 -24.77 -1.60
N GLY A 101 -13.63 -25.85 -1.41
CA GLY A 101 -12.19 -25.96 -1.60
C GLY A 101 -11.83 -27.37 -1.23
N GLY A 1 22.27 22.47 3.05
CA GLY A 1 21.73 21.13 2.85
C GLY A 1 20.24 21.28 2.60
N SER A 2 19.40 20.70 3.46
CA SER A 2 17.96 20.92 3.46
C SER A 2 17.35 20.55 2.10
N SER A 3 17.66 19.34 1.64
CA SER A 3 17.10 18.77 0.42
C SER A 3 15.58 18.81 0.50
N GLY A 4 14.92 19.15 -0.60
CA GLY A 4 13.49 18.95 -0.74
C GLY A 4 13.14 17.46 -0.71
N SER A 5 11.84 17.16 -0.63
CA SER A 5 11.32 15.81 -0.45
C SER A 5 9.99 15.72 -1.20
N SER A 6 9.91 14.83 -2.19
CA SER A 6 8.72 14.64 -3.01
C SER A 6 7.72 13.72 -2.31
N GLY A 7 8.07 12.44 -2.16
CA GLY A 7 7.16 11.37 -1.76
C GLY A 7 6.94 10.46 -2.96
N GLN A 8 7.97 9.72 -3.38
CA GLN A 8 7.86 8.63 -4.34
C GLN A 8 8.56 7.41 -3.75
N TYR A 9 8.37 6.27 -4.42
CA TYR A 9 8.95 4.97 -4.10
C TYR A 9 10.45 5.03 -3.87
N GLU A 10 11.16 5.91 -4.59
CA GLU A 10 12.61 5.85 -4.64
C GLU A 10 13.25 6.22 -3.30
N LEU A 11 12.58 7.02 -2.46
CA LEU A 11 13.03 7.28 -1.10
C LEU A 11 13.24 5.95 -0.38
N TYR A 12 12.25 5.06 -0.52
CA TYR A 12 12.16 3.76 0.11
C TYR A 12 13.00 2.70 -0.61
N MET A 13 13.67 3.04 -1.72
CA MET A 13 14.60 2.12 -2.37
C MET A 13 15.91 1.99 -1.61
N TYR A 14 16.20 2.89 -0.67
CA TYR A 14 17.50 2.92 0.02
C TYR A 14 17.35 3.00 1.53
N ARG A 15 16.24 3.57 2.01
CA ARG A 15 15.94 3.71 3.42
C ARG A 15 15.25 2.43 3.92
N GLU A 16 14.71 2.44 5.14
CA GLU A 16 13.85 1.40 5.67
C GLU A 16 12.61 2.07 6.27
N VAL A 17 11.56 1.27 6.47
CA VAL A 17 10.26 1.63 7.01
C VAL A 17 9.85 0.51 7.96
N ASP A 18 8.98 0.80 8.92
CA ASP A 18 8.50 -0.19 9.88
C ASP A 18 7.26 -0.84 9.29
N THR A 19 7.41 -2.03 8.71
CA THR A 19 6.30 -2.67 8.01
C THR A 19 5.10 -2.96 8.93
N LEU A 20 5.30 -3.20 10.23
CA LEU A 20 4.19 -3.31 11.16
C LEU A 20 3.38 -2.02 11.15
N GLU A 21 4.02 -0.90 11.49
CA GLU A 21 3.38 0.41 11.64
C GLU A 21 2.73 0.84 10.33
N LEU A 22 3.37 0.53 9.20
CA LEU A 22 2.80 0.70 7.87
C LEU A 22 1.47 -0.05 7.76
N THR A 23 1.45 -1.38 7.94
CA THR A 23 0.20 -2.13 7.81
C THR A 23 -0.86 -1.60 8.79
N ARG A 24 -0.43 -1.21 9.99
CA ARG A 24 -1.26 -0.57 11.03
C ARG A 24 -1.96 0.69 10.49
N GLN A 25 -1.21 1.68 10.03
CA GLN A 25 -1.71 2.92 9.41
C GLN A 25 -2.65 2.60 8.25
N VAL A 26 -2.27 1.66 7.41
CA VAL A 26 -3.06 1.21 6.26
C VAL A 26 -4.42 0.68 6.74
N LYS A 27 -4.45 -0.30 7.66
CA LYS A 27 -5.70 -0.86 8.18
C LYS A 27 -6.57 0.22 8.80
N GLU A 28 -5.99 1.14 9.58
CA GLU A 28 -6.73 2.26 10.18
C GLU A 28 -7.38 3.11 9.09
N LYS A 29 -6.63 3.58 8.10
CA LYS A 29 -7.17 4.48 7.08
C LYS A 29 -8.22 3.76 6.23
N LEU A 30 -8.01 2.49 5.92
CA LEU A 30 -8.99 1.64 5.25
C LEU A 30 -10.27 1.58 6.05
N ALA A 31 -10.17 1.28 7.35
CA ALA A 31 -11.29 1.23 8.27
C ALA A 31 -11.95 2.61 8.43
N LYS A 32 -11.22 3.72 8.21
CA LYS A 32 -11.77 5.07 8.26
C LYS A 32 -12.66 5.38 7.05
N ASN A 33 -12.53 4.61 5.98
CA ASN A 33 -13.23 4.79 4.72
C ASN A 33 -14.10 3.59 4.37
N GLY A 34 -14.21 2.57 5.24
CA GLY A 34 -15.03 1.40 4.99
C GLY A 34 -14.57 0.63 3.75
N ILE A 35 -13.26 0.60 3.49
CA ILE A 35 -12.67 0.00 2.31
C ILE A 35 -12.36 -1.46 2.64
N CYS A 36 -12.94 -2.39 1.87
CA CYS A 36 -12.70 -3.83 2.01
C CYS A 36 -11.21 -4.11 1.75
N GLN A 37 -10.52 -4.73 2.72
CA GLN A 37 -9.10 -5.04 2.63
C GLN A 37 -8.82 -5.93 1.40
N ARG A 38 -9.61 -6.98 1.21
CA ARG A 38 -9.53 -7.88 0.05
C ARG A 38 -9.34 -7.12 -1.26
N ILE A 39 -10.24 -6.18 -1.54
CA ILE A 39 -10.32 -5.52 -2.83
C ILE A 39 -9.23 -4.46 -2.91
N PHE A 40 -8.88 -3.79 -1.80
CA PHE A 40 -7.70 -2.92 -1.79
C PHE A 40 -6.49 -3.71 -2.30
N GLY A 41 -6.24 -4.87 -1.70
CA GLY A 41 -5.12 -5.71 -2.07
C GLY A 41 -5.13 -6.05 -3.55
N GLU A 42 -6.25 -6.58 -4.04
CA GLU A 42 -6.46 -6.92 -5.44
C GLU A 42 -6.17 -5.72 -6.35
N LYS A 43 -6.90 -4.62 -6.16
CA LYS A 43 -6.91 -3.48 -7.07
C LYS A 43 -5.64 -2.65 -6.97
N VAL A 44 -5.15 -2.39 -5.75
CA VAL A 44 -4.15 -1.36 -5.50
C VAL A 44 -2.76 -1.96 -5.32
N LEU A 45 -2.67 -3.21 -4.83
CA LEU A 45 -1.40 -3.89 -4.62
C LEU A 45 -1.17 -4.95 -5.70
N GLY A 46 -2.21 -5.37 -6.42
CA GLY A 46 -2.17 -6.43 -7.42
C GLY A 46 -2.21 -7.83 -6.80
N LEU A 47 -2.22 -7.95 -5.47
CA LEU A 47 -2.01 -9.22 -4.77
C LEU A 47 -3.31 -10.00 -4.65
N SER A 48 -3.20 -11.33 -4.48
CA SER A 48 -4.34 -12.19 -4.23
C SER A 48 -4.85 -11.98 -2.81
N GLN A 49 -6.07 -12.47 -2.55
CA GLN A 49 -6.81 -12.14 -1.34
C GLN A 49 -6.24 -12.81 -0.08
N GLY A 50 -5.56 -13.94 -0.22
CA GLY A 50 -4.90 -14.61 0.89
C GLY A 50 -3.62 -13.86 1.19
N SER A 51 -2.81 -13.58 0.16
CA SER A 51 -1.53 -12.87 0.23
C SER A 51 -1.64 -11.64 1.11
N VAL A 52 -2.48 -10.68 0.74
CA VAL A 52 -2.59 -9.40 1.44
C VAL A 52 -3.12 -9.58 2.86
N SER A 53 -3.94 -10.60 3.13
CA SER A 53 -4.45 -10.86 4.45
C SER A 53 -3.29 -11.31 5.34
N ASP A 54 -2.53 -12.31 4.87
CA ASP A 54 -1.35 -12.83 5.55
C ASP A 54 -0.36 -11.68 5.81
N MET A 55 -0.24 -10.76 4.86
CA MET A 55 0.53 -9.53 4.93
C MET A 55 0.09 -8.61 6.07
N LEU A 56 -1.11 -8.04 5.98
CA LEU A 56 -1.60 -7.07 6.94
C LEU A 56 -1.79 -7.69 8.33
N SER A 57 -2.05 -9.00 8.40
CA SER A 57 -2.17 -9.71 9.66
C SER A 57 -0.78 -9.97 10.26
N ARG A 58 0.18 -10.52 9.50
CA ARG A 58 1.50 -10.90 10.02
C ARG A 58 2.57 -10.47 9.01
N PRO A 59 2.92 -9.16 8.98
CA PRO A 59 3.90 -8.64 8.03
C PRO A 59 5.28 -9.25 8.30
N LYS A 60 6.18 -9.11 7.30
CA LYS A 60 7.59 -9.48 7.41
C LYS A 60 8.42 -8.21 7.58
N PRO A 61 9.59 -8.30 8.23
CA PRO A 61 10.48 -7.15 8.38
C PRO A 61 10.99 -6.69 7.01
N TRP A 62 11.23 -5.39 6.85
CA TRP A 62 11.85 -4.80 5.67
C TRP A 62 13.17 -5.48 5.33
N SER A 63 13.91 -5.91 6.34
CA SER A 63 15.13 -6.70 6.21
C SER A 63 14.88 -7.99 5.42
N LYS A 64 13.79 -8.72 5.73
CA LYS A 64 13.44 -9.99 5.09
C LYS A 64 12.82 -9.79 3.71
N LEU A 65 12.20 -8.65 3.43
CA LEU A 65 11.66 -8.34 2.11
C LEU A 65 12.84 -7.90 1.24
N THR A 66 12.98 -8.46 0.05
CA THR A 66 13.90 -7.92 -0.95
C THR A 66 13.16 -6.87 -1.78
N GLN A 67 13.83 -6.24 -2.76
CA GLN A 67 13.22 -5.28 -3.67
C GLN A 67 11.90 -5.83 -4.23
N LYS A 68 11.91 -7.07 -4.74
CA LYS A 68 10.72 -7.77 -5.24
C LYS A 68 9.59 -7.71 -4.22
N GLY A 69 9.87 -8.14 -2.99
CA GLY A 69 8.85 -8.22 -1.96
C GLY A 69 8.39 -6.85 -1.47
N ARG A 70 9.21 -5.81 -1.58
CA ARG A 70 8.88 -4.48 -1.10
C ARG A 70 7.91 -3.76 -2.02
N GLU A 71 7.85 -4.11 -3.31
CA GLU A 71 7.03 -3.39 -4.29
C GLU A 71 5.57 -3.15 -3.85
N PRO A 72 4.83 -4.16 -3.36
CA PRO A 72 3.48 -3.95 -2.84
C PRO A 72 3.49 -3.16 -1.52
N PHE A 73 4.42 -3.40 -0.59
CA PHE A 73 4.55 -2.57 0.61
C PHE A 73 4.82 -1.10 0.25
N ILE A 74 5.53 -0.80 -0.83
CA ILE A 74 5.77 0.56 -1.32
C ILE A 74 4.45 1.16 -1.78
N ARG A 75 3.64 0.43 -2.55
CA ARG A 75 2.33 0.89 -2.94
C ARG A 75 1.46 1.18 -1.73
N MET A 76 1.55 0.34 -0.70
CA MET A 76 0.92 0.57 0.59
C MET A 76 1.36 1.93 1.18
N GLN A 77 2.66 2.21 1.21
CA GLN A 77 3.23 3.44 1.78
C GLN A 77 2.74 4.66 1.00
N LEU A 78 2.72 4.53 -0.32
CA LEU A 78 2.29 5.62 -1.18
C LEU A 78 0.84 5.91 -0.94
N TRP A 79 -0.05 4.93 -1.14
CA TRP A 79 -1.49 5.08 -1.02
C TRP A 79 -1.93 5.84 0.24
N LEU A 80 -1.19 5.65 1.34
CA LEU A 80 -1.43 6.30 2.62
C LEU A 80 -1.54 7.82 2.46
N SER A 81 -0.63 8.43 1.68
CA SER A 81 -0.70 9.84 1.30
C SER A 81 -1.36 10.04 -0.08
N ASP A 82 -0.93 9.26 -1.07
CA ASP A 82 -1.16 9.35 -2.52
C ASP A 82 -2.63 9.20 -2.91
N GLN A 83 -3.41 8.45 -2.13
CA GLN A 83 -4.75 7.95 -2.44
C GLN A 83 -4.80 7.04 -3.69
N LEU A 84 -3.79 7.03 -4.56
CA LEU A 84 -3.85 6.60 -5.95
C LEU A 84 -5.16 7.00 -6.62
N GLY A 85 -5.33 8.30 -6.79
CA GLY A 85 -6.49 8.85 -7.49
C GLY A 85 -6.30 8.87 -9.00
N GLN A 86 -5.06 8.78 -9.49
CA GLN A 86 -4.77 8.82 -10.92
C GLN A 86 -5.13 7.49 -11.57
N ALA A 87 -4.36 6.45 -11.25
CA ALA A 87 -4.31 5.16 -11.87
C ALA A 87 -3.58 4.26 -10.87
N VAL A 88 -3.52 2.96 -11.16
CA VAL A 88 -2.71 2.03 -10.37
C VAL A 88 -2.08 0.93 -11.23
N GLY A 89 -2.19 1.03 -12.55
CA GLY A 89 -1.57 0.09 -13.47
C GLY A 89 -2.05 -1.34 -13.20
N GLN A 90 -3.37 -1.51 -13.21
CA GLN A 90 -4.04 -2.75 -12.89
C GLN A 90 -5.35 -2.74 -13.69
N GLN A 91 -5.46 -3.59 -14.71
CA GLN A 91 -6.58 -3.58 -15.65
C GLN A 91 -7.83 -4.17 -14.99
N PRO A 92 -9.01 -3.55 -15.14
CA PRO A 92 -10.27 -4.16 -14.71
C PRO A 92 -10.55 -5.40 -15.57
N GLY A 93 -10.93 -6.51 -14.94
CA GLY A 93 -11.13 -7.81 -15.55
C GLY A 93 -10.97 -8.85 -14.45
N ALA A 94 -10.87 -10.14 -14.81
CA ALA A 94 -10.72 -11.30 -13.92
C ALA A 94 -11.95 -11.46 -13.01
N SER A 95 -12.79 -12.45 -13.30
CA SER A 95 -13.84 -12.85 -12.37
C SER A 95 -14.15 -14.33 -12.57
N SER A 96 -14.04 -15.10 -11.50
CA SER A 96 -14.48 -16.49 -11.41
C SER A 96 -15.61 -16.65 -10.40
N GLY A 97 -15.59 -15.88 -9.30
CA GLY A 97 -16.47 -16.06 -8.16
C GLY A 97 -16.43 -17.49 -7.60
N PRO A 98 -15.25 -17.98 -7.16
CA PRO A 98 -15.09 -19.37 -6.74
C PRO A 98 -15.82 -19.64 -5.43
N SER A 99 -16.43 -20.83 -5.30
CA SER A 99 -17.09 -21.30 -4.09
C SER A 99 -17.18 -22.83 -4.09
N SER A 100 -17.34 -23.41 -2.89
CA SER A 100 -17.77 -24.79 -2.68
C SER A 100 -18.88 -24.78 -1.62
N GLY A 101 -18.59 -25.15 -0.37
CA GLY A 101 -19.49 -25.27 0.76
C GLY A 101 -18.73 -25.98 1.86
N GLY A 1 16.35 25.83 1.73
CA GLY A 1 15.20 24.94 1.73
C GLY A 1 15.00 24.39 0.33
N SER A 2 15.52 23.21 0.05
CA SER A 2 15.41 22.52 -1.22
C SER A 2 15.06 21.07 -0.85
N SER A 3 13.77 20.83 -0.65
CA SER A 3 13.14 19.64 -0.11
C SER A 3 13.80 19.14 1.20
N GLY A 4 13.16 19.41 2.33
CA GLY A 4 13.61 18.95 3.64
C GLY A 4 13.64 17.43 3.74
N SER A 5 12.76 16.74 3.01
CA SER A 5 12.81 15.31 2.77
C SER A 5 11.84 15.03 1.63
N SER A 6 12.31 14.45 0.53
CA SER A 6 11.46 13.94 -0.54
C SER A 6 10.68 12.70 -0.07
N GLY A 7 9.84 12.11 -0.93
CA GLY A 7 9.10 10.90 -0.58
C GLY A 7 8.48 10.24 -1.81
N GLN A 8 9.25 9.43 -2.53
CA GLN A 8 8.80 8.58 -3.62
C GLN A 8 9.39 7.18 -3.41
N TYR A 9 8.91 6.19 -4.17
CA TYR A 9 9.37 4.81 -4.09
C TYR A 9 10.89 4.69 -4.27
N GLU A 10 11.50 5.54 -5.08
CA GLU A 10 12.94 5.53 -5.34
C GLU A 10 13.77 5.88 -4.09
N LEU A 11 13.18 6.61 -3.13
CA LEU A 11 13.78 6.80 -1.82
C LEU A 11 13.77 5.45 -1.11
N TYR A 12 12.58 4.90 -0.96
CA TYR A 12 12.31 3.68 -0.20
C TYR A 12 12.96 2.46 -0.88
N MET A 13 13.44 2.58 -2.12
CA MET A 13 14.06 1.52 -2.88
C MET A 13 15.30 0.98 -2.20
N TYR A 14 15.96 1.80 -1.38
CA TYR A 14 17.20 1.47 -0.71
C TYR A 14 17.04 1.56 0.81
N ARG A 15 16.30 2.57 1.27
CA ARG A 15 16.06 2.86 2.68
C ARG A 15 15.12 1.80 3.28
N GLU A 16 14.64 2.04 4.50
CA GLU A 16 13.80 1.15 5.29
C GLU A 16 12.58 1.92 5.78
N VAL A 17 11.58 1.16 6.22
CA VAL A 17 10.33 1.59 6.80
C VAL A 17 9.95 0.55 7.86
N ASP A 18 9.17 0.92 8.87
CA ASP A 18 8.59 -0.01 9.82
C ASP A 18 7.44 -0.72 9.14
N THR A 19 7.65 -1.93 8.64
CA THR A 19 6.55 -2.66 7.99
C THR A 19 5.40 -2.92 8.96
N LEU A 20 5.65 -3.06 10.28
CA LEU A 20 4.59 -3.17 11.26
C LEU A 20 3.71 -1.93 11.27
N GLU A 21 4.30 -0.76 11.57
CA GLU A 21 3.59 0.49 11.72
C GLU A 21 2.93 0.90 10.42
N LEU A 22 3.56 0.60 9.28
CA LEU A 22 2.96 0.74 7.95
C LEU A 22 1.62 0.00 7.91
N THR A 23 1.61 -1.32 8.13
CA THR A 23 0.35 -2.07 8.05
C THR A 23 -0.67 -1.49 9.03
N ARG A 24 -0.24 -1.10 10.22
CA ARG A 24 -1.11 -0.48 11.24
C ARG A 24 -1.81 0.77 10.70
N GLN A 25 -1.07 1.72 10.14
CA GLN A 25 -1.66 2.90 9.53
C GLN A 25 -2.60 2.53 8.38
N VAL A 26 -2.21 1.55 7.56
CA VAL A 26 -2.99 1.11 6.41
C VAL A 26 -4.32 0.51 6.88
N LYS A 27 -4.30 -0.45 7.83
CA LYS A 27 -5.49 -1.07 8.40
C LYS A 27 -6.47 -0.01 8.87
N GLU A 28 -5.97 1.01 9.57
CA GLU A 28 -6.75 2.17 9.98
C GLU A 28 -7.40 2.84 8.77
N LYS A 29 -6.62 3.36 7.81
CA LYS A 29 -7.18 4.13 6.69
C LYS A 29 -8.18 3.31 5.88
N LEU A 30 -7.93 2.01 5.72
CA LEU A 30 -8.87 1.10 5.06
C LEU A 30 -10.16 1.04 5.87
N ALA A 31 -10.09 0.65 7.14
CA ALA A 31 -11.24 0.47 8.02
C ALA A 31 -12.06 1.75 8.15
N LYS A 32 -11.40 2.90 8.23
CA LYS A 32 -12.01 4.23 8.30
C LYS A 32 -13.09 4.37 7.24
N ASN A 33 -12.74 4.09 5.98
CA ASN A 33 -13.64 4.18 4.84
C ASN A 33 -14.28 2.82 4.53
N GLY A 34 -14.17 1.82 5.42
CA GLY A 34 -14.80 0.52 5.30
C GLY A 34 -14.27 -0.29 4.12
N ILE A 35 -13.08 0.03 3.61
CA ILE A 35 -12.54 -0.60 2.42
C ILE A 35 -12.20 -2.05 2.77
N CYS A 36 -12.78 -2.95 2.00
CA CYS A 36 -12.47 -4.36 1.99
C CYS A 36 -11.01 -4.51 1.59
N GLN A 37 -10.16 -4.93 2.53
CA GLN A 37 -8.71 -5.08 2.35
C GLN A 37 -8.40 -5.84 1.06
N ARG A 38 -9.21 -6.86 0.72
CA ARG A 38 -9.11 -7.65 -0.49
C ARG A 38 -9.01 -6.80 -1.74
N ILE A 39 -9.90 -5.83 -1.91
CA ILE A 39 -9.96 -5.08 -3.16
C ILE A 39 -8.82 -4.08 -3.20
N PHE A 40 -8.45 -3.48 -2.07
CA PHE A 40 -7.26 -2.66 -2.00
C PHE A 40 -6.06 -3.47 -2.48
N GLY A 41 -5.93 -4.68 -1.95
CA GLY A 41 -4.94 -5.65 -2.36
C GLY A 41 -5.00 -5.96 -3.85
N GLU A 42 -6.18 -6.22 -4.41
CA GLU A 42 -6.35 -6.62 -5.80
C GLU A 42 -5.97 -5.47 -6.71
N LYS A 43 -6.62 -4.32 -6.53
CA LYS A 43 -6.48 -3.10 -7.32
C LYS A 43 -5.06 -2.58 -7.22
N VAL A 44 -4.58 -2.32 -6.00
CA VAL A 44 -3.40 -1.50 -5.81
C VAL A 44 -2.17 -2.39 -5.69
N LEU A 45 -2.19 -3.38 -4.79
CA LEU A 45 -0.99 -4.15 -4.49
C LEU A 45 -0.76 -5.29 -5.50
N GLY A 46 -1.80 -5.68 -6.24
CA GLY A 46 -1.79 -6.74 -7.23
C GLY A 46 -1.93 -8.14 -6.64
N LEU A 47 -2.49 -8.31 -5.42
CA LEU A 47 -2.43 -9.57 -4.66
C LEU A 47 -3.82 -10.10 -4.28
N SER A 48 -3.89 -11.41 -3.99
CA SER A 48 -5.08 -12.09 -3.49
C SER A 48 -5.40 -11.70 -2.04
N GLN A 49 -6.61 -12.06 -1.61
CA GLN A 49 -7.15 -11.79 -0.27
C GLN A 49 -6.16 -12.28 0.78
N GLY A 50 -5.86 -13.58 0.75
CA GLY A 50 -5.07 -14.26 1.78
C GLY A 50 -3.74 -13.56 1.95
N SER A 51 -3.02 -13.41 0.84
CA SER A 51 -1.73 -12.74 0.81
C SER A 51 -1.80 -11.40 1.52
N VAL A 52 -2.70 -10.50 1.10
CA VAL A 52 -2.77 -9.15 1.64
C VAL A 52 -3.28 -9.13 3.08
N SER A 53 -4.22 -10.00 3.42
CA SER A 53 -4.83 -10.08 4.75
C SER A 53 -3.74 -10.48 5.74
N ASP A 54 -2.94 -11.49 5.40
CA ASP A 54 -1.81 -11.95 6.20
C ASP A 54 -0.69 -10.93 6.20
N MET A 55 -0.54 -10.15 5.13
CA MET A 55 0.41 -9.03 5.09
C MET A 55 0.07 -8.07 6.20
N LEU A 56 -1.16 -7.59 6.20
CA LEU A 56 -1.65 -6.62 7.17
C LEU A 56 -1.68 -7.22 8.58
N SER A 57 -2.03 -8.50 8.75
CA SER A 57 -2.05 -9.15 10.04
C SER A 57 -0.63 -9.31 10.61
N ARG A 58 0.33 -9.74 9.79
CA ARG A 58 1.64 -10.20 10.24
C ARG A 58 2.67 -9.95 9.13
N PRO A 59 3.12 -8.70 8.91
CA PRO A 59 4.06 -8.40 7.84
C PRO A 59 5.46 -8.92 8.22
N LYS A 60 6.30 -9.19 7.21
CA LYS A 60 7.72 -9.49 7.46
C LYS A 60 8.50 -8.18 7.63
N PRO A 61 9.66 -8.23 8.31
CA PRO A 61 10.52 -7.07 8.47
C PRO A 61 11.14 -6.69 7.13
N TRP A 62 11.43 -5.41 6.93
CA TRP A 62 11.86 -4.88 5.63
C TRP A 62 13.12 -5.56 5.09
N SER A 63 14.08 -5.89 5.96
CA SER A 63 15.32 -6.58 5.56
C SER A 63 15.02 -7.94 4.92
N LYS A 64 14.02 -8.66 5.43
CA LYS A 64 13.67 -10.01 4.99
C LYS A 64 12.96 -9.94 3.64
N LEU A 65 12.29 -8.84 3.32
CA LEU A 65 11.77 -8.58 1.99
C LEU A 65 12.93 -8.18 1.08
N THR A 66 12.76 -8.36 -0.23
CA THR A 66 13.62 -7.75 -1.26
C THR A 66 12.78 -6.76 -2.07
N GLN A 67 13.36 -6.05 -3.04
CA GLN A 67 12.62 -5.19 -3.98
C GLN A 67 11.32 -5.84 -4.48
N LYS A 68 11.37 -7.07 -5.01
CA LYS A 68 10.18 -7.73 -5.54
C LYS A 68 9.16 -8.03 -4.44
N GLY A 69 9.61 -8.32 -3.23
CA GLY A 69 8.76 -8.52 -2.07
C GLY A 69 8.21 -7.21 -1.51
N ARG A 70 8.85 -6.07 -1.80
CA ARG A 70 8.50 -4.77 -1.26
C ARG A 70 7.50 -4.04 -2.14
N GLU A 71 7.35 -4.37 -3.43
CA GLU A 71 6.34 -3.83 -4.33
C GLU A 71 4.98 -3.57 -3.64
N PRO A 72 4.33 -4.57 -3.01
CA PRO A 72 3.03 -4.36 -2.39
C PRO A 72 3.16 -3.35 -1.24
N PHE A 73 4.18 -3.48 -0.40
CA PHE A 73 4.42 -2.59 0.73
C PHE A 73 4.71 -1.16 0.29
N ILE A 74 5.40 -0.94 -0.82
CA ILE A 74 5.73 0.38 -1.34
C ILE A 74 4.44 1.07 -1.75
N ARG A 75 3.59 0.37 -2.52
CA ARG A 75 2.33 0.91 -2.92
C ARG A 75 1.46 1.17 -1.69
N MET A 76 1.53 0.33 -0.65
CA MET A 76 0.94 0.58 0.65
C MET A 76 1.40 1.92 1.25
N GLN A 77 2.71 2.19 1.28
CA GLN A 77 3.29 3.42 1.85
C GLN A 77 2.79 4.63 1.10
N LEU A 78 2.85 4.58 -0.23
CA LEU A 78 2.44 5.68 -1.07
C LEU A 78 0.96 5.91 -0.87
N TRP A 79 0.13 4.89 -1.11
CA TRP A 79 -1.32 4.96 -1.02
C TRP A 79 -1.82 5.67 0.24
N LEU A 80 -1.12 5.50 1.36
CA LEU A 80 -1.46 6.16 2.62
C LEU A 80 -1.61 7.67 2.41
N SER A 81 -0.67 8.32 1.72
CA SER A 81 -0.72 9.75 1.44
C SER A 81 -1.31 10.06 0.05
N ASP A 82 -0.90 9.27 -0.94
CA ASP A 82 -1.05 9.47 -2.38
C ASP A 82 -2.44 9.07 -2.87
N GLN A 83 -3.06 8.11 -2.18
CA GLN A 83 -4.25 7.33 -2.57
C GLN A 83 -4.21 6.74 -4.00
N LEU A 84 -3.10 6.85 -4.73
CA LEU A 84 -2.92 6.64 -6.14
C LEU A 84 -3.81 7.58 -6.95
N GLY A 85 -3.26 8.03 -8.08
CA GLY A 85 -3.99 8.77 -9.10
C GLY A 85 -4.93 7.87 -9.89
N GLN A 86 -5.53 6.85 -9.24
CA GLN A 86 -6.30 5.79 -9.87
C GLN A 86 -7.43 6.40 -10.70
N ALA A 87 -8.32 7.14 -10.03
CA ALA A 87 -9.53 7.71 -10.60
C ALA A 87 -10.03 8.78 -9.61
N VAL A 88 -10.02 10.05 -10.02
CA VAL A 88 -10.50 11.16 -9.23
C VAL A 88 -11.39 12.02 -10.14
N GLY A 89 -12.68 12.05 -9.83
CA GLY A 89 -13.68 12.85 -10.53
C GLY A 89 -13.98 14.10 -9.73
N GLN A 90 -13.20 15.16 -9.95
CA GLN A 90 -13.45 16.50 -9.42
C GLN A 90 -13.03 17.51 -10.49
N GLN A 91 -13.52 17.31 -11.71
CA GLN A 91 -13.06 17.98 -12.92
C GLN A 91 -14.23 18.26 -13.87
N PRO A 92 -14.14 19.25 -14.76
CA PRO A 92 -15.21 19.68 -15.67
C PRO A 92 -15.36 18.75 -16.87
N GLY A 93 -15.77 17.51 -16.63
CA GLY A 93 -16.10 16.50 -17.65
C GLY A 93 -17.53 16.67 -18.15
N ALA A 94 -18.08 15.63 -18.77
CA ALA A 94 -19.51 15.47 -19.02
C ALA A 94 -19.90 14.06 -18.60
N SER A 95 -21.19 13.79 -18.39
CA SER A 95 -21.67 12.44 -18.12
C SER A 95 -21.65 11.64 -19.43
N SER A 96 -20.92 10.53 -19.47
CA SER A 96 -21.16 9.50 -20.47
C SER A 96 -22.57 8.96 -20.26
N GLY A 97 -23.17 8.39 -21.32
CA GLY A 97 -24.44 7.70 -21.19
C GLY A 97 -24.25 6.36 -20.48
N PRO A 98 -25.23 5.88 -19.71
CA PRO A 98 -25.32 4.49 -19.25
C PRO A 98 -25.90 3.60 -20.36
N SER A 99 -26.05 2.30 -20.08
CA SER A 99 -26.90 1.37 -20.81
C SER A 99 -27.69 0.52 -19.81
N SER A 100 -28.70 -0.20 -20.31
CA SER A 100 -29.54 -1.11 -19.55
C SER A 100 -30.01 -2.23 -20.51
N GLY A 101 -31.02 -2.99 -20.12
CA GLY A 101 -31.99 -3.53 -21.05
C GLY A 101 -33.26 -2.71 -20.88
N GLY A 1 11.51 30.44 -3.37
CA GLY A 1 10.12 29.99 -3.28
C GLY A 1 9.92 29.10 -2.06
N SER A 2 8.77 28.44 -1.94
CA SER A 2 8.52 27.56 -0.80
C SER A 2 9.36 26.30 -0.95
N SER A 3 9.90 25.81 0.16
CA SER A 3 10.62 24.56 0.25
C SER A 3 9.62 23.41 0.11
N GLY A 4 9.80 22.56 -0.89
CA GLY A 4 8.96 21.37 -1.10
C GLY A 4 9.33 20.28 -0.09
N SER A 5 8.59 19.16 -0.09
CA SER A 5 8.93 17.93 0.62
C SER A 5 8.08 16.78 0.06
N SER A 6 8.34 16.39 -1.19
CA SER A 6 7.78 15.20 -1.82
C SER A 6 8.53 13.95 -1.38
N GLY A 7 8.32 12.82 -2.06
CA GLY A 7 8.78 11.52 -1.61
C GLY A 7 7.97 10.48 -2.35
N GLN A 8 8.60 9.85 -3.34
CA GLN A 8 8.02 8.79 -4.14
C GLN A 8 8.77 7.50 -3.80
N TYR A 9 8.40 6.38 -4.40
CA TYR A 9 9.02 5.08 -4.11
C TYR A 9 10.54 5.12 -4.29
N GLU A 10 11.02 5.92 -5.25
CA GLU A 10 12.43 6.15 -5.55
C GLU A 10 13.22 6.75 -4.38
N LEU A 11 12.57 7.47 -3.46
CA LEU A 11 13.14 7.94 -2.20
C LEU A 11 13.39 6.72 -1.31
N TYR A 12 12.31 5.98 -1.06
CA TYR A 12 12.25 4.81 -0.18
C TYR A 12 12.88 3.56 -0.82
N MET A 13 13.50 3.69 -1.99
CA MET A 13 14.15 2.63 -2.71
C MET A 13 15.33 2.07 -1.88
N TYR A 14 15.85 2.85 -0.94
CA TYR A 14 16.97 2.51 -0.06
C TYR A 14 16.50 2.53 1.40
N ARG A 15 15.89 3.64 1.83
CA ARG A 15 15.46 3.87 3.21
C ARG A 15 14.51 2.75 3.68
N GLU A 16 14.63 2.39 4.95
CA GLU A 16 13.75 1.43 5.60
C GLU A 16 12.39 2.03 5.94
N VAL A 17 11.45 1.16 6.31
CA VAL A 17 10.14 1.49 6.84
C VAL A 17 9.80 0.43 7.88
N ASP A 18 8.96 0.79 8.85
CA ASP A 18 8.42 -0.12 9.86
C ASP A 18 7.22 -0.78 9.24
N THR A 19 7.38 -1.99 8.70
CA THR A 19 6.31 -2.62 7.94
C THR A 19 5.06 -2.87 8.82
N LEU A 20 5.22 -2.96 10.14
CA LEU A 20 4.13 -3.05 11.11
C LEU A 20 3.40 -1.72 11.24
N GLU A 21 4.10 -0.61 11.44
CA GLU A 21 3.47 0.71 11.56
C GLU A 21 2.78 1.07 10.24
N LEU A 22 3.38 0.65 9.13
CA LEU A 22 2.81 0.80 7.81
C LEU A 22 1.47 0.06 7.70
N THR A 23 1.39 -1.24 8.04
CA THR A 23 0.09 -1.92 7.98
C THR A 23 -0.87 -1.25 8.96
N ARG A 24 -0.41 -0.93 10.16
CA ARG A 24 -1.22 -0.27 11.20
C ARG A 24 -1.91 0.99 10.70
N GLN A 25 -1.16 1.92 10.11
CA GLN A 25 -1.73 3.12 9.53
C GLN A 25 -2.74 2.75 8.45
N VAL A 26 -2.34 1.87 7.53
CA VAL A 26 -3.17 1.39 6.44
C VAL A 26 -4.51 0.85 6.97
N LYS A 27 -4.50 -0.07 7.93
CA LYS A 27 -5.64 -0.79 8.48
C LYS A 27 -6.66 0.18 9.09
N GLU A 28 -6.20 1.19 9.82
CA GLU A 28 -7.09 2.24 10.32
C GLU A 28 -7.69 3.04 9.16
N LYS A 29 -6.86 3.59 8.28
CA LYS A 29 -7.31 4.48 7.21
C LYS A 29 -8.38 3.79 6.37
N LEU A 30 -8.18 2.50 6.09
CA LEU A 30 -9.14 1.69 5.35
C LEU A 30 -10.46 1.62 6.10
N ALA A 31 -10.41 1.18 7.36
CA ALA A 31 -11.59 0.95 8.17
C ALA A 31 -12.38 2.23 8.39
N LYS A 32 -11.70 3.38 8.50
CA LYS A 32 -12.30 4.71 8.54
C LYS A 32 -13.25 4.87 7.35
N ASN A 33 -12.76 4.54 6.15
CA ASN A 33 -13.48 4.66 4.90
C ASN A 33 -14.31 3.40 4.60
N GLY A 34 -14.38 2.42 5.51
CA GLY A 34 -15.11 1.17 5.28
C GLY A 34 -14.58 0.35 4.09
N ILE A 35 -13.32 0.53 3.70
CA ILE A 35 -12.73 -0.20 2.57
C ILE A 35 -12.45 -1.63 3.00
N CYS A 36 -12.91 -2.59 2.19
CA CYS A 36 -12.48 -3.98 2.28
C CYS A 36 -11.02 -4.08 1.82
N GLN A 37 -10.13 -4.44 2.75
CA GLN A 37 -8.69 -4.62 2.54
C GLN A 37 -8.42 -5.53 1.33
N ARG A 38 -9.26 -6.56 1.19
CA ARG A 38 -9.28 -7.53 0.11
C ARG A 38 -9.18 -6.86 -1.27
N ILE A 39 -10.03 -5.86 -1.51
CA ILE A 39 -10.15 -5.19 -2.80
C ILE A 39 -8.97 -4.23 -2.99
N PHE A 40 -8.54 -3.53 -1.94
CA PHE A 40 -7.34 -2.70 -2.01
C PHE A 40 -6.17 -3.55 -2.51
N GLY A 41 -5.98 -4.71 -1.89
CA GLY A 41 -4.98 -5.66 -2.31
C GLY A 41 -5.13 -6.00 -3.79
N GLU A 42 -6.34 -6.33 -4.22
CA GLU A 42 -6.61 -6.76 -5.58
C GLU A 42 -6.46 -5.66 -6.64
N LYS A 43 -6.51 -4.38 -6.30
CA LYS A 43 -6.56 -3.30 -7.29
C LYS A 43 -5.51 -2.21 -7.13
N VAL A 44 -5.02 -1.97 -5.92
CA VAL A 44 -3.79 -1.21 -5.74
C VAL A 44 -2.64 -2.19 -5.81
N LEU A 45 -2.56 -3.11 -4.84
CA LEU A 45 -1.35 -3.92 -4.67
C LEU A 45 -1.19 -4.91 -5.82
N GLY A 46 -2.30 -5.31 -6.45
CA GLY A 46 -2.38 -6.26 -7.54
C GLY A 46 -2.33 -7.72 -7.07
N LEU A 47 -2.22 -7.95 -5.75
CA LEU A 47 -2.04 -9.27 -5.15
C LEU A 47 -3.40 -9.91 -4.87
N SER A 48 -3.40 -11.23 -4.77
CA SER A 48 -4.51 -12.02 -4.31
C SER A 48 -4.79 -11.76 -2.84
N GLN A 49 -6.04 -12.01 -2.46
CA GLN A 49 -6.57 -11.84 -1.11
C GLN A 49 -5.67 -12.49 -0.07
N GLY A 50 -5.32 -13.76 -0.25
CA GLY A 50 -4.62 -14.53 0.75
C GLY A 50 -3.27 -13.90 1.09
N SER A 51 -2.46 -13.65 0.07
CA SER A 51 -1.14 -13.06 0.20
C SER A 51 -1.23 -11.71 0.95
N VAL A 52 -2.17 -10.84 0.56
CA VAL A 52 -2.36 -9.53 1.18
C VAL A 52 -2.88 -9.66 2.61
N SER A 53 -3.72 -10.67 2.89
CA SER A 53 -4.31 -10.91 4.19
C SER A 53 -3.23 -11.34 5.16
N ASP A 54 -2.39 -12.30 4.77
CA ASP A 54 -1.20 -12.70 5.51
C ASP A 54 -0.39 -11.44 5.84
N MET A 55 -0.20 -10.57 4.84
CA MET A 55 0.56 -9.34 5.00
C MET A 55 0.02 -8.44 6.10
N LEU A 56 -1.24 -8.02 6.01
CA LEU A 56 -1.85 -7.18 7.04
C LEU A 56 -1.97 -7.82 8.42
N SER A 57 -2.02 -9.15 8.53
CA SER A 57 -2.03 -9.80 9.82
C SER A 57 -0.61 -9.78 10.40
N ARG A 58 0.39 -10.22 9.62
CA ARG A 58 1.71 -10.58 10.09
C ARG A 58 2.74 -10.14 9.03
N PRO A 59 2.97 -8.82 8.89
CA PRO A 59 3.87 -8.28 7.88
C PRO A 59 5.29 -8.69 8.19
N LYS A 60 6.11 -8.87 7.16
CA LYS A 60 7.49 -9.30 7.28
C LYS A 60 8.38 -8.05 7.29
N PRO A 61 9.54 -8.08 7.95
CA PRO A 61 10.36 -6.88 8.14
C PRO A 61 11.07 -6.49 6.85
N TRP A 62 11.44 -5.22 6.74
CA TRP A 62 12.04 -4.64 5.54
C TRP A 62 13.28 -5.40 5.09
N SER A 63 14.11 -5.82 6.06
CA SER A 63 15.33 -6.55 5.82
C SER A 63 15.10 -7.89 5.10
N LYS A 64 13.96 -8.56 5.35
CA LYS A 64 13.63 -9.84 4.73
C LYS A 64 12.99 -9.65 3.36
N LEU A 65 12.39 -8.48 3.11
CA LEU A 65 11.79 -8.19 1.83
C LEU A 65 12.94 -7.79 0.92
N THR A 66 13.09 -8.49 -0.19
CA THR A 66 13.97 -8.07 -1.29
C THR A 66 13.25 -6.99 -2.11
N GLN A 67 13.85 -6.48 -3.19
CA GLN A 67 13.16 -5.59 -4.13
C GLN A 67 11.78 -6.14 -4.50
N LYS A 68 11.70 -7.38 -4.97
CA LYS A 68 10.41 -7.97 -5.35
C LYS A 68 9.54 -8.33 -4.15
N GLY A 69 10.10 -8.38 -2.93
CA GLY A 69 9.33 -8.44 -1.70
C GLY A 69 8.69 -7.10 -1.37
N ARG A 70 9.37 -5.99 -1.67
CA ARG A 70 8.99 -4.63 -1.28
C ARG A 70 7.96 -4.02 -2.22
N GLU A 71 7.85 -4.50 -3.46
CA GLU A 71 6.91 -4.01 -4.46
C GLU A 71 5.51 -3.72 -3.90
N PRO A 72 4.82 -4.68 -3.26
CA PRO A 72 3.50 -4.41 -2.72
C PRO A 72 3.59 -3.36 -1.59
N PHE A 73 4.49 -3.56 -0.62
CA PHE A 73 4.68 -2.68 0.53
C PHE A 73 4.90 -1.22 0.12
N ILE A 74 5.57 -0.96 -0.99
CA ILE A 74 5.79 0.37 -1.55
C ILE A 74 4.46 1.03 -1.87
N ARG A 75 3.57 0.31 -2.57
CA ARG A 75 2.26 0.81 -2.90
C ARG A 75 1.44 1.03 -1.61
N MET A 76 1.60 0.20 -0.57
CA MET A 76 1.03 0.50 0.74
C MET A 76 1.48 1.87 1.26
N GLN A 77 2.78 2.19 1.21
CA GLN A 77 3.33 3.44 1.74
C GLN A 77 2.75 4.64 1.01
N LEU A 78 2.74 4.60 -0.32
CA LEU A 78 2.25 5.70 -1.13
C LEU A 78 0.78 5.89 -0.84
N TRP A 79 -0.05 4.89 -1.10
CA TRP A 79 -1.51 4.98 -0.99
C TRP A 79 -1.98 5.65 0.31
N LEU A 80 -1.23 5.52 1.41
CA LEU A 80 -1.53 6.23 2.65
C LEU A 80 -1.71 7.73 2.43
N SER A 81 -0.78 8.40 1.73
CA SER A 81 -0.97 9.80 1.37
C SER A 81 -1.53 9.91 -0.05
N ASP A 82 -0.82 9.34 -1.02
CA ASP A 82 -1.05 9.36 -2.47
C ASP A 82 -2.46 8.94 -2.86
N GLN A 83 -3.05 7.98 -2.13
CA GLN A 83 -4.41 7.51 -2.27
C GLN A 83 -4.79 6.93 -3.63
N LEU A 84 -3.86 6.81 -4.57
CA LEU A 84 -4.07 6.41 -5.96
C LEU A 84 -5.32 7.08 -6.53
N GLY A 85 -5.20 8.37 -6.85
CA GLY A 85 -6.21 9.07 -7.63
C GLY A 85 -6.02 8.71 -9.10
N GLN A 86 -6.24 7.44 -9.44
CA GLN A 86 -6.05 6.86 -10.76
C GLN A 86 -7.31 7.06 -11.58
N ALA A 87 -8.41 6.42 -11.18
CA ALA A 87 -9.69 6.47 -11.86
C ALA A 87 -10.77 5.90 -10.92
N VAL A 88 -12.01 6.35 -11.06
CA VAL A 88 -13.15 5.94 -10.24
C VAL A 88 -13.84 4.67 -10.76
N GLY A 89 -13.21 3.95 -11.69
CA GLY A 89 -13.65 2.68 -12.20
C GLY A 89 -12.44 1.83 -12.52
N GLN A 90 -12.76 0.60 -12.93
CA GLN A 90 -11.96 -0.59 -13.23
C GLN A 90 -12.86 -1.81 -12.96
N GLN A 91 -13.46 -2.35 -14.02
CA GLN A 91 -14.54 -3.34 -13.96
C GLN A 91 -14.02 -4.71 -14.42
N PRO A 92 -14.69 -5.82 -14.03
CA PRO A 92 -14.31 -7.16 -14.46
C PRO A 92 -14.70 -7.38 -15.92
N GLY A 93 -14.06 -8.36 -16.56
CA GLY A 93 -14.35 -8.77 -17.92
C GLY A 93 -15.32 -9.94 -17.94
N ALA A 94 -15.33 -10.67 -19.04
CA ALA A 94 -16.02 -11.94 -19.16
C ALA A 94 -15.20 -12.90 -20.03
N SER A 95 -15.44 -14.19 -19.87
CA SER A 95 -14.93 -15.26 -20.71
C SER A 95 -15.95 -15.59 -21.81
N SER A 96 -15.62 -16.57 -22.66
CA SER A 96 -16.50 -17.12 -23.66
C SER A 96 -16.40 -18.65 -23.61
N GLY A 97 -17.23 -19.33 -24.38
CA GLY A 97 -17.28 -20.78 -24.49
C GLY A 97 -16.77 -21.19 -25.87
N PRO A 98 -15.59 -21.82 -25.99
CA PRO A 98 -15.20 -22.51 -27.20
C PRO A 98 -15.99 -23.83 -27.33
N SER A 99 -15.74 -24.56 -28.44
CA SER A 99 -16.35 -25.86 -28.73
C SER A 99 -17.87 -25.74 -28.91
N SER A 100 -18.58 -26.87 -29.01
CA SER A 100 -20.04 -26.94 -29.02
C SER A 100 -20.45 -28.31 -28.45
N GLY A 101 -19.89 -29.38 -29.00
CA GLY A 101 -19.24 -30.40 -28.20
C GLY A 101 -17.75 -30.06 -28.30
N GLY A 1 8.12 19.32 14.01
CA GLY A 1 7.87 18.01 13.41
C GLY A 1 8.65 17.88 12.12
N SER A 2 9.10 16.67 11.77
CA SER A 2 9.47 16.38 10.38
C SER A 2 8.20 16.49 9.54
N SER A 3 8.30 16.97 8.31
CA SER A 3 7.17 17.12 7.41
C SER A 3 7.69 16.98 5.98
N GLY A 4 6.89 16.37 5.12
CA GLY A 4 7.23 16.06 3.75
C GLY A 4 5.95 15.90 2.94
N SER A 5 6.11 15.42 1.71
CA SER A 5 5.08 15.36 0.69
C SER A 5 5.55 14.51 -0.49
N SER A 6 6.78 14.73 -0.95
CA SER A 6 7.41 13.98 -2.02
C SER A 6 7.69 12.55 -1.54
N GLY A 7 7.01 11.59 -2.14
CA GLY A 7 7.31 10.17 -2.04
C GLY A 7 7.49 9.60 -3.43
N GLN A 8 8.07 8.40 -3.52
CA GLN A 8 8.05 7.56 -4.71
C GLN A 8 8.55 6.19 -4.28
N TYR A 9 8.29 5.20 -5.11
CA TYR A 9 8.83 3.86 -4.97
C TYR A 9 10.35 3.91 -4.89
N GLU A 10 11.00 4.68 -5.76
CA GLU A 10 12.44 4.83 -5.80
C GLU A 10 12.94 5.48 -4.50
N LEU A 11 12.22 6.48 -3.99
CA LEU A 11 12.59 7.20 -2.77
C LEU A 11 12.54 6.24 -1.56
N TYR A 12 11.78 5.15 -1.65
CA TYR A 12 11.71 4.09 -0.66
C TYR A 12 12.58 2.88 -1.04
N MET A 13 13.32 2.91 -2.14
CA MET A 13 14.26 1.87 -2.49
C MET A 13 15.54 1.89 -1.65
N TYR A 14 15.78 2.98 -0.92
CA TYR A 14 17.04 3.24 -0.23
C TYR A 14 16.84 3.08 1.28
N ARG A 15 16.08 4.00 1.86
CA ARG A 15 15.67 4.06 3.26
C ARG A 15 14.85 2.83 3.67
N GLU A 16 14.53 2.71 4.95
CA GLU A 16 13.63 1.71 5.47
C GLU A 16 12.36 2.36 6.02
N VAL A 17 11.39 1.52 6.37
CA VAL A 17 10.12 1.86 6.98
C VAL A 17 9.80 0.72 7.95
N ASP A 18 9.03 1.01 9.00
CA ASP A 18 8.56 -0.05 9.87
C ASP A 18 7.35 -0.73 9.23
N THR A 19 7.54 -1.90 8.62
CA THR A 19 6.45 -2.61 7.97
C THR A 19 5.32 -2.98 8.93
N LEU A 20 5.56 -3.10 10.25
CA LEU A 20 4.49 -3.35 11.21
C LEU A 20 3.57 -2.13 11.22
N GLU A 21 4.11 -1.00 11.63
CA GLU A 21 3.42 0.28 11.77
C GLU A 21 2.76 0.66 10.43
N LEU A 22 3.43 0.39 9.31
CA LEU A 22 2.87 0.62 7.99
C LEU A 22 1.54 -0.11 7.83
N THR A 23 1.48 -1.43 8.07
CA THR A 23 0.22 -2.17 7.94
C THR A 23 -0.82 -1.62 8.92
N ARG A 24 -0.38 -1.22 10.10
CA ARG A 24 -1.19 -0.60 11.15
C ARG A 24 -1.91 0.64 10.60
N GLN A 25 -1.16 1.65 10.15
CA GLN A 25 -1.65 2.89 9.54
C GLN A 25 -2.62 2.57 8.41
N VAL A 26 -2.20 1.69 7.51
CA VAL A 26 -2.94 1.34 6.32
C VAL A 26 -4.31 0.81 6.73
N LYS A 27 -4.35 -0.21 7.60
CA LYS A 27 -5.58 -0.80 8.09
C LYS A 27 -6.47 0.24 8.77
N GLU A 28 -5.92 1.22 9.49
CA GLU A 28 -6.75 2.26 10.09
C GLU A 28 -7.35 3.15 9.01
N LYS A 29 -6.55 3.71 8.08
CA LYS A 29 -7.07 4.51 6.98
C LYS A 29 -8.14 3.77 6.16
N LEU A 30 -7.92 2.46 5.93
CA LEU A 30 -8.86 1.61 5.20
C LEU A 30 -10.20 1.56 5.92
N ALA A 31 -10.18 1.25 7.22
CA ALA A 31 -11.39 1.20 8.05
C ALA A 31 -12.08 2.56 8.08
N LYS A 32 -11.31 3.64 8.18
CA LYS A 32 -11.84 5.01 8.20
C LYS A 32 -12.64 5.34 6.94
N ASN A 33 -12.39 4.65 5.83
CA ASN A 33 -13.11 4.78 4.55
C ASN A 33 -14.01 3.57 4.25
N GLY A 34 -14.18 2.61 5.17
CA GLY A 34 -15.07 1.46 4.98
C GLY A 34 -14.56 0.47 3.92
N ILE A 35 -13.25 0.45 3.64
CA ILE A 35 -12.69 -0.25 2.48
C ILE A 35 -12.46 -1.72 2.84
N CYS A 36 -12.72 -2.61 1.88
CA CYS A 36 -12.61 -4.05 2.01
C CYS A 36 -11.19 -4.49 1.67
N GLN A 37 -10.51 -5.20 2.58
CA GLN A 37 -9.09 -5.52 2.46
C GLN A 37 -8.78 -6.39 1.24
N ARG A 38 -9.72 -7.21 0.76
CA ARG A 38 -9.52 -7.97 -0.47
C ARG A 38 -9.34 -7.00 -1.63
N ILE A 39 -10.35 -6.18 -1.91
CA ILE A 39 -10.39 -5.32 -3.08
C ILE A 39 -9.21 -4.34 -3.01
N PHE A 40 -8.88 -3.86 -1.82
CA PHE A 40 -7.70 -3.03 -1.62
C PHE A 40 -6.45 -3.77 -2.11
N GLY A 41 -6.20 -4.97 -1.59
CA GLY A 41 -5.06 -5.78 -2.01
C GLY A 41 -5.05 -6.00 -3.52
N GLU A 42 -6.19 -6.36 -4.07
CA GLU A 42 -6.41 -6.73 -5.43
C GLU A 42 -6.10 -5.55 -6.36
N LYS A 43 -6.86 -4.46 -6.27
CA LYS A 43 -6.77 -3.37 -7.24
C LYS A 43 -5.64 -2.40 -6.90
N VAL A 44 -5.38 -2.13 -5.61
CA VAL A 44 -4.34 -1.17 -5.23
C VAL A 44 -2.99 -1.88 -5.21
N LEU A 45 -2.83 -2.93 -4.40
CA LEU A 45 -1.52 -3.52 -4.16
C LEU A 45 -1.09 -4.44 -5.31
N GLY A 46 -2.03 -5.11 -5.97
CA GLY A 46 -1.79 -6.10 -7.01
C GLY A 46 -1.64 -7.52 -6.44
N LEU A 47 -2.26 -7.82 -5.30
CA LEU A 47 -2.11 -9.08 -4.58
C LEU A 47 -3.47 -9.74 -4.33
N SER A 48 -3.45 -11.07 -4.19
CA SER A 48 -4.64 -11.85 -3.92
C SER A 48 -5.09 -11.68 -2.46
N GLN A 49 -6.36 -12.01 -2.22
CA GLN A 49 -7.07 -11.94 -0.96
C GLN A 49 -6.19 -12.38 0.20
N GLY A 50 -5.74 -13.62 0.20
CA GLY A 50 -5.10 -14.25 1.34
C GLY A 50 -3.62 -13.93 1.42
N SER A 51 -2.97 -13.63 0.29
CA SER A 51 -1.62 -13.11 0.26
C SER A 51 -1.59 -11.82 1.08
N VAL A 52 -2.44 -10.85 0.73
CA VAL A 52 -2.52 -9.58 1.42
C VAL A 52 -3.02 -9.75 2.85
N SER A 53 -3.94 -10.69 3.10
CA SER A 53 -4.50 -10.95 4.42
C SER A 53 -3.38 -11.32 5.39
N ASP A 54 -2.51 -12.24 4.97
CA ASP A 54 -1.35 -12.62 5.75
C ASP A 54 -0.45 -11.41 5.99
N MET A 55 -0.21 -10.65 4.93
CA MET A 55 0.69 -9.51 4.90
C MET A 55 0.28 -8.44 5.91
N LEU A 56 -0.95 -7.92 5.78
CA LEU A 56 -1.49 -6.92 6.70
C LEU A 56 -1.55 -7.42 8.15
N SER A 57 -1.85 -8.71 8.36
CA SER A 57 -1.91 -9.25 9.71
C SER A 57 -0.50 -9.31 10.30
N ARG A 58 0.42 -9.97 9.60
CA ARG A 58 1.77 -10.30 10.05
C ARG A 58 2.75 -10.00 8.92
N PRO A 59 3.18 -8.75 8.76
CA PRO A 59 4.12 -8.42 7.72
C PRO A 59 5.48 -9.05 8.01
N LYS A 60 6.31 -9.17 6.99
CA LYS A 60 7.74 -9.41 7.18
C LYS A 60 8.39 -8.12 7.63
N PRO A 61 9.56 -8.17 8.29
CA PRO A 61 10.42 -7.02 8.43
C PRO A 61 10.83 -6.50 7.05
N TRP A 62 11.17 -5.22 6.97
CA TRP A 62 11.63 -4.60 5.74
C TRP A 62 12.95 -5.21 5.29
N SER A 63 13.91 -5.37 6.21
CA SER A 63 15.21 -5.94 5.90
C SER A 63 15.09 -7.36 5.34
N LYS A 64 14.08 -8.14 5.74
CA LYS A 64 13.83 -9.47 5.20
C LYS A 64 13.50 -9.46 3.71
N LEU A 65 12.73 -8.46 3.26
CA LEU A 65 12.14 -8.45 1.94
C LEU A 65 13.18 -7.90 0.96
N THR A 66 13.25 -8.44 -0.25
CA THR A 66 13.98 -7.77 -1.34
C THR A 66 13.05 -6.76 -2.02
N GLN A 67 13.53 -5.97 -2.99
CA GLN A 67 12.71 -5.03 -3.75
C GLN A 67 11.44 -5.69 -4.31
N LYS A 68 11.56 -6.89 -4.91
CA LYS A 68 10.41 -7.63 -5.45
C LYS A 68 9.38 -7.98 -4.37
N GLY A 69 9.83 -8.21 -3.13
CA GLY A 69 8.96 -8.47 -2.00
C GLY A 69 8.39 -7.18 -1.39
N ARG A 70 9.06 -6.04 -1.59
CA ARG A 70 8.70 -4.73 -1.04
C ARG A 70 7.70 -3.98 -1.91
N GLU A 71 7.56 -4.32 -3.20
CA GLU A 71 6.60 -3.70 -4.12
C GLU A 71 5.23 -3.41 -3.49
N PRO A 72 4.52 -4.40 -2.90
CA PRO A 72 3.20 -4.13 -2.34
C PRO A 72 3.33 -3.14 -1.17
N PHE A 73 4.29 -3.32 -0.27
CA PHE A 73 4.48 -2.40 0.85
C PHE A 73 4.80 -0.98 0.40
N ILE A 74 5.49 -0.79 -0.72
CA ILE A 74 5.77 0.51 -1.29
C ILE A 74 4.47 1.16 -1.76
N ARG A 75 3.62 0.43 -2.49
CA ARG A 75 2.31 0.92 -2.87
C ARG A 75 1.46 1.20 -1.63
N MET A 76 1.64 0.44 -0.56
CA MET A 76 0.98 0.68 0.73
C MET A 76 1.43 2.03 1.31
N GLN A 77 2.75 2.30 1.33
CA GLN A 77 3.31 3.55 1.83
C GLN A 77 2.77 4.74 1.04
N LEU A 78 2.76 4.63 -0.28
CA LEU A 78 2.30 5.70 -1.15
C LEU A 78 0.83 5.90 -0.98
N TRP A 79 0.02 4.86 -1.11
CA TRP A 79 -1.43 4.99 -1.08
C TRP A 79 -1.92 5.75 0.16
N LEU A 80 -1.23 5.58 1.29
CA LEU A 80 -1.53 6.24 2.56
C LEU A 80 -1.77 7.73 2.33
N SER A 81 -0.82 8.45 1.71
CA SER A 81 -1.04 9.87 1.38
C SER A 81 -1.51 10.08 -0.07
N ASP A 82 -0.87 9.40 -1.03
CA ASP A 82 -0.93 9.62 -2.49
C ASP A 82 -2.28 9.23 -3.10
N GLN A 83 -3.09 8.43 -2.38
CA GLN A 83 -4.49 8.12 -2.67
C GLN A 83 -4.76 7.76 -4.15
N LEU A 84 -3.84 7.02 -4.77
CA LEU A 84 -3.93 6.40 -6.10
C LEU A 84 -5.30 5.75 -6.31
N GLY A 85 -5.43 4.57 -5.73
CA GLY A 85 -6.61 3.73 -5.74
C GLY A 85 -6.65 2.82 -6.98
N GLN A 86 -6.78 3.37 -8.18
CA GLN A 86 -6.99 2.61 -9.41
C GLN A 86 -6.31 3.33 -10.57
N ALA A 87 -6.79 4.53 -10.87
CA ALA A 87 -6.42 5.41 -11.95
C ALA A 87 -7.29 6.65 -11.80
N VAL A 88 -7.13 7.61 -12.70
CA VAL A 88 -8.00 8.77 -12.88
C VAL A 88 -9.39 8.39 -13.45
N GLY A 89 -9.74 7.11 -13.47
CA GLY A 89 -11.05 6.60 -13.83
C GLY A 89 -11.35 5.41 -12.92
N GLN A 90 -12.50 5.45 -12.25
CA GLN A 90 -13.03 4.42 -11.39
C GLN A 90 -14.53 4.68 -11.20
N GLN A 91 -15.26 3.78 -10.55
CA GLN A 91 -16.67 3.95 -10.22
C GLN A 91 -16.75 4.49 -8.79
N PRO A 92 -16.86 5.82 -8.57
CA PRO A 92 -16.64 6.40 -7.25
C PRO A 92 -17.71 6.01 -6.23
N GLY A 93 -17.33 6.18 -4.96
CA GLY A 93 -18.11 5.84 -3.78
C GLY A 93 -18.20 4.34 -3.60
N ALA A 94 -17.49 3.80 -2.59
CA ALA A 94 -17.63 2.41 -2.18
C ALA A 94 -18.65 2.32 -1.02
N SER A 95 -18.94 1.10 -0.57
CA SER A 95 -20.00 0.82 0.39
C SER A 95 -19.55 1.25 1.80
N SER A 96 -20.05 2.39 2.26
CA SER A 96 -19.65 3.00 3.53
C SER A 96 -19.99 2.13 4.74
N GLY A 97 -19.38 2.41 5.89
CA GLY A 97 -19.71 1.79 7.17
C GLY A 97 -18.74 2.25 8.27
N PRO A 98 -18.69 3.56 8.60
CA PRO A 98 -17.71 4.10 9.54
C PRO A 98 -17.99 3.63 10.97
N SER A 99 -16.97 3.72 11.84
CA SER A 99 -17.05 3.29 13.24
C SER A 99 -16.16 4.16 14.13
N SER A 100 -16.30 4.03 15.44
CA SER A 100 -15.50 4.65 16.49
C SER A 100 -15.25 3.60 17.60
N GLY A 101 -14.49 3.97 18.64
CA GLY A 101 -14.14 3.09 19.74
C GLY A 101 -13.44 1.85 19.22
N GLY A 1 -5.16 18.00 5.14
CA GLY A 1 -3.71 18.11 5.00
C GLY A 1 -3.13 16.98 4.19
N SER A 2 -2.30 17.32 3.20
CA SER A 2 -1.37 16.41 2.54
C SER A 2 0.03 16.75 3.05
N SER A 3 1.01 15.87 2.80
CA SER A 3 2.41 16.22 3.05
C SER A 3 2.86 17.19 1.96
N GLY A 4 2.64 16.86 0.69
CA GLY A 4 3.19 17.60 -0.45
C GLY A 4 4.50 16.96 -0.90
N SER A 5 5.37 17.79 -1.48
CA SER A 5 6.73 17.47 -1.93
C SER A 5 6.76 16.48 -3.10
N SER A 6 7.96 16.22 -3.60
CA SER A 6 8.25 15.28 -4.67
C SER A 6 8.97 14.07 -4.10
N GLY A 7 9.22 13.06 -4.93
CA GLY A 7 9.82 11.80 -4.56
C GLY A 7 9.21 10.73 -5.45
N GLN A 8 9.69 9.50 -5.31
CA GLN A 8 8.95 8.31 -5.68
C GLN A 8 9.51 7.12 -4.90
N TYR A 9 9.01 5.93 -5.21
CA TYR A 9 9.41 4.64 -4.66
C TYR A 9 10.92 4.40 -4.64
N GLU A 10 11.65 5.01 -5.58
CA GLU A 10 13.11 5.02 -5.66
C GLU A 10 13.74 5.41 -4.31
N LEU A 11 13.25 6.46 -3.67
CA LEU A 11 13.75 6.93 -2.37
C LEU A 11 13.60 5.84 -1.32
N TYR A 12 12.41 5.23 -1.31
CA TYR A 12 12.05 4.15 -0.41
C TYR A 12 12.86 2.88 -0.70
N MET A 13 13.57 2.76 -1.84
CA MET A 13 14.50 1.66 -2.06
C MET A 13 15.69 1.80 -1.13
N TYR A 14 16.25 3.01 -1.05
CA TYR A 14 17.39 3.32 -0.20
C TYR A 14 16.97 3.11 1.25
N ARG A 15 15.87 3.77 1.65
CA ARG A 15 15.46 3.93 3.03
C ARG A 15 14.91 2.62 3.64
N GLU A 16 14.55 2.68 4.92
CA GLU A 16 13.76 1.70 5.67
C GLU A 16 12.50 2.39 6.17
N VAL A 17 11.51 1.59 6.57
CA VAL A 17 10.19 2.03 6.99
C VAL A 17 9.66 0.97 7.95
N ASP A 18 8.88 1.38 8.96
CA ASP A 18 8.45 0.47 10.01
C ASP A 18 7.27 -0.38 9.55
N THR A 19 7.51 -1.59 9.05
CA THR A 19 6.49 -2.34 8.31
C THR A 19 5.28 -2.68 9.20
N LEU A 20 5.44 -2.84 10.51
CA LEU A 20 4.35 -3.17 11.40
C LEU A 20 3.41 -2.00 11.53
N GLU A 21 3.91 -0.83 11.92
CA GLU A 21 3.14 0.40 12.04
C GLU A 21 2.54 0.77 10.68
N LEU A 22 3.26 0.50 9.58
CA LEU A 22 2.75 0.70 8.22
C LEU A 22 1.48 -0.11 8.01
N THR A 23 1.49 -1.44 8.27
CA THR A 23 0.24 -2.21 8.15
C THR A 23 -0.85 -1.59 9.01
N ARG A 24 -0.50 -1.19 10.23
CA ARG A 24 -1.38 -0.52 11.17
C ARG A 24 -2.08 0.69 10.53
N GLN A 25 -1.31 1.66 10.05
CA GLN A 25 -1.81 2.90 9.44
C GLN A 25 -2.66 2.60 8.22
N VAL A 26 -2.24 1.64 7.40
CA VAL A 26 -2.96 1.22 6.22
C VAL A 26 -4.33 0.69 6.65
N LYS A 27 -4.35 -0.29 7.55
CA LYS A 27 -5.53 -0.93 8.09
C LYS A 27 -6.48 0.10 8.70
N GLU A 28 -5.97 1.11 9.40
CA GLU A 28 -6.79 2.20 9.91
C GLU A 28 -7.40 2.97 8.75
N LYS A 29 -6.59 3.61 7.91
CA LYS A 29 -7.10 4.51 6.86
C LYS A 29 -8.07 3.80 5.91
N LEU A 30 -7.86 2.50 5.65
CA LEU A 30 -8.78 1.68 4.88
C LEU A 30 -10.10 1.54 5.61
N ALA A 31 -10.09 0.99 6.84
CA ALA A 31 -11.29 0.73 7.60
C ALA A 31 -12.07 2.01 7.88
N LYS A 32 -11.38 3.14 8.06
CA LYS A 32 -11.94 4.48 8.25
C LYS A 32 -12.87 4.90 7.12
N ASN A 33 -12.64 4.35 5.93
CA ASN A 33 -13.42 4.59 4.71
C ASN A 33 -14.18 3.33 4.28
N GLY A 34 -14.22 2.29 5.12
CA GLY A 34 -14.91 1.02 4.88
C GLY A 34 -14.27 0.16 3.79
N ILE A 35 -13.02 0.43 3.42
CA ILE A 35 -12.36 -0.15 2.26
C ILE A 35 -11.98 -1.59 2.59
N CYS A 36 -12.63 -2.55 1.92
CA CYS A 36 -12.44 -3.97 2.12
C CYS A 36 -10.99 -4.35 1.79
N GLN A 37 -10.20 -4.64 2.84
CA GLN A 37 -8.75 -4.84 2.76
C GLN A 37 -8.34 -5.89 1.73
N ARG A 38 -9.13 -6.96 1.56
CA ARG A 38 -8.83 -8.00 0.58
C ARG A 38 -8.81 -7.43 -0.84
N ILE A 39 -9.85 -6.66 -1.18
CA ILE A 39 -10.02 -6.07 -2.49
C ILE A 39 -9.07 -4.88 -2.63
N PHE A 40 -8.77 -4.15 -1.56
CA PHE A 40 -7.74 -3.12 -1.58
C PHE A 40 -6.45 -3.70 -2.16
N GLY A 41 -6.00 -4.82 -1.60
CA GLY A 41 -4.81 -5.48 -2.13
C GLY A 41 -4.97 -5.96 -3.57
N GLU A 42 -6.18 -6.32 -4.00
CA GLU A 42 -6.42 -6.94 -5.30
C GLU A 42 -6.34 -5.89 -6.41
N LYS A 43 -6.95 -4.74 -6.13
CA LYS A 43 -7.11 -3.59 -7.02
C LYS A 43 -6.06 -2.49 -6.85
N VAL A 44 -5.44 -2.30 -5.68
CA VAL A 44 -4.35 -1.32 -5.48
C VAL A 44 -3.02 -2.05 -5.60
N LEU A 45 -2.78 -3.02 -4.71
CA LEU A 45 -1.46 -3.58 -4.48
C LEU A 45 -1.12 -4.68 -5.49
N GLY A 46 -2.11 -5.18 -6.23
CA GLY A 46 -1.95 -6.23 -7.23
C GLY A 46 -1.47 -7.57 -6.66
N LEU A 47 -1.83 -7.86 -5.40
CA LEU A 47 -1.49 -9.11 -4.75
C LEU A 47 -2.71 -10.02 -4.70
N SER A 48 -2.44 -11.32 -4.55
CA SER A 48 -3.45 -12.33 -4.32
C SER A 48 -4.26 -11.96 -3.08
N GLN A 49 -5.56 -12.18 -3.19
CA GLN A 49 -6.59 -11.78 -2.25
C GLN A 49 -6.28 -12.24 -0.83
N GLY A 50 -5.73 -13.45 -0.67
CA GLY A 50 -5.32 -13.97 0.63
C GLY A 50 -3.91 -13.51 1.02
N SER A 51 -3.03 -13.25 0.05
CA SER A 51 -1.68 -12.79 0.33
C SER A 51 -1.74 -11.49 1.10
N VAL A 52 -2.46 -10.46 0.64
CA VAL A 52 -2.56 -9.21 1.35
C VAL A 52 -3.25 -9.39 2.71
N SER A 53 -4.18 -10.32 2.80
CA SER A 53 -4.91 -10.65 4.01
C SER A 53 -3.92 -11.09 5.09
N ASP A 54 -2.99 -11.98 4.72
CA ASP A 54 -1.90 -12.38 5.59
C ASP A 54 -0.94 -11.22 5.77
N MET A 55 -0.63 -10.46 4.73
CA MET A 55 0.40 -9.42 4.74
C MET A 55 0.08 -8.34 5.78
N LEU A 56 -1.14 -7.82 5.73
CA LEU A 56 -1.65 -6.85 6.68
C LEU A 56 -1.76 -7.39 8.11
N SER A 57 -2.02 -8.69 8.30
CA SER A 57 -2.15 -9.25 9.63
C SER A 57 -0.81 -9.68 10.23
N ARG A 58 0.12 -10.19 9.41
CA ARG A 58 1.40 -10.76 9.80
C ARG A 58 2.51 -10.32 8.82
N PRO A 59 2.85 -9.02 8.78
CA PRO A 59 3.85 -8.47 7.85
C PRO A 59 5.25 -9.03 8.12
N LYS A 60 6.17 -8.85 7.17
CA LYS A 60 7.57 -9.28 7.29
C LYS A 60 8.47 -8.07 7.56
N PRO A 61 9.68 -8.31 8.09
CA PRO A 61 10.62 -7.24 8.38
C PRO A 61 11.23 -6.73 7.08
N TRP A 62 11.63 -5.45 7.07
CA TRP A 62 12.09 -4.79 5.85
C TRP A 62 13.29 -5.51 5.24
N SER A 63 14.24 -5.96 6.06
CA SER A 63 15.45 -6.60 5.58
C SER A 63 15.16 -7.97 4.93
N LYS A 64 14.05 -8.65 5.26
CA LYS A 64 13.72 -9.92 4.60
C LYS A 64 13.16 -9.68 3.20
N LEU A 65 12.35 -8.64 3.05
CA LEU A 65 11.72 -8.28 1.80
C LEU A 65 12.82 -7.67 0.92
N THR A 66 13.03 -8.19 -0.28
CA THR A 66 13.79 -7.47 -1.29
C THR A 66 12.85 -6.74 -2.23
N GLN A 67 13.38 -6.10 -3.26
CA GLN A 67 12.72 -5.29 -4.28
C GLN A 67 11.29 -5.77 -4.60
N LYS A 68 11.09 -6.94 -5.22
CA LYS A 68 9.76 -7.43 -5.55
C LYS A 68 8.91 -7.69 -4.31
N GLY A 69 9.51 -8.13 -3.21
CA GLY A 69 8.77 -8.33 -1.97
C GLY A 69 8.30 -7.01 -1.37
N ARG A 70 9.04 -5.92 -1.59
CA ARG A 70 8.74 -4.57 -1.13
C ARG A 70 7.81 -3.84 -2.08
N GLU A 71 7.77 -4.14 -3.38
CA GLU A 71 6.90 -3.49 -4.35
C GLU A 71 5.45 -3.28 -3.84
N PRO A 72 4.76 -4.30 -3.29
CA PRO A 72 3.46 -4.09 -2.68
C PRO A 72 3.52 -3.20 -1.44
N PHE A 73 4.47 -3.41 -0.52
CA PHE A 73 4.63 -2.57 0.67
C PHE A 73 4.87 -1.10 0.30
N ILE A 74 5.61 -0.84 -0.77
CA ILE A 74 5.89 0.49 -1.32
C ILE A 74 4.60 1.13 -1.79
N ARG A 75 3.77 0.42 -2.55
CA ARG A 75 2.46 0.92 -2.94
C ARG A 75 1.62 1.18 -1.68
N MET A 76 1.70 0.33 -0.65
CA MET A 76 1.10 0.57 0.65
C MET A 76 1.55 1.92 1.25
N GLN A 77 2.86 2.21 1.22
CA GLN A 77 3.47 3.40 1.80
C GLN A 77 3.05 4.67 1.08
N LEU A 78 3.04 4.64 -0.25
CA LEU A 78 2.63 5.77 -1.07
C LEU A 78 1.14 5.99 -0.92
N TRP A 79 0.32 4.94 -1.08
CA TRP A 79 -1.13 5.00 -0.96
C TRP A 79 -1.59 5.72 0.31
N LEU A 80 -0.85 5.60 1.41
CA LEU A 80 -1.16 6.26 2.68
C LEU A 80 -1.33 7.77 2.53
N SER A 81 -0.50 8.45 1.73
CA SER A 81 -0.73 9.85 1.35
C SER A 81 -1.40 10.02 -0.03
N ASP A 82 -0.90 9.27 -1.03
CA ASP A 82 -1.19 9.40 -2.46
C ASP A 82 -2.65 9.06 -2.74
N GLN A 83 -3.21 8.09 -2.02
CA GLN A 83 -4.41 7.31 -2.31
C GLN A 83 -4.36 6.56 -3.64
N LEU A 84 -3.42 6.87 -4.55
CA LEU A 84 -3.45 6.56 -5.98
C LEU A 84 -4.77 7.02 -6.58
N GLY A 85 -4.71 8.11 -7.35
CA GLY A 85 -5.90 8.74 -7.90
C GLY A 85 -6.82 7.77 -8.64
N GLN A 86 -6.25 6.79 -9.32
CA GLN A 86 -6.97 5.68 -9.90
C GLN A 86 -6.21 4.40 -9.56
N ALA A 87 -5.12 4.13 -10.27
CA ALA A 87 -4.30 2.94 -10.19
C ALA A 87 -2.94 3.23 -10.81
N VAL A 88 -1.94 2.48 -10.37
CA VAL A 88 -0.61 2.33 -10.96
C VAL A 88 -0.16 0.91 -10.55
N GLY A 89 0.16 0.03 -11.51
CA GLY A 89 0.77 -1.27 -11.24
C GLY A 89 -0.22 -2.42 -11.02
N GLN A 90 -1.33 -2.44 -11.76
CA GLN A 90 -2.25 -3.58 -11.81
C GLN A 90 -1.79 -4.62 -12.84
N GLN A 91 -2.23 -5.87 -12.65
CA GLN A 91 -2.21 -6.98 -13.61
C GLN A 91 -3.63 -7.54 -13.76
N PRO A 92 -3.95 -8.29 -14.83
CA PRO A 92 -5.22 -9.01 -14.92
C PRO A 92 -5.19 -10.28 -14.06
N GLY A 93 -6.32 -10.95 -13.92
CA GLY A 93 -6.47 -12.20 -13.17
C GLY A 93 -7.38 -12.00 -11.96
N ALA A 94 -7.47 -13.03 -11.12
CA ALA A 94 -8.32 -13.16 -9.94
C ALA A 94 -9.80 -12.86 -10.23
N SER A 95 -10.49 -13.88 -10.77
CA SER A 95 -11.94 -13.83 -10.95
C SER A 95 -12.63 -13.53 -9.63
N SER A 96 -13.84 -12.97 -9.71
CA SER A 96 -14.78 -13.00 -8.61
C SER A 96 -15.14 -14.45 -8.28
N GLY A 97 -15.59 -14.69 -7.05
CA GLY A 97 -15.97 -16.01 -6.55
C GLY A 97 -16.39 -15.88 -5.09
N PRO A 98 -16.94 -16.94 -4.49
CA PRO A 98 -17.61 -16.84 -3.19
C PRO A 98 -16.63 -16.67 -2.04
N SER A 99 -17.13 -16.18 -0.91
CA SER A 99 -16.45 -16.18 0.36
C SER A 99 -17.49 -16.17 1.49
N SER A 100 -17.09 -16.48 2.72
CA SER A 100 -17.93 -16.59 3.90
C SER A 100 -18.88 -17.78 3.86
N GLY A 101 -19.50 -18.09 2.72
CA GLY A 101 -20.74 -18.85 2.69
C GLY A 101 -21.83 -17.83 2.90
N GLY A 1 15.78 20.69 7.43
CA GLY A 1 14.88 19.53 7.45
C GLY A 1 14.63 19.01 6.04
N SER A 2 13.54 18.27 5.83
CA SER A 2 13.15 17.79 4.50
C SER A 2 12.90 19.00 3.60
N SER A 3 13.64 19.11 2.48
CA SER A 3 13.84 20.30 1.69
C SER A 3 13.69 19.89 0.23
N GLY A 4 12.46 19.54 -0.15
CA GLY A 4 12.09 19.07 -1.47
C GLY A 4 10.57 19.00 -1.55
N SER A 5 10.03 18.59 -2.70
CA SER A 5 8.60 18.62 -2.99
C SER A 5 8.19 17.26 -3.52
N SER A 6 7.44 16.51 -2.70
CA SER A 6 6.95 15.16 -2.95
C SER A 6 8.11 14.19 -3.24
N GLY A 7 7.79 13.04 -3.83
CA GLY A 7 8.74 11.98 -4.14
C GLY A 7 8.08 10.92 -5.01
N GLN A 8 8.81 9.83 -5.26
CA GLN A 8 8.32 8.59 -5.83
C GLN A 8 9.14 7.45 -5.24
N TYR A 9 8.75 6.22 -5.56
CA TYR A 9 9.34 5.01 -5.00
C TYR A 9 10.84 4.90 -5.23
N GLU A 10 11.37 5.50 -6.29
CA GLU A 10 12.78 5.47 -6.62
C GLU A 10 13.62 6.12 -5.51
N LEU A 11 13.11 7.19 -4.89
CA LEU A 11 13.77 7.84 -3.76
C LEU A 11 13.72 6.94 -2.53
N TYR A 12 12.74 6.03 -2.47
CA TYR A 12 12.48 5.17 -1.34
C TYR A 12 13.18 3.81 -1.52
N MET A 13 13.97 3.61 -2.58
CA MET A 13 14.67 2.36 -2.89
C MET A 13 15.70 1.92 -1.86
N TYR A 14 15.97 2.72 -0.83
CA TYR A 14 16.95 2.48 0.20
C TYR A 14 16.17 2.60 1.52
N ARG A 15 16.70 3.33 2.50
CA ARG A 15 16.16 3.56 3.84
C ARG A 15 15.60 2.27 4.46
N GLU A 16 14.65 2.42 5.38
CA GLU A 16 13.77 1.42 5.95
C GLU A 16 12.37 2.05 5.96
N VAL A 17 11.38 1.26 6.34
CA VAL A 17 10.06 1.72 6.71
C VAL A 17 9.55 0.72 7.75
N ASP A 18 8.64 1.15 8.62
CA ASP A 18 8.22 0.34 9.74
C ASP A 18 7.07 -0.54 9.28
N THR A 19 7.40 -1.72 8.76
CA THR A 19 6.43 -2.57 8.08
C THR A 19 5.25 -2.99 8.98
N LEU A 20 5.43 -3.01 10.31
CA LEU A 20 4.40 -3.37 11.27
C LEU A 20 3.45 -2.20 11.55
N GLU A 21 3.94 -0.97 11.40
CA GLU A 21 3.16 0.25 11.61
C GLU A 21 2.48 0.66 10.30
N LEU A 22 3.19 0.53 9.18
CA LEU A 22 2.68 0.75 7.84
C LEU A 22 1.37 0.00 7.65
N THR A 23 1.35 -1.31 7.91
CA THR A 23 0.15 -2.10 7.77
C THR A 23 -0.95 -1.56 8.69
N ARG A 24 -0.63 -1.31 9.96
CA ARG A 24 -1.53 -0.73 10.96
C ARG A 24 -2.20 0.55 10.44
N GLN A 25 -1.41 1.48 9.91
CA GLN A 25 -1.87 2.73 9.34
C GLN A 25 -2.83 2.50 8.17
N VAL A 26 -2.43 1.64 7.24
CA VAL A 26 -3.23 1.24 6.09
C VAL A 26 -4.56 0.68 6.58
N LYS A 27 -4.54 -0.30 7.49
CA LYS A 27 -5.72 -1.00 8.00
C LYS A 27 -6.70 -0.01 8.61
N GLU A 28 -6.24 0.93 9.44
CA GLU A 28 -7.06 2.01 9.98
C GLU A 28 -7.62 2.90 8.87
N LYS A 29 -6.79 3.45 7.97
CA LYS A 29 -7.27 4.35 6.93
C LYS A 29 -8.35 3.67 6.06
N LEU A 30 -8.15 2.40 5.72
CA LEU A 30 -9.10 1.62 4.94
C LEU A 30 -10.41 1.48 5.69
N ALA A 31 -10.37 1.11 6.98
CA ALA A 31 -11.56 1.04 7.80
C ALA A 31 -12.29 2.38 7.84
N LYS A 32 -11.57 3.48 8.10
CA LYS A 32 -12.11 4.84 8.11
C LYS A 32 -12.89 5.15 6.83
N ASN A 33 -12.32 4.80 5.68
CA ASN A 33 -12.90 5.10 4.36
C ASN A 33 -13.92 4.03 3.93
N GLY A 34 -14.24 3.04 4.78
CA GLY A 34 -15.16 1.96 4.48
C GLY A 34 -14.64 1.12 3.31
N ILE A 35 -13.50 0.45 3.50
CA ILE A 35 -12.83 -0.35 2.49
C ILE A 35 -12.45 -1.70 3.09
N CYS A 36 -12.93 -2.78 2.49
CA CYS A 36 -12.49 -4.14 2.77
C CYS A 36 -11.03 -4.29 2.32
N GLN A 37 -10.11 -4.63 3.23
CA GLN A 37 -8.67 -4.75 2.94
C GLN A 37 -8.40 -5.74 1.80
N ARG A 38 -9.14 -6.84 1.75
CA ARG A 38 -9.11 -7.83 0.67
C ARG A 38 -9.28 -7.24 -0.73
N ILE A 39 -10.06 -6.18 -0.87
CA ILE A 39 -10.32 -5.53 -2.14
C ILE A 39 -9.20 -4.54 -2.40
N PHE A 40 -8.79 -3.79 -1.38
CA PHE A 40 -7.65 -2.88 -1.48
C PHE A 40 -6.43 -3.62 -2.05
N GLY A 41 -6.09 -4.79 -1.51
CA GLY A 41 -4.99 -5.59 -2.03
C GLY A 41 -5.21 -5.96 -3.49
N GLU A 42 -6.39 -6.51 -3.78
CA GLU A 42 -6.78 -7.00 -5.10
C GLU A 42 -6.82 -5.89 -6.14
N LYS A 43 -6.90 -4.61 -5.75
CA LYS A 43 -6.97 -3.47 -6.65
C LYS A 43 -5.69 -2.64 -6.60
N VAL A 44 -5.42 -1.99 -5.48
CA VAL A 44 -4.35 -1.01 -5.31
C VAL A 44 -2.97 -1.66 -5.40
N LEU A 45 -2.84 -2.92 -4.96
CA LEU A 45 -1.57 -3.63 -4.93
C LEU A 45 -1.52 -4.73 -6.00
N GLY A 46 -2.68 -5.15 -6.52
CA GLY A 46 -2.85 -6.32 -7.36
C GLY A 46 -2.36 -7.62 -6.70
N LEU A 47 -2.30 -7.67 -5.36
CA LEU A 47 -2.02 -8.90 -4.64
C LEU A 47 -3.32 -9.70 -4.50
N SER A 48 -3.25 -11.02 -4.69
CA SER A 48 -4.34 -11.93 -4.38
C SER A 48 -4.79 -11.76 -2.93
N GLN A 49 -6.01 -12.19 -2.65
CA GLN A 49 -6.67 -11.98 -1.37
C GLN A 49 -5.84 -12.59 -0.23
N GLY A 50 -5.40 -13.84 -0.37
CA GLY A 50 -4.58 -14.50 0.64
C GLY A 50 -3.27 -13.76 0.87
N SER A 51 -2.64 -13.29 -0.20
CA SER A 51 -1.37 -12.59 -0.14
C SER A 51 -1.49 -11.32 0.70
N VAL A 52 -2.39 -10.39 0.39
CA VAL A 52 -2.56 -9.18 1.18
C VAL A 52 -2.98 -9.49 2.62
N SER A 53 -3.79 -10.54 2.80
CA SER A 53 -4.33 -10.91 4.10
C SER A 53 -3.17 -11.16 5.05
N ASP A 54 -2.25 -12.07 4.70
CA ASP A 54 -1.16 -12.41 5.59
C ASP A 54 -0.15 -11.29 5.72
N MET A 55 0.03 -10.47 4.67
CA MET A 55 0.80 -9.24 4.74
C MET A 55 0.31 -8.36 5.89
N LEU A 56 -0.96 -7.99 5.84
CA LEU A 56 -1.61 -7.16 6.84
C LEU A 56 -1.83 -7.89 8.17
N SER A 57 -1.72 -9.22 8.23
CA SER A 57 -1.88 -9.99 9.46
C SER A 57 -0.53 -10.04 10.19
N ARG A 58 0.51 -10.48 9.49
CA ARG A 58 1.82 -10.84 10.04
C ARG A 58 2.88 -10.46 9.00
N PRO A 59 3.22 -9.17 8.85
CA PRO A 59 4.21 -8.72 7.88
C PRO A 59 5.61 -9.19 8.30
N LYS A 60 6.54 -9.19 7.35
CA LYS A 60 7.97 -9.42 7.61
C LYS A 60 8.61 -8.12 8.09
N PRO A 61 9.81 -8.18 8.72
CA PRO A 61 10.65 -7.00 8.85
C PRO A 61 11.12 -6.56 7.46
N TRP A 62 11.38 -5.27 7.30
CA TRP A 62 11.84 -4.67 6.05
C TRP A 62 13.06 -5.40 5.49
N SER A 63 14.02 -5.75 6.35
CA SER A 63 15.24 -6.45 5.99
C SER A 63 14.96 -7.79 5.28
N LYS A 64 13.89 -8.48 5.69
CA LYS A 64 13.52 -9.80 5.18
C LYS A 64 12.63 -9.71 3.94
N LEU A 65 12.24 -8.50 3.52
CA LEU A 65 11.73 -8.26 2.18
C LEU A 65 12.93 -7.86 1.32
N THR A 66 12.90 -8.21 0.04
CA THR A 66 13.78 -7.66 -0.99
C THR A 66 12.90 -6.83 -1.92
N GLN A 67 13.45 -6.14 -2.93
CA GLN A 67 12.67 -5.27 -3.81
C GLN A 67 11.41 -5.98 -4.36
N LYS A 68 11.51 -7.28 -4.70
CA LYS A 68 10.34 -7.99 -5.25
C LYS A 68 9.20 -8.09 -4.24
N GLY A 69 9.52 -8.18 -2.96
CA GLY A 69 8.55 -8.19 -1.87
C GLY A 69 8.29 -6.80 -1.29
N ARG A 70 9.12 -5.80 -1.56
CA ARG A 70 8.90 -4.43 -1.10
C ARG A 70 7.94 -3.70 -2.00
N GLU A 71 7.87 -4.02 -3.30
CA GLU A 71 6.95 -3.44 -4.27
C GLU A 71 5.52 -3.23 -3.72
N PRO A 72 4.82 -4.25 -3.21
CA PRO A 72 3.46 -4.05 -2.71
C PRO A 72 3.43 -3.26 -1.39
N PHE A 73 4.48 -3.32 -0.56
CA PHE A 73 4.63 -2.49 0.63
C PHE A 73 4.85 -1.02 0.24
N ILE A 74 5.57 -0.75 -0.85
CA ILE A 74 5.82 0.58 -1.39
C ILE A 74 4.50 1.19 -1.84
N ARG A 75 3.67 0.44 -2.57
CA ARG A 75 2.34 0.88 -2.92
C ARG A 75 1.51 1.17 -1.68
N MET A 76 1.60 0.30 -0.66
CA MET A 76 0.98 0.54 0.63
C MET A 76 1.37 1.89 1.23
N GLN A 77 2.67 2.25 1.21
CA GLN A 77 3.17 3.51 1.74
C GLN A 77 2.65 4.68 0.92
N LEU A 78 2.84 4.63 -0.40
CA LEU A 78 2.48 5.72 -1.28
C LEU A 78 1.00 6.00 -1.14
N TRP A 79 0.16 4.97 -1.09
CA TRP A 79 -1.26 5.13 -0.90
C TRP A 79 -1.62 5.84 0.41
N LEU A 80 -0.85 5.67 1.48
CA LEU A 80 -1.18 6.35 2.74
C LEU A 80 -1.17 7.86 2.56
N SER A 81 -0.24 8.39 1.76
CA SER A 81 -0.07 9.81 1.56
C SER A 81 -0.82 10.29 0.33
N ASP A 82 -0.73 9.55 -0.78
CA ASP A 82 -1.18 9.90 -2.13
C ASP A 82 -2.61 9.45 -2.41
N GLN A 83 -3.06 8.39 -1.72
CA GLN A 83 -4.20 7.54 -2.05
C GLN A 83 -4.21 6.91 -3.45
N LEU A 84 -3.19 7.13 -4.27
CA LEU A 84 -3.17 6.91 -5.70
C LEU A 84 -4.26 7.73 -6.39
N GLY A 85 -3.93 8.15 -7.60
CA GLY A 85 -4.82 8.82 -8.52
C GLY A 85 -5.76 7.79 -9.14
N GLN A 86 -5.82 7.77 -10.46
CA GLN A 86 -6.48 6.72 -11.20
C GLN A 86 -5.56 5.52 -11.28
N ALA A 87 -4.60 5.51 -12.21
CA ALA A 87 -3.92 4.29 -12.62
C ALA A 87 -2.46 4.61 -12.90
N VAL A 88 -1.55 3.97 -12.19
CA VAL A 88 -0.14 3.95 -12.53
C VAL A 88 0.38 2.52 -12.35
N GLY A 89 1.29 2.10 -13.22
CA GLY A 89 1.86 0.76 -13.24
C GLY A 89 0.96 -0.15 -14.06
N GLN A 90 0.00 -0.83 -13.43
CA GLN A 90 -0.89 -1.76 -14.11
C GLN A 90 -2.21 -1.77 -13.35
N GLN A 91 -3.34 -1.69 -14.06
CA GLN A 91 -4.65 -2.08 -13.55
C GLN A 91 -5.26 -3.08 -14.53
N PRO A 92 -5.82 -4.21 -14.08
CA PRO A 92 -6.61 -5.05 -14.97
C PRO A 92 -7.93 -4.34 -15.29
N GLY A 93 -8.63 -4.82 -16.31
CA GLY A 93 -9.94 -4.27 -16.67
C GLY A 93 -10.43 -4.97 -17.92
N ALA A 94 -10.80 -6.25 -17.79
CA ALA A 94 -11.36 -7.04 -18.87
C ALA A 94 -12.28 -8.08 -18.23
N SER A 95 -13.60 -7.88 -18.33
CA SER A 95 -14.71 -8.62 -17.72
C SER A 95 -14.51 -8.91 -16.23
N SER A 96 -15.15 -8.13 -15.36
CA SER A 96 -15.10 -8.32 -13.91
C SER A 96 -16.40 -7.79 -13.32
N GLY A 97 -17.36 -8.69 -13.08
CA GLY A 97 -18.63 -8.34 -12.47
C GLY A 97 -19.64 -9.46 -12.69
N PRO A 98 -19.66 -10.51 -11.87
CA PRO A 98 -20.71 -11.50 -11.91
C PRO A 98 -22.01 -10.86 -11.42
N SER A 99 -23.11 -11.09 -12.11
CA SER A 99 -24.45 -10.77 -11.63
C SER A 99 -25.43 -11.77 -12.25
N SER A 100 -26.60 -11.92 -11.62
CA SER A 100 -27.57 -12.95 -11.92
C SER A 100 -26.98 -14.38 -11.88
N GLY A 101 -27.83 -15.37 -12.14
CA GLY A 101 -27.72 -16.68 -11.52
C GLY A 101 -27.80 -16.49 -10.01
N GLY A 1 11.44 24.44 -5.44
CA GLY A 1 10.64 24.43 -6.67
C GLY A 1 9.28 25.05 -6.41
N SER A 2 8.28 24.24 -6.10
CA SER A 2 6.93 24.70 -5.79
C SER A 2 6.44 23.86 -4.61
N SER A 3 5.85 22.69 -4.87
CA SER A 3 5.59 21.67 -3.86
C SER A 3 6.88 21.24 -3.17
N GLY A 4 6.78 20.73 -1.95
CA GLY A 4 7.80 19.96 -1.26
C GLY A 4 7.82 18.55 -1.84
N SER A 5 8.18 18.46 -3.11
CA SER A 5 8.38 17.24 -3.86
C SER A 5 9.65 16.57 -3.30
N SER A 6 9.49 15.63 -2.40
CA SER A 6 10.57 14.91 -1.73
C SER A 6 9.95 13.61 -1.22
N GLY A 7 10.29 12.47 -1.80
CA GLY A 7 9.82 11.18 -1.33
C GLY A 7 9.58 10.25 -2.48
N GLN A 8 8.32 9.86 -2.66
CA GLN A 8 7.89 8.76 -3.53
C GLN A 8 8.67 7.47 -3.24
N TYR A 9 8.43 6.45 -4.05
CA TYR A 9 9.01 5.13 -3.88
C TYR A 9 10.54 5.16 -3.90
N GLU A 10 11.14 6.11 -4.62
CA GLU A 10 12.59 6.29 -4.71
C GLU A 10 13.21 6.42 -3.32
N LEU A 11 12.77 7.40 -2.52
CA LEU A 11 13.26 7.65 -1.16
C LEU A 11 13.27 6.35 -0.36
N TYR A 12 12.14 5.65 -0.40
CA TYR A 12 11.89 4.48 0.43
C TYR A 12 12.64 3.24 -0.10
N MET A 13 13.12 3.26 -1.35
CA MET A 13 13.93 2.21 -1.93
C MET A 13 15.34 2.21 -1.31
N TYR A 14 15.85 3.39 -0.93
CA TYR A 14 17.21 3.56 -0.43
C TYR A 14 17.28 3.27 1.07
N ARG A 15 16.30 3.82 1.81
CA ARG A 15 16.15 3.67 3.23
C ARG A 15 15.18 2.52 3.47
N GLU A 16 14.36 2.61 4.50
CA GLU A 16 13.43 1.57 4.90
C GLU A 16 12.24 2.19 5.62
N VAL A 17 11.25 1.36 5.92
CA VAL A 17 10.00 1.69 6.58
C VAL A 17 9.87 0.71 7.77
N ASP A 18 9.10 1.08 8.80
CA ASP A 18 8.68 0.11 9.81
C ASP A 18 7.42 -0.55 9.30
N THR A 19 7.53 -1.78 8.81
CA THR A 19 6.44 -2.47 8.15
C THR A 19 5.27 -2.76 9.11
N LEU A 20 5.50 -2.80 10.42
CA LEU A 20 4.44 -2.99 11.40
C LEU A 20 3.53 -1.77 11.39
N GLU A 21 4.10 -0.61 11.75
CA GLU A 21 3.46 0.70 11.75
C GLU A 21 2.76 0.94 10.41
N LEU A 22 3.44 0.61 9.31
CA LEU A 22 2.84 0.69 7.97
C LEU A 22 1.50 -0.04 7.92
N THR A 23 1.48 -1.35 8.22
CA THR A 23 0.24 -2.13 8.12
C THR A 23 -0.83 -1.59 9.07
N ARG A 24 -0.40 -1.12 10.25
CA ARG A 24 -1.28 -0.45 11.22
C ARG A 24 -1.97 0.77 10.60
N GLN A 25 -1.20 1.76 10.16
CA GLN A 25 -1.67 3.02 9.58
C GLN A 25 -2.57 2.75 8.37
N VAL A 26 -2.19 1.77 7.53
CA VAL A 26 -2.96 1.28 6.39
C VAL A 26 -4.35 0.84 6.87
N LYS A 27 -4.42 -0.17 7.74
CA LYS A 27 -5.69 -0.72 8.23
C LYS A 27 -6.58 0.34 8.87
N GLU A 28 -5.99 1.35 9.50
CA GLU A 28 -6.69 2.46 10.09
C GLU A 28 -7.39 3.32 9.03
N LYS A 29 -6.71 3.78 7.98
CA LYS A 29 -7.38 4.57 6.92
C LYS A 29 -8.42 3.73 6.18
N LEU A 30 -8.24 2.41 6.09
CA LEU A 30 -9.22 1.52 5.49
C LEU A 30 -10.50 1.43 6.33
N ALA A 31 -10.37 1.44 7.64
CA ALA A 31 -11.51 1.66 8.52
C ALA A 31 -12.11 3.04 8.22
N LYS A 32 -11.28 4.09 8.23
CA LYS A 32 -11.69 5.49 8.02
C LYS A 32 -12.57 5.66 6.79
N ASN A 33 -12.13 5.15 5.64
CA ASN A 33 -12.82 5.29 4.35
C ASN A 33 -13.78 4.13 4.08
N GLY A 34 -13.77 3.11 4.93
CA GLY A 34 -14.59 1.92 4.82
C GLY A 34 -14.33 1.11 3.55
N ILE A 35 -13.10 0.67 3.29
CA ILE A 35 -12.72 0.01 2.03
C ILE A 35 -12.27 -1.43 2.33
N CYS A 36 -12.76 -2.39 1.53
CA CYS A 36 -12.58 -3.83 1.74
C CYS A 36 -11.20 -4.34 1.37
N GLN A 37 -10.56 -5.07 2.29
CA GLN A 37 -9.16 -5.50 2.26
C GLN A 37 -8.86 -6.37 1.04
N ARG A 38 -9.75 -7.29 0.72
CA ARG A 38 -9.78 -8.08 -0.51
C ARG A 38 -9.61 -7.22 -1.78
N ILE A 39 -10.32 -6.10 -1.89
CA ILE A 39 -10.40 -5.27 -3.08
C ILE A 39 -9.17 -4.37 -3.14
N PHE A 40 -8.74 -3.79 -2.00
CA PHE A 40 -7.50 -3.01 -1.93
C PHE A 40 -6.35 -3.85 -2.47
N GLY A 41 -6.24 -5.09 -1.96
CA GLY A 41 -5.17 -5.99 -2.34
C GLY A 41 -5.17 -6.29 -3.83
N GLU A 42 -6.33 -6.61 -4.39
CA GLU A 42 -6.50 -6.82 -5.82
C GLU A 42 -6.07 -5.56 -6.58
N LYS A 43 -6.80 -4.47 -6.40
CA LYS A 43 -6.81 -3.37 -7.35
C LYS A 43 -5.66 -2.40 -7.15
N VAL A 44 -5.20 -2.18 -5.93
CA VAL A 44 -4.00 -1.40 -5.68
C VAL A 44 -2.81 -2.36 -5.70
N LEU A 45 -2.76 -3.31 -4.77
CA LEU A 45 -1.51 -4.00 -4.46
C LEU A 45 -1.16 -5.09 -5.47
N GLY A 46 -2.08 -5.51 -6.33
CA GLY A 46 -1.81 -6.57 -7.29
C GLY A 46 -1.55 -7.91 -6.62
N LEU A 47 -2.22 -8.20 -5.49
CA LEU A 47 -2.06 -9.45 -4.76
C LEU A 47 -3.42 -10.05 -4.44
N SER A 48 -3.45 -11.37 -4.35
CA SER A 48 -4.64 -12.12 -3.98
C SER A 48 -5.00 -11.87 -2.51
N GLN A 49 -6.29 -12.04 -2.21
CA GLN A 49 -6.89 -11.71 -0.92
C GLN A 49 -6.16 -12.41 0.23
N GLY A 50 -5.87 -13.70 0.08
CA GLY A 50 -5.20 -14.48 1.12
C GLY A 50 -3.82 -13.90 1.40
N SER A 51 -3.01 -13.73 0.36
CA SER A 51 -1.65 -13.24 0.46
C SER A 51 -1.59 -11.83 1.05
N VAL A 52 -2.44 -10.90 0.61
CA VAL A 52 -2.51 -9.58 1.21
C VAL A 52 -2.87 -9.66 2.70
N SER A 53 -3.68 -10.64 3.08
CA SER A 53 -4.04 -10.87 4.46
C SER A 53 -2.79 -11.29 5.23
N ASP A 54 -2.00 -12.22 4.69
CA ASP A 54 -0.80 -12.70 5.36
C ASP A 54 0.14 -11.52 5.63
N MET A 55 0.21 -10.57 4.69
CA MET A 55 0.93 -9.32 4.85
C MET A 55 0.43 -8.53 6.06
N LEU A 56 -0.82 -8.07 6.03
CA LEU A 56 -1.34 -7.19 7.07
C LEU A 56 -1.41 -7.89 8.44
N SER A 57 -1.70 -9.19 8.43
CA SER A 57 -1.82 -10.02 9.62
C SER A 57 -0.44 -10.25 10.24
N ARG A 58 0.53 -10.72 9.45
CA ARG A 58 1.85 -11.10 9.91
C ARG A 58 2.87 -10.57 8.91
N PRO A 59 3.22 -9.27 8.98
CA PRO A 59 4.20 -8.67 8.10
C PRO A 59 5.58 -9.32 8.30
N LYS A 60 6.53 -9.02 7.42
CA LYS A 60 7.95 -9.22 7.66
C LYS A 60 8.66 -7.87 7.75
N PRO A 61 9.82 -7.80 8.43
CA PRO A 61 10.57 -6.57 8.54
C PRO A 61 11.13 -6.16 7.18
N TRP A 62 11.43 -4.87 6.99
CA TRP A 62 12.00 -4.37 5.74
C TRP A 62 13.28 -5.12 5.36
N SER A 63 14.16 -5.37 6.33
CA SER A 63 15.39 -6.14 6.15
C SER A 63 15.15 -7.57 5.63
N LYS A 64 13.93 -8.11 5.69
CA LYS A 64 13.59 -9.42 5.12
C LYS A 64 12.90 -9.31 3.77
N LEU A 65 12.37 -8.15 3.40
CA LEU A 65 11.78 -7.96 2.08
C LEU A 65 12.91 -7.63 1.12
N THR A 66 12.88 -8.19 -0.08
CA THR A 66 13.72 -7.81 -1.22
C THR A 66 12.90 -6.88 -2.14
N GLN A 67 13.47 -6.28 -3.19
CA GLN A 67 12.75 -5.36 -4.07
C GLN A 67 11.38 -5.89 -4.55
N LYS A 68 11.23 -7.17 -4.89
CA LYS A 68 9.92 -7.66 -5.35
C LYS A 68 8.97 -8.03 -4.20
N GLY A 69 9.53 -8.27 -3.01
CA GLY A 69 8.76 -8.31 -1.77
C GLY A 69 8.38 -6.91 -1.29
N ARG A 70 9.14 -5.87 -1.64
CA ARG A 70 8.95 -4.49 -1.23
C ARG A 70 7.87 -3.82 -2.06
N GLU A 71 7.69 -4.22 -3.33
CA GLU A 71 6.67 -3.71 -4.26
C GLU A 71 5.30 -3.42 -3.61
N PRO A 72 4.62 -4.39 -2.98
CA PRO A 72 3.29 -4.14 -2.41
C PRO A 72 3.39 -3.26 -1.16
N PHE A 73 4.46 -3.39 -0.37
CA PHE A 73 4.67 -2.55 0.79
C PHE A 73 4.85 -1.09 0.37
N ILE A 74 5.52 -0.81 -0.74
CA ILE A 74 5.71 0.52 -1.29
C ILE A 74 4.35 1.09 -1.69
N ARG A 75 3.50 0.33 -2.40
CA ARG A 75 2.19 0.81 -2.76
C ARG A 75 1.32 1.04 -1.54
N MET A 76 1.51 0.26 -0.46
CA MET A 76 0.92 0.57 0.84
C MET A 76 1.38 1.94 1.35
N GLN A 77 2.69 2.22 1.35
CA GLN A 77 3.30 3.46 1.85
C GLN A 77 2.84 4.69 1.07
N LEU A 78 2.64 4.52 -0.24
CA LEU A 78 2.14 5.58 -1.09
C LEU A 78 0.67 5.74 -0.84
N TRP A 79 -0.15 4.70 -1.05
CA TRP A 79 -1.59 4.76 -0.92
C TRP A 79 -2.05 5.42 0.38
N LEU A 80 -1.27 5.26 1.45
CA LEU A 80 -1.46 5.92 2.72
C LEU A 80 -1.76 7.40 2.53
N SER A 81 -0.83 8.17 1.97
CA SER A 81 -0.99 9.60 1.79
C SER A 81 -1.52 9.92 0.39
N ASP A 82 -1.05 9.20 -0.62
CA ASP A 82 -1.34 9.40 -2.04
C ASP A 82 -2.80 9.12 -2.36
N GLN A 83 -3.35 8.06 -1.75
CA GLN A 83 -4.66 7.47 -2.02
C GLN A 83 -4.86 7.02 -3.47
N LEU A 84 -3.80 6.95 -4.29
CA LEU A 84 -3.78 6.69 -5.73
C LEU A 84 -4.86 7.48 -6.46
N GLY A 85 -4.52 8.70 -6.85
CA GLY A 85 -5.36 9.60 -7.63
C GLY A 85 -5.45 9.18 -9.09
N GLN A 86 -5.84 7.94 -9.36
CA GLN A 86 -6.20 7.46 -10.67
C GLN A 86 -7.43 8.17 -11.20
N ALA A 87 -8.59 8.08 -10.51
CA ALA A 87 -9.87 8.38 -11.11
C ALA A 87 -11.00 8.56 -10.09
N VAL A 88 -11.32 9.80 -9.70
CA VAL A 88 -12.50 10.14 -8.91
C VAL A 88 -12.93 11.59 -9.24
N GLY A 89 -14.24 11.82 -9.32
CA GLY A 89 -14.86 13.09 -9.69
C GLY A 89 -15.95 12.83 -10.73
N GLN A 90 -17.15 13.37 -10.55
CA GLN A 90 -18.24 13.22 -11.51
C GLN A 90 -17.92 14.07 -12.73
N GLN A 91 -17.52 13.45 -13.83
CA GLN A 91 -17.01 14.12 -15.04
C GLN A 91 -17.59 13.45 -16.30
N PRO A 92 -17.57 14.11 -17.48
CA PRO A 92 -18.12 13.56 -18.71
C PRO A 92 -17.13 12.59 -19.39
N GLY A 93 -17.03 11.36 -18.88
CA GLY A 93 -16.23 10.30 -19.47
C GLY A 93 -16.90 9.70 -20.69
N ALA A 94 -16.13 9.04 -21.56
CA ALA A 94 -16.65 8.36 -22.74
C ALA A 94 -17.13 6.96 -22.34
N SER A 95 -18.22 6.88 -21.58
CA SER A 95 -18.87 5.64 -21.26
C SER A 95 -19.43 5.06 -22.57
N SER A 96 -18.95 3.88 -22.96
CA SER A 96 -19.24 3.28 -24.25
C SER A 96 -20.73 2.87 -24.36
N GLY A 97 -21.17 2.62 -25.59
CA GLY A 97 -22.52 2.17 -25.90
C GLY A 97 -22.68 0.66 -25.68
N PRO A 98 -23.81 0.06 -26.11
CA PRO A 98 -23.98 -1.38 -26.09
C PRO A 98 -22.99 -2.07 -27.05
N SER A 99 -22.89 -3.40 -26.94
CA SER A 99 -22.01 -4.25 -27.73
C SER A 99 -22.74 -5.50 -28.25
N SER A 100 -24.07 -5.56 -28.08
CA SER A 100 -24.96 -6.54 -28.69
C SER A 100 -26.34 -5.86 -28.80
N GLY A 101 -27.24 -6.44 -29.59
CA GLY A 101 -28.53 -5.92 -29.96
C GLY A 101 -28.92 -6.60 -31.26
N GLY A 1 18.46 17.03 1.43
CA GLY A 1 19.18 18.22 0.96
C GLY A 1 18.19 19.35 0.66
N SER A 2 18.49 20.20 -0.32
CA SER A 2 17.55 21.17 -0.85
C SER A 2 16.69 20.51 -1.94
N SER A 3 17.17 20.41 -3.17
CA SER A 3 16.51 19.66 -4.23
C SER A 3 16.75 18.17 -4.04
N GLY A 4 15.95 17.34 -4.70
CA GLY A 4 15.84 15.90 -4.41
C GLY A 4 14.38 15.50 -4.58
N SER A 5 13.92 14.46 -3.88
CA SER A 5 12.50 14.21 -3.66
C SER A 5 12.26 14.03 -2.16
N SER A 6 11.00 13.97 -1.74
CA SER A 6 10.60 14.10 -0.35
C SER A 6 9.43 13.17 -0.08
N GLY A 7 9.69 11.87 0.03
CA GLY A 7 8.65 10.86 0.17
C GLY A 7 8.16 10.48 -1.23
N GLN A 8 8.77 9.46 -1.81
CA GLN A 8 8.35 8.74 -3.00
C GLN A 8 9.00 7.36 -2.91
N TYR A 9 8.59 6.43 -3.77
CA TYR A 9 9.14 5.07 -3.76
C TYR A 9 10.66 5.05 -3.90
N GLU A 10 11.24 6.02 -4.60
CA GLU A 10 12.67 6.10 -4.83
C GLU A 10 13.43 6.24 -3.50
N LEU A 11 12.88 7.02 -2.55
CA LEU A 11 13.45 7.20 -1.21
C LEU A 11 13.53 5.83 -0.53
N TYR A 12 12.47 5.04 -0.69
CA TYR A 12 12.32 3.74 -0.08
C TYR A 12 12.97 2.63 -0.92
N MET A 13 13.58 2.95 -2.06
CA MET A 13 14.43 2.03 -2.77
C MET A 13 15.69 1.74 -1.94
N TYR A 14 16.10 2.71 -1.11
CA TYR A 14 17.22 2.59 -0.18
C TYR A 14 16.67 2.44 1.23
N ARG A 15 16.04 3.49 1.76
CA ARG A 15 15.77 3.65 3.18
C ARG A 15 14.63 2.73 3.62
N GLU A 16 14.66 2.37 4.90
CA GLU A 16 13.70 1.47 5.52
C GLU A 16 12.45 2.19 6.00
N VAL A 17 11.46 1.40 6.39
CA VAL A 17 10.16 1.83 6.88
C VAL A 17 9.72 0.77 7.89
N ASP A 18 8.86 1.15 8.84
CA ASP A 18 8.36 0.23 9.85
C ASP A 18 7.17 -0.47 9.23
N THR A 19 7.40 -1.63 8.61
CA THR A 19 6.38 -2.38 7.90
C THR A 19 5.21 -2.79 8.80
N LEU A 20 5.44 -2.89 10.12
CA LEU A 20 4.44 -3.26 11.12
C LEU A 20 3.53 -2.06 11.46
N GLU A 21 4.08 -0.85 11.44
CA GLU A 21 3.31 0.37 11.64
C GLU A 21 2.61 0.75 10.34
N LEU A 22 3.26 0.48 9.20
CA LEU A 22 2.69 0.70 7.89
C LEU A 22 1.38 -0.06 7.76
N THR A 23 1.38 -1.38 7.95
CA THR A 23 0.16 -2.17 7.85
C THR A 23 -0.90 -1.58 8.75
N ARG A 24 -0.52 -1.28 10.00
CA ARG A 24 -1.36 -0.62 10.98
C ARG A 24 -2.04 0.62 10.41
N GLN A 25 -1.29 1.61 9.94
CA GLN A 25 -1.81 2.84 9.39
C GLN A 25 -2.72 2.59 8.19
N VAL A 26 -2.36 1.61 7.34
CA VAL A 26 -3.19 1.20 6.22
C VAL A 26 -4.52 0.67 6.75
N LYS A 27 -4.51 -0.24 7.72
CA LYS A 27 -5.71 -0.87 8.29
C LYS A 27 -6.55 0.18 9.00
N GLU A 28 -5.94 1.13 9.68
CA GLU A 28 -6.60 2.29 10.26
C GLU A 28 -7.31 3.09 9.16
N LYS A 29 -6.59 3.51 8.12
CA LYS A 29 -7.16 4.37 7.06
C LYS A 29 -8.23 3.62 6.26
N LEU A 30 -8.07 2.33 6.00
CA LEU A 30 -9.08 1.52 5.33
C LEU A 30 -10.31 1.40 6.21
N ALA A 31 -10.15 1.23 7.53
CA ALA A 31 -11.28 1.26 8.46
C ALA A 31 -11.93 2.65 8.53
N LYS A 32 -11.15 3.73 8.42
CA LYS A 32 -11.60 5.11 8.40
C LYS A 32 -12.47 5.35 7.16
N ASN A 33 -11.91 5.16 5.97
CA ASN A 33 -12.60 5.36 4.70
C ASN A 33 -13.60 4.23 4.40
N GLY A 34 -13.63 3.18 5.21
CA GLY A 34 -14.50 2.02 5.08
C GLY A 34 -14.29 1.34 3.73
N ILE A 35 -13.16 0.67 3.55
CA ILE A 35 -12.77 0.00 2.32
C ILE A 35 -12.43 -1.45 2.65
N CYS A 36 -12.76 -2.38 1.77
CA CYS A 36 -12.42 -3.78 1.91
C CYS A 36 -10.93 -3.98 1.68
N GLN A 37 -10.21 -4.46 2.70
CA GLN A 37 -8.77 -4.76 2.63
C GLN A 37 -8.46 -5.72 1.47
N ARG A 38 -9.38 -6.67 1.20
CA ARG A 38 -9.30 -7.59 0.08
C ARG A 38 -9.29 -6.87 -1.25
N ILE A 39 -10.25 -5.98 -1.49
CA ILE A 39 -10.41 -5.33 -2.79
C ILE A 39 -9.26 -4.36 -3.01
N PHE A 40 -8.88 -3.61 -1.97
CA PHE A 40 -7.66 -2.81 -1.98
C PHE A 40 -6.49 -3.67 -2.47
N GLY A 41 -6.32 -4.84 -1.87
CA GLY A 41 -5.29 -5.78 -2.25
C GLY A 41 -5.36 -6.20 -3.71
N GLU A 42 -6.53 -6.67 -4.14
CA GLU A 42 -6.81 -7.13 -5.50
C GLU A 42 -6.52 -6.05 -6.54
N LYS A 43 -6.82 -4.78 -6.25
CA LYS A 43 -6.84 -3.72 -7.25
C LYS A 43 -5.67 -2.76 -7.10
N VAL A 44 -5.48 -2.16 -5.93
CA VAL A 44 -4.36 -1.25 -5.70
C VAL A 44 -3.07 -2.07 -5.77
N LEU A 45 -2.93 -3.10 -4.93
CA LEU A 45 -1.68 -3.85 -4.87
C LEU A 45 -1.56 -4.86 -6.02
N GLY A 46 -2.67 -5.28 -6.62
CA GLY A 46 -2.68 -6.34 -7.62
C GLY A 46 -2.22 -7.69 -7.05
N LEU A 47 -2.33 -7.90 -5.72
CA LEU A 47 -1.93 -9.15 -5.07
C LEU A 47 -3.12 -10.10 -4.96
N SER A 48 -2.84 -11.35 -4.61
CA SER A 48 -3.86 -12.33 -4.29
C SER A 48 -4.42 -12.04 -2.90
N GLN A 49 -5.67 -12.45 -2.72
CA GLN A 49 -6.51 -12.13 -1.57
C GLN A 49 -5.92 -12.64 -0.26
N GLY A 50 -5.40 -13.87 -0.25
CA GLY A 50 -4.80 -14.49 0.92
C GLY A 50 -3.39 -13.98 1.17
N SER A 51 -2.62 -13.71 0.10
CA SER A 51 -1.34 -13.03 0.22
C SER A 51 -1.55 -11.71 0.97
N VAL A 52 -2.48 -10.88 0.51
CA VAL A 52 -2.78 -9.59 1.13
C VAL A 52 -3.31 -9.75 2.57
N SER A 53 -3.93 -10.90 2.87
CA SER A 53 -4.41 -11.21 4.20
C SER A 53 -3.23 -11.45 5.14
N ASP A 54 -2.31 -12.34 4.76
CA ASP A 54 -1.10 -12.62 5.54
C ASP A 54 -0.25 -11.36 5.67
N MET A 55 -0.25 -10.50 4.66
CA MET A 55 0.43 -9.22 4.68
C MET A 55 -0.06 -8.39 5.85
N LEU A 56 -1.34 -8.06 5.89
CA LEU A 56 -1.93 -7.23 6.94
C LEU A 56 -2.05 -7.90 8.30
N SER A 57 -1.88 -9.21 8.41
CA SER A 57 -1.91 -9.90 9.70
C SER A 57 -0.51 -10.03 10.28
N ARG A 58 0.44 -10.61 9.53
CA ARG A 58 1.77 -10.97 10.03
C ARG A 58 2.85 -10.50 9.04
N PRO A 59 3.03 -9.18 8.86
CA PRO A 59 3.99 -8.63 7.90
C PRO A 59 5.43 -8.98 8.28
N LYS A 60 6.36 -8.87 7.34
CA LYS A 60 7.77 -9.17 7.54
C LYS A 60 8.51 -7.85 7.77
N PRO A 61 9.63 -7.83 8.51
CA PRO A 61 10.39 -6.61 8.73
C PRO A 61 11.03 -6.18 7.41
N TRP A 62 11.28 -4.88 7.24
CA TRP A 62 11.86 -4.31 6.03
C TRP A 62 13.12 -5.05 5.59
N SER A 63 13.97 -5.36 6.56
CA SER A 63 15.26 -5.99 6.41
C SER A 63 15.15 -7.32 5.67
N LYS A 64 14.11 -8.09 5.98
CA LYS A 64 13.89 -9.43 5.43
C LYS A 64 13.26 -9.39 4.04
N LEU A 65 12.62 -8.29 3.66
CA LEU A 65 12.06 -8.15 2.33
C LEU A 65 13.19 -7.78 1.37
N THR A 66 12.99 -8.05 0.08
CA THR A 66 13.92 -7.76 -1.00
C THR A 66 13.29 -6.70 -1.92
N GLN A 67 13.92 -6.27 -3.03
CA GLN A 67 13.25 -5.34 -3.97
C GLN A 67 11.87 -5.87 -4.36
N LYS A 68 11.80 -7.15 -4.76
CA LYS A 68 10.54 -7.78 -5.13
C LYS A 68 9.62 -7.83 -3.91
N GLY A 69 10.14 -8.21 -2.74
CA GLY A 69 9.33 -8.25 -1.52
C GLY A 69 8.78 -6.89 -1.11
N ARG A 70 9.44 -5.78 -1.45
CA ARG A 70 9.11 -4.44 -0.96
C ARG A 70 8.12 -3.73 -1.87
N GLU A 71 8.05 -4.12 -3.14
CA GLU A 71 7.12 -3.60 -4.15
C GLU A 71 5.69 -3.33 -3.62
N PRO A 72 4.96 -4.31 -3.09
CA PRO A 72 3.58 -4.08 -2.65
C PRO A 72 3.53 -3.22 -1.38
N PHE A 73 4.47 -3.38 -0.45
CA PHE A 73 4.59 -2.54 0.73
C PHE A 73 4.74 -1.06 0.34
N ILE A 74 5.53 -0.76 -0.68
CA ILE A 74 5.70 0.60 -1.21
C ILE A 74 4.34 1.15 -1.66
N ARG A 75 3.53 0.38 -2.40
CA ARG A 75 2.23 0.86 -2.81
C ARG A 75 1.31 1.06 -1.61
N MET A 76 1.44 0.23 -0.56
CA MET A 76 0.78 0.48 0.71
C MET A 76 1.14 1.87 1.28
N GLN A 77 2.43 2.24 1.26
CA GLN A 77 2.93 3.54 1.74
C GLN A 77 2.35 4.66 0.89
N LEU A 78 2.50 4.54 -0.43
CA LEU A 78 2.08 5.60 -1.33
C LEU A 78 0.60 5.85 -1.17
N TRP A 79 -0.21 4.81 -1.13
CA TRP A 79 -1.65 4.96 -1.00
C TRP A 79 -2.05 5.72 0.26
N LEU A 80 -1.31 5.60 1.36
CA LEU A 80 -1.63 6.31 2.60
C LEU A 80 -1.72 7.80 2.35
N SER A 81 -0.79 8.37 1.58
CA SER A 81 -0.75 9.80 1.28
C SER A 81 -1.45 10.11 -0.05
N ASP A 82 -0.98 9.45 -1.12
CA ASP A 82 -1.30 9.70 -2.53
C ASP A 82 -2.71 9.23 -2.88
N GLN A 83 -3.25 8.23 -2.16
CA GLN A 83 -4.45 7.49 -2.49
C GLN A 83 -4.46 6.88 -3.90
N LEU A 84 -3.31 6.83 -4.59
CA LEU A 84 -3.15 6.47 -6.00
C LEU A 84 -4.22 7.12 -6.85
N GLY A 85 -4.06 8.43 -7.09
CA GLY A 85 -4.92 9.16 -7.99
C GLY A 85 -4.51 8.88 -9.42
N GLN A 86 -3.36 9.40 -9.82
CA GLN A 86 -2.80 9.31 -11.15
C GLN A 86 -1.28 9.38 -11.06
N ALA A 87 -0.76 10.47 -10.50
CA ALA A 87 0.63 10.87 -10.52
C ALA A 87 0.82 11.96 -9.47
N VAL A 88 1.93 11.94 -8.76
CA VAL A 88 2.32 12.98 -7.81
C VAL A 88 3.84 12.89 -7.60
N GLY A 89 4.52 14.02 -7.41
CA GLY A 89 5.97 14.07 -7.24
C GLY A 89 6.46 15.49 -6.99
N GLN A 90 6.50 16.31 -8.04
CA GLN A 90 6.77 17.74 -7.91
C GLN A 90 5.59 18.37 -7.15
N GLN A 91 5.90 19.03 -6.05
CA GLN A 91 4.96 19.71 -5.18
C GLN A 91 5.67 20.93 -4.62
N PRO A 92 4.95 21.98 -4.17
CA PRO A 92 5.49 22.91 -3.20
C PRO A 92 5.55 22.15 -1.87
N GLY A 93 6.74 21.86 -1.35
CA GLY A 93 6.85 21.28 -0.01
C GLY A 93 6.33 22.29 1.01
N ALA A 94 6.85 23.52 0.92
CA ALA A 94 6.64 24.61 1.86
C ALA A 94 6.80 24.11 3.30
N SER A 95 7.88 23.37 3.52
CA SER A 95 8.27 22.81 4.81
C SER A 95 9.56 23.49 5.26
N SER A 96 9.91 23.37 6.54
CA SER A 96 11.16 23.81 7.12
C SER A 96 11.73 22.66 7.94
N GLY A 97 13.04 22.68 8.19
CA GLY A 97 13.74 21.64 8.93
C GLY A 97 15.24 21.93 9.00
N PRO A 98 16.00 21.13 9.77
CA PRO A 98 17.39 21.39 10.08
C PRO A 98 18.29 21.16 8.86
N SER A 99 18.20 20.00 8.23
CA SER A 99 19.24 19.42 7.38
C SER A 99 20.58 19.31 8.14
N SER A 100 21.61 18.73 7.51
CA SER A 100 22.89 18.39 8.13
C SER A 100 22.74 17.77 9.52
N GLY A 101 22.15 16.58 9.53
CA GLY A 101 21.93 15.75 10.69
C GLY A 101 21.38 14.43 10.20
N GLY A 1 27.09 14.79 -8.54
CA GLY A 1 26.03 14.01 -7.90
C GLY A 1 24.78 14.02 -8.77
N SER A 2 23.74 13.29 -8.36
CA SER A 2 22.58 12.92 -9.17
C SER A 2 23.00 11.99 -10.32
N SER A 3 22.00 11.31 -10.90
CA SER A 3 22.07 10.55 -12.13
C SER A 3 20.81 10.75 -13.00
N GLY A 4 19.84 11.57 -12.54
CA GLY A 4 18.53 11.63 -13.16
C GLY A 4 17.76 10.33 -13.01
N SER A 5 16.58 10.29 -13.63
CA SER A 5 15.41 9.50 -13.23
C SER A 5 14.93 9.90 -11.83
N SER A 6 13.62 9.78 -11.62
CA SER A 6 12.95 10.11 -10.38
C SER A 6 11.69 9.25 -10.30
N GLY A 7 11.20 8.99 -9.10
CA GLY A 7 10.04 8.15 -8.89
C GLY A 7 9.67 8.17 -7.42
N GLN A 8 8.37 8.16 -7.11
CA GLN A 8 7.92 8.16 -5.72
C GLN A 8 8.42 6.95 -4.91
N TYR A 9 8.66 5.87 -5.64
CA TYR A 9 8.97 4.54 -5.13
C TYR A 9 10.45 4.34 -4.92
N GLU A 10 11.28 4.87 -5.83
CA GLU A 10 12.73 4.68 -5.76
C GLU A 10 13.30 5.35 -4.51
N LEU A 11 12.63 6.40 -4.01
CA LEU A 11 12.85 6.96 -2.67
C LEU A 11 12.90 5.84 -1.62
N TYR A 12 11.87 5.01 -1.60
CA TYR A 12 11.70 3.93 -0.63
C TYR A 12 12.53 2.69 -1.00
N MET A 13 13.34 2.72 -2.07
CA MET A 13 14.41 1.78 -2.31
C MET A 13 15.67 2.12 -1.53
N TYR A 14 15.75 3.29 -0.89
CA TYR A 14 16.97 3.80 -0.24
C TYR A 14 16.92 3.70 1.29
N ARG A 15 15.73 3.48 1.84
CA ARG A 15 15.37 3.81 3.22
C ARG A 15 14.65 2.62 3.86
N GLU A 16 14.34 2.70 5.14
CA GLU A 16 13.71 1.64 5.92
C GLU A 16 12.40 2.15 6.48
N VAL A 17 11.52 1.23 6.85
CA VAL A 17 10.18 1.52 7.33
C VAL A 17 9.73 0.36 8.19
N ASP A 18 8.97 0.68 9.25
CA ASP A 18 8.39 -0.29 10.14
C ASP A 18 7.14 -0.87 9.51
N THR A 19 7.27 -2.04 8.87
CA THR A 19 6.19 -2.73 8.18
C THR A 19 4.98 -2.96 9.10
N LEU A 20 5.18 -3.13 10.41
CA LEU A 20 4.15 -3.33 11.39
C LEU A 20 3.29 -2.08 11.57
N GLU A 21 3.90 -0.90 11.57
CA GLU A 21 3.22 0.38 11.73
C GLU A 21 2.62 0.81 10.40
N LEU A 22 3.29 0.55 9.27
CA LEU A 22 2.75 0.77 7.94
C LEU A 22 1.40 0.06 7.83
N THR A 23 1.39 -1.25 8.05
CA THR A 23 0.21 -2.07 7.86
C THR A 23 -0.90 -1.58 8.78
N ARG A 24 -0.55 -1.20 10.02
CA ARG A 24 -1.48 -0.56 10.95
C ARG A 24 -2.12 0.70 10.35
N GLN A 25 -1.34 1.71 9.95
CA GLN A 25 -1.85 2.93 9.33
C GLN A 25 -2.75 2.64 8.13
N VAL A 26 -2.35 1.69 7.29
CA VAL A 26 -3.12 1.20 6.17
C VAL A 26 -4.47 0.69 6.69
N LYS A 27 -4.49 -0.29 7.61
CA LYS A 27 -5.72 -0.86 8.18
C LYS A 27 -6.63 0.21 8.78
N GLU A 28 -6.07 1.19 9.50
CA GLU A 28 -6.85 2.28 10.05
C GLU A 28 -7.48 3.11 8.93
N LYS A 29 -6.72 3.60 7.94
CA LYS A 29 -7.29 4.38 6.84
C LYS A 29 -8.33 3.57 6.05
N LEU A 30 -8.16 2.26 5.92
CA LEU A 30 -9.14 1.38 5.29
C LEU A 30 -10.44 1.40 6.09
N ALA A 31 -10.36 1.18 7.40
CA ALA A 31 -11.53 1.24 8.28
C ALA A 31 -12.19 2.62 8.20
N LYS A 32 -11.39 3.68 8.26
CA LYS A 32 -11.77 5.10 8.24
C LYS A 32 -12.74 5.40 7.11
N ASN A 33 -12.38 5.01 5.88
CA ASN A 33 -13.23 5.26 4.72
C ASN A 33 -14.27 4.16 4.53
N GLY A 34 -14.04 2.97 5.08
CA GLY A 34 -14.89 1.81 4.93
C GLY A 34 -14.55 1.09 3.63
N ILE A 35 -13.34 0.54 3.58
CA ILE A 35 -12.72 -0.10 2.42
C ILE A 35 -12.37 -1.53 2.83
N CYS A 36 -12.94 -2.51 2.14
CA CYS A 36 -12.57 -3.90 2.33
C CYS A 36 -11.09 -4.07 1.99
N GLN A 37 -10.34 -4.62 2.94
CA GLN A 37 -8.90 -4.78 2.84
C GLN A 37 -8.53 -5.75 1.72
N ARG A 38 -9.34 -6.80 1.51
CA ARG A 38 -9.16 -7.74 0.41
C ARG A 38 -9.20 -6.98 -0.91
N ILE A 39 -10.25 -6.21 -1.16
CA ILE A 39 -10.45 -5.50 -2.42
C ILE A 39 -9.34 -4.47 -2.59
N PHE A 40 -8.95 -3.74 -1.54
CA PHE A 40 -7.78 -2.86 -1.58
C PHE A 40 -6.58 -3.64 -2.11
N GLY A 41 -6.34 -4.83 -1.58
CA GLY A 41 -5.23 -5.68 -1.98
C GLY A 41 -5.37 -6.19 -3.40
N GLU A 42 -6.56 -6.55 -3.83
CA GLU A 42 -6.84 -7.06 -5.18
C GLU A 42 -6.72 -5.98 -6.24
N LYS A 43 -6.77 -4.69 -5.86
CA LYS A 43 -6.88 -3.58 -6.80
C LYS A 43 -5.71 -2.62 -6.68
N VAL A 44 -5.56 -1.97 -5.53
CA VAL A 44 -4.52 -0.98 -5.32
C VAL A 44 -3.17 -1.68 -5.33
N LEU A 45 -3.03 -2.78 -4.59
CA LEU A 45 -1.82 -3.59 -4.65
C LEU A 45 -1.85 -4.45 -5.92
N GLY A 46 -3.02 -4.99 -6.27
CA GLY A 46 -3.23 -5.79 -7.48
C GLY A 46 -2.93 -7.28 -7.29
N LEU A 47 -2.73 -7.74 -6.04
CA LEU A 47 -2.24 -9.07 -5.71
C LEU A 47 -3.38 -10.09 -5.58
N SER A 48 -2.99 -11.36 -5.39
CA SER A 48 -3.80 -12.46 -4.90
C SER A 48 -4.34 -12.11 -3.52
N GLN A 49 -5.61 -12.47 -3.27
CA GLN A 49 -6.34 -12.07 -2.07
C GLN A 49 -5.68 -12.57 -0.77
N GLY A 50 -5.37 -13.86 -0.66
CA GLY A 50 -4.90 -14.45 0.60
C GLY A 50 -3.52 -13.94 1.00
N SER A 51 -2.66 -13.70 0.01
CA SER A 51 -1.35 -13.10 0.19
C SER A 51 -1.48 -11.77 0.94
N VAL A 52 -2.51 -10.98 0.63
CA VAL A 52 -2.75 -9.66 1.21
C VAL A 52 -3.24 -9.79 2.66
N SER A 53 -3.92 -10.90 2.96
CA SER A 53 -4.36 -11.27 4.29
C SER A 53 -3.11 -11.58 5.11
N ASP A 54 -2.25 -12.50 4.66
CA ASP A 54 -1.03 -12.85 5.38
C ASP A 54 -0.07 -11.65 5.48
N MET A 55 -0.13 -10.71 4.55
CA MET A 55 0.60 -9.44 4.61
C MET A 55 0.14 -8.63 5.82
N LEU A 56 -1.11 -8.13 5.80
CA LEU A 56 -1.63 -7.27 6.86
C LEU A 56 -1.70 -7.97 8.22
N SER A 57 -1.95 -9.28 8.25
CA SER A 57 -2.03 -10.07 9.48
C SER A 57 -0.63 -10.24 10.11
N ARG A 58 0.41 -10.49 9.30
CA ARG A 58 1.73 -10.88 9.79
C ARG A 58 2.83 -10.44 8.82
N PRO A 59 3.14 -9.13 8.72
CA PRO A 59 4.20 -8.66 7.84
C PRO A 59 5.56 -9.05 8.41
N LYS A 60 6.50 -9.43 7.55
CA LYS A 60 7.90 -9.62 7.95
C LYS A 60 8.61 -8.26 8.08
N PRO A 61 9.81 -8.20 8.69
CA PRO A 61 10.56 -6.96 8.79
C PRO A 61 11.05 -6.55 7.41
N TRP A 62 11.30 -5.26 7.23
CA TRP A 62 11.85 -4.67 6.02
C TRP A 62 13.04 -5.47 5.50
N SER A 63 14.02 -5.76 6.37
CA SER A 63 15.25 -6.45 6.00
C SER A 63 14.97 -7.78 5.28
N LYS A 64 13.99 -8.56 5.74
CA LYS A 64 13.68 -9.89 5.21
C LYS A 64 13.01 -9.82 3.83
N LEU A 65 12.43 -8.69 3.45
CA LEU A 65 11.95 -8.53 2.09
C LEU A 65 13.15 -8.29 1.17
N THR A 66 12.98 -8.56 -0.12
CA THR A 66 13.85 -8.06 -1.19
C THR A 66 13.22 -6.79 -1.78
N GLN A 67 13.88 -6.12 -2.72
CA GLN A 67 13.24 -5.05 -3.49
C GLN A 67 11.95 -5.55 -4.15
N LYS A 68 11.94 -6.80 -4.64
CA LYS A 68 10.74 -7.43 -5.19
C LYS A 68 9.66 -7.58 -4.12
N GLY A 69 9.99 -8.15 -2.96
CA GLY A 69 9.02 -8.28 -1.86
C GLY A 69 8.50 -6.93 -1.37
N ARG A 70 9.28 -5.85 -1.52
CA ARG A 70 8.92 -4.50 -1.11
C ARG A 70 7.97 -3.83 -2.11
N GLU A 71 7.87 -4.29 -3.35
CA GLU A 71 7.04 -3.65 -4.37
C GLU A 71 5.59 -3.36 -3.92
N PRO A 72 4.83 -4.32 -3.37
CA PRO A 72 3.47 -4.03 -2.91
C PRO A 72 3.48 -3.14 -1.67
N PHE A 73 4.39 -3.40 -0.73
CA PHE A 73 4.54 -2.59 0.47
C PHE A 73 4.80 -1.11 0.12
N ILE A 74 5.55 -0.81 -0.96
CA ILE A 74 5.77 0.55 -1.46
C ILE A 74 4.44 1.15 -1.85
N ARG A 75 3.61 0.44 -2.62
CA ARG A 75 2.32 0.94 -3.03
C ARG A 75 1.43 1.20 -1.82
N MET A 76 1.52 0.39 -0.77
CA MET A 76 0.90 0.67 0.52
C MET A 76 1.40 1.99 1.11
N GLN A 77 2.72 2.20 1.19
CA GLN A 77 3.32 3.42 1.77
C GLN A 77 2.87 4.65 1.02
N LEU A 78 2.89 4.57 -0.31
CA LEU A 78 2.54 5.67 -1.18
C LEU A 78 1.07 5.99 -1.01
N TRP A 79 0.17 5.01 -1.18
CA TRP A 79 -1.27 5.21 -1.11
C TRP A 79 -1.72 5.98 0.13
N LEU A 80 -1.02 5.80 1.26
CA LEU A 80 -1.34 6.49 2.51
C LEU A 80 -1.37 8.00 2.28
N SER A 81 -0.40 8.54 1.53
CA SER A 81 -0.30 9.96 1.19
C SER A 81 -0.94 10.19 -0.20
N ASP A 82 -0.43 9.49 -1.20
CA ASP A 82 -0.64 9.68 -2.64
C ASP A 82 -2.04 9.34 -3.12
N GLN A 83 -2.74 8.46 -2.39
CA GLN A 83 -4.03 7.85 -2.69
C GLN A 83 -4.15 7.12 -4.03
N LEU A 84 -3.17 7.21 -4.94
CA LEU A 84 -3.19 6.82 -6.33
C LEU A 84 -4.35 7.45 -7.09
N GLY A 85 -4.03 8.33 -8.04
CA GLY A 85 -4.98 9.19 -8.73
C GLY A 85 -6.28 8.52 -9.15
N GLN A 86 -6.24 7.28 -9.64
CA GLN A 86 -7.42 6.46 -9.85
C GLN A 86 -7.11 5.03 -9.40
N ALA A 87 -6.60 4.18 -10.30
CA ALA A 87 -6.59 2.73 -10.12
C ALA A 87 -5.49 2.12 -10.97
N VAL A 88 -4.25 2.35 -10.56
CA VAL A 88 -3.00 2.25 -11.32
C VAL A 88 -2.84 3.52 -12.17
N GLY A 89 -1.62 3.83 -12.59
CA GLY A 89 -1.29 5.05 -13.33
C GLY A 89 -1.33 4.88 -14.84
N GLN A 90 -1.41 3.65 -15.34
CA GLN A 90 -1.98 3.38 -16.67
C GLN A 90 -3.45 3.78 -16.58
N GLN A 91 -3.99 4.41 -17.62
CA GLN A 91 -5.40 4.82 -17.63
C GLN A 91 -6.28 3.58 -17.46
N PRO A 92 -7.02 3.45 -16.34
CA PRO A 92 -7.93 2.32 -16.14
C PRO A 92 -9.18 2.50 -17.00
N GLY A 93 -10.08 1.53 -16.97
CA GLY A 93 -11.33 1.61 -17.70
C GLY A 93 -12.36 0.72 -17.05
N ALA A 94 -13.08 1.27 -16.06
CA ALA A 94 -14.30 0.70 -15.58
C ALA A 94 -15.21 1.81 -15.10
N SER A 95 -16.50 1.51 -15.00
CA SER A 95 -17.52 2.45 -14.59
C SER A 95 -18.56 1.70 -13.78
N SER A 96 -18.52 1.84 -12.46
CA SER A 96 -19.44 1.22 -11.51
C SER A 96 -19.56 2.13 -10.29
N GLY A 97 -20.43 1.82 -9.33
CA GLY A 97 -20.62 2.60 -8.11
C GLY A 97 -21.06 1.67 -6.99
N PRO A 98 -20.76 1.99 -5.73
CA PRO A 98 -20.62 0.98 -4.67
C PRO A 98 -21.95 0.49 -4.11
N SER A 99 -21.89 -0.61 -3.34
CA SER A 99 -23.00 -1.19 -2.59
C SER A 99 -22.39 -1.96 -1.42
N SER A 100 -23.03 -1.93 -0.25
CA SER A 100 -22.48 -2.53 0.96
C SER A 100 -23.50 -3.49 1.59
N GLY A 101 -22.99 -4.54 2.24
CA GLY A 101 -23.78 -5.68 2.67
C GLY A 101 -24.05 -6.62 1.51
N GLY A 1 -2.04 19.59 5.23
CA GLY A 1 -2.23 20.74 4.34
C GLY A 1 -1.84 22.00 5.06
N SER A 2 -0.72 22.61 4.67
CA SER A 2 -0.21 23.86 5.20
C SER A 2 0.83 24.41 4.23
N SER A 3 1.87 23.62 3.94
CA SER A 3 3.01 24.00 3.10
C SER A 3 3.20 22.96 1.98
N GLY A 4 3.73 21.78 2.32
CA GLY A 4 3.85 20.62 1.45
C GLY A 4 5.26 20.04 1.46
N SER A 5 5.42 18.79 1.03
CA SER A 5 6.69 18.10 0.82
C SER A 5 6.46 16.94 -0.15
N SER A 6 7.47 16.09 -0.38
CA SER A 6 7.39 14.92 -1.26
C SER A 6 7.66 13.63 -0.47
N GLY A 7 7.48 12.47 -1.09
CA GLY A 7 7.62 11.16 -0.45
C GLY A 7 7.04 10.11 -1.39
N GLN A 8 7.90 9.27 -1.97
CA GLN A 8 7.48 8.20 -2.86
C GLN A 8 8.48 7.04 -2.84
N TYR A 9 8.17 5.99 -3.61
CA TYR A 9 8.90 4.74 -3.71
C TYR A 9 10.42 4.94 -3.76
N GLU A 10 10.86 5.83 -4.64
CA GLU A 10 12.24 6.09 -4.99
C GLU A 10 13.04 6.41 -3.72
N LEU A 11 12.51 7.30 -2.87
CA LEU A 11 13.10 7.68 -1.59
C LEU A 11 13.22 6.48 -0.67
N TYR A 12 12.13 5.72 -0.57
CA TYR A 12 12.05 4.60 0.35
C TYR A 12 12.95 3.44 -0.10
N MET A 13 13.37 3.42 -1.38
CA MET A 13 14.35 2.43 -1.82
C MET A 13 15.63 2.59 -0.97
N TYR A 14 15.97 3.81 -0.57
CA TYR A 14 17.14 4.11 0.22
C TYR A 14 16.82 3.83 1.69
N ARG A 15 15.95 4.63 2.29
CA ARG A 15 15.66 4.61 3.72
C ARG A 15 14.45 3.72 3.95
N GLU A 16 14.64 2.78 4.85
CA GLU A 16 13.69 1.72 5.18
C GLU A 16 12.42 2.31 5.79
N VAL A 17 11.42 1.45 5.94
CA VAL A 17 10.14 1.75 6.56
C VAL A 17 9.90 0.78 7.71
N ASP A 18 9.04 1.15 8.65
CA ASP A 18 8.54 0.22 9.65
C ASP A 18 7.38 -0.57 9.07
N THR A 19 7.64 -1.80 8.62
CA THR A 19 6.64 -2.61 7.93
C THR A 19 5.45 -2.96 8.84
N LEU A 20 5.59 -2.95 10.17
CA LEU A 20 4.52 -3.24 11.08
C LEU A 20 3.62 -2.02 11.15
N GLU A 21 4.20 -0.86 11.51
CA GLU A 21 3.52 0.42 11.60
C GLU A 21 2.84 0.80 10.27
N LEU A 22 3.43 0.38 9.15
CA LEU A 22 2.84 0.54 7.83
C LEU A 22 1.48 -0.17 7.76
N THR A 23 1.44 -1.49 8.01
CA THR A 23 0.18 -2.24 7.94
C THR A 23 -0.86 -1.64 8.90
N ARG A 24 -0.41 -1.17 10.06
CA ARG A 24 -1.22 -0.46 11.05
C ARG A 24 -1.94 0.75 10.45
N GLN A 25 -1.20 1.73 9.92
CA GLN A 25 -1.81 2.91 9.31
C GLN A 25 -2.73 2.53 8.16
N VAL A 26 -2.31 1.55 7.35
CA VAL A 26 -3.09 1.06 6.22
C VAL A 26 -4.44 0.55 6.73
N LYS A 27 -4.47 -0.41 7.67
CA LYS A 27 -5.70 -0.94 8.25
C LYS A 27 -6.61 0.20 8.72
N GLU A 28 -6.16 1.11 9.56
CA GLU A 28 -7.06 2.11 10.13
C GLU A 28 -7.53 3.16 9.10
N LYS A 29 -6.73 3.49 8.07
CA LYS A 29 -7.20 4.42 7.03
C LYS A 29 -8.17 3.73 6.07
N LEU A 30 -8.02 2.42 5.86
CA LEU A 30 -9.01 1.63 5.13
C LEU A 30 -10.30 1.60 5.94
N ALA A 31 -10.19 1.28 7.24
CA ALA A 31 -11.30 1.13 8.17
C ALA A 31 -12.19 2.38 8.17
N LYS A 32 -11.60 3.56 8.40
CA LYS A 32 -12.32 4.82 8.43
C LYS A 32 -13.22 4.99 7.21
N ASN A 33 -12.64 4.89 6.00
CA ASN A 33 -13.37 5.09 4.76
C ASN A 33 -14.21 3.86 4.37
N GLY A 34 -14.28 2.82 5.20
CA GLY A 34 -15.11 1.65 4.97
C GLY A 34 -14.55 0.74 3.86
N ILE A 35 -13.27 0.82 3.55
CA ILE A 35 -12.64 0.11 2.45
C ILE A 35 -12.29 -1.30 2.91
N CYS A 36 -12.79 -2.30 2.21
CA CYS A 36 -12.42 -3.70 2.43
C CYS A 36 -10.94 -3.90 2.08
N GLN A 37 -10.16 -4.42 3.03
CA GLN A 37 -8.74 -4.72 2.86
C GLN A 37 -8.52 -5.64 1.66
N ARG A 38 -9.41 -6.62 1.44
CA ARG A 38 -9.35 -7.51 0.29
C ARG A 38 -9.35 -6.74 -1.01
N ILE A 39 -10.40 -5.94 -1.27
CA ILE A 39 -10.57 -5.29 -2.56
C ILE A 39 -9.40 -4.33 -2.74
N PHE A 40 -9.02 -3.59 -1.69
CA PHE A 40 -7.85 -2.72 -1.72
C PHE A 40 -6.65 -3.52 -2.23
N GLY A 41 -6.29 -4.60 -1.56
CA GLY A 41 -5.16 -5.42 -1.93
C GLY A 41 -5.24 -5.93 -3.36
N GLU A 42 -6.44 -6.34 -3.78
CA GLU A 42 -6.68 -6.82 -5.12
C GLU A 42 -6.51 -5.73 -6.18
N LYS A 43 -6.99 -4.51 -5.94
CA LYS A 43 -7.18 -3.49 -6.97
C LYS A 43 -6.16 -2.35 -6.90
N VAL A 44 -5.44 -2.26 -5.79
CA VAL A 44 -4.50 -1.20 -5.49
C VAL A 44 -3.12 -1.85 -5.39
N LEU A 45 -2.93 -2.77 -4.43
CA LEU A 45 -1.65 -3.47 -4.27
C LEU A 45 -1.39 -4.42 -5.44
N GLY A 46 -2.47 -4.86 -6.11
CA GLY A 46 -2.43 -5.74 -7.27
C GLY A 46 -1.96 -7.13 -6.87
N LEU A 47 -2.47 -7.69 -5.78
CA LEU A 47 -2.06 -8.98 -5.24
C LEU A 47 -3.26 -9.91 -5.08
N SER A 48 -2.98 -11.21 -5.05
CA SER A 48 -3.89 -12.23 -4.55
C SER A 48 -4.44 -11.82 -3.18
N GLN A 49 -5.76 -11.91 -3.03
CA GLN A 49 -6.45 -11.72 -1.76
C GLN A 49 -5.84 -12.59 -0.65
N GLY A 50 -5.38 -13.82 -0.96
CA GLY A 50 -4.77 -14.71 0.00
C GLY A 50 -3.50 -14.10 0.59
N SER A 51 -2.57 -13.68 -0.26
CA SER A 51 -1.35 -13.01 0.15
C SER A 51 -1.66 -11.75 0.94
N VAL A 52 -2.52 -10.85 0.44
CA VAL A 52 -2.72 -9.55 1.07
C VAL A 52 -3.24 -9.67 2.51
N SER A 53 -4.13 -10.64 2.76
CA SER A 53 -4.65 -10.90 4.08
C SER A 53 -3.49 -11.17 5.03
N ASP A 54 -2.66 -12.15 4.66
CA ASP A 54 -1.54 -12.62 5.45
C ASP A 54 -0.54 -11.49 5.68
N MET A 55 -0.34 -10.63 4.67
CA MET A 55 0.53 -9.48 4.72
C MET A 55 0.10 -8.47 5.79
N LEU A 56 -1.16 -8.02 5.78
CA LEU A 56 -1.69 -7.12 6.80
C LEU A 56 -1.78 -7.77 8.18
N SER A 57 -1.97 -9.09 8.23
CA SER A 57 -1.98 -9.85 9.46
C SER A 57 -0.59 -9.85 10.10
N ARG A 58 0.45 -10.24 9.35
CA ARG A 58 1.79 -10.51 9.86
C ARG A 58 2.84 -10.11 8.81
N PRO A 59 3.14 -8.82 8.64
CA PRO A 59 4.21 -8.39 7.74
C PRO A 59 5.56 -8.84 8.30
N LYS A 60 6.57 -8.91 7.43
CA LYS A 60 7.93 -9.29 7.81
C LYS A 60 8.78 -8.05 8.01
N PRO A 61 9.92 -8.13 8.73
CA PRO A 61 10.82 -7.00 8.89
C PRO A 61 11.40 -6.61 7.53
N TRP A 62 11.79 -5.34 7.36
CA TRP A 62 12.19 -4.80 6.07
C TRP A 62 13.36 -5.58 5.47
N SER A 63 14.32 -5.98 6.32
CA SER A 63 15.49 -6.75 5.91
C SER A 63 15.11 -8.08 5.25
N LYS A 64 14.03 -8.72 5.70
CA LYS A 64 13.62 -10.04 5.22
C LYS A 64 12.96 -10.00 3.85
N LEU A 65 12.85 -8.84 3.22
CA LEU A 65 12.27 -8.62 1.91
C LEU A 65 13.39 -8.08 1.03
N THR A 66 13.42 -8.44 -0.25
CA THR A 66 14.24 -7.73 -1.24
C THR A 66 13.40 -6.60 -1.84
N GLN A 67 13.93 -5.77 -2.73
CA GLN A 67 13.14 -4.80 -3.49
C GLN A 67 11.89 -5.46 -4.10
N LYS A 68 12.03 -6.64 -4.73
CA LYS A 68 10.91 -7.43 -5.25
C LYS A 68 9.87 -7.73 -4.18
N GLY A 69 10.30 -8.05 -2.95
CA GLY A 69 9.40 -8.31 -1.83
C GLY A 69 8.76 -7.05 -1.28
N ARG A 70 9.42 -5.90 -1.44
CA ARG A 70 9.01 -4.60 -0.92
C ARG A 70 8.02 -3.91 -1.85
N GLU A 71 7.94 -4.32 -3.12
CA GLU A 71 7.04 -3.81 -4.15
C GLU A 71 5.63 -3.47 -3.61
N PRO A 72 4.88 -4.43 -3.02
CA PRO A 72 3.54 -4.13 -2.56
C PRO A 72 3.55 -3.27 -1.29
N PHE A 73 4.53 -3.42 -0.39
CA PHE A 73 4.68 -2.54 0.77
C PHE A 73 4.92 -1.09 0.35
N ILE A 74 5.72 -0.84 -0.68
CA ILE A 74 5.92 0.49 -1.25
C ILE A 74 4.57 1.04 -1.69
N ARG A 75 3.79 0.26 -2.43
CA ARG A 75 2.47 0.68 -2.85
C ARG A 75 1.57 0.96 -1.64
N MET A 76 1.65 0.16 -0.58
CA MET A 76 0.95 0.40 0.67
C MET A 76 1.34 1.77 1.25
N GLN A 77 2.63 2.13 1.22
CA GLN A 77 3.15 3.42 1.70
C GLN A 77 2.61 4.55 0.87
N LEU A 78 2.76 4.44 -0.45
CA LEU A 78 2.28 5.45 -1.37
C LEU A 78 0.81 5.68 -1.13
N TRP A 79 -0.02 4.64 -1.22
CA TRP A 79 -1.47 4.75 -1.11
C TRP A 79 -1.90 5.60 0.10
N LEU A 80 -1.18 5.50 1.22
CA LEU A 80 -1.51 6.23 2.45
C LEU A 80 -1.62 7.71 2.15
N SER A 81 -0.68 8.29 1.38
CA SER A 81 -0.78 9.66 0.93
C SER A 81 -1.38 9.76 -0.48
N ASP A 82 -0.74 9.11 -1.44
CA ASP A 82 -0.90 9.16 -2.89
C ASP A 82 -2.31 8.82 -3.38
N GLN A 83 -3.04 8.02 -2.60
CA GLN A 83 -4.31 7.39 -2.92
C GLN A 83 -4.31 6.49 -4.17
N LEU A 84 -3.26 6.44 -4.99
CA LEU A 84 -3.28 5.85 -6.33
C LEU A 84 -4.54 6.27 -7.08
N GLY A 85 -4.69 7.57 -7.23
CA GLY A 85 -5.97 8.19 -7.51
C GLY A 85 -6.29 8.25 -9.00
N GLN A 86 -6.17 7.11 -9.69
CA GLN A 86 -6.31 6.97 -11.14
C GLN A 86 -7.71 7.36 -11.62
N ALA A 87 -8.74 6.58 -11.26
CA ALA A 87 -10.10 6.79 -11.74
C ALA A 87 -11.06 5.99 -10.86
N VAL A 88 -11.30 6.50 -9.65
CA VAL A 88 -12.32 6.00 -8.76
C VAL A 88 -13.64 6.53 -9.30
N GLY A 89 -14.51 5.61 -9.72
CA GLY A 89 -15.81 5.93 -10.30
C GLY A 89 -16.90 6.07 -9.25
N GLN A 90 -16.58 6.53 -8.03
CA GLN A 90 -17.48 6.58 -6.88
C GLN A 90 -17.21 7.86 -6.08
N GLN A 91 -18.08 8.17 -5.11
CA GLN A 91 -18.02 9.36 -4.25
C GLN A 91 -18.12 8.91 -2.79
N PRO A 92 -17.24 9.39 -1.89
CA PRO A 92 -17.26 9.03 -0.48
C PRO A 92 -18.38 9.80 0.23
N GLY A 93 -19.61 9.31 0.14
CA GLY A 93 -20.78 9.95 0.71
C GLY A 93 -20.67 10.07 2.23
N ALA A 94 -21.37 11.07 2.79
CA ALA A 94 -21.48 11.44 4.21
C ALA A 94 -20.34 10.95 5.11
N SER A 95 -19.27 11.76 5.22
CA SER A 95 -18.05 11.48 5.96
C SER A 95 -18.25 11.43 7.49
N SER A 96 -18.78 10.32 8.00
CA SER A 96 -18.55 9.89 9.39
C SER A 96 -17.13 9.33 9.54
N GLY A 97 -16.74 8.91 10.75
CA GLY A 97 -15.47 8.26 11.03
C GLY A 97 -15.46 7.68 12.46
N PRO A 98 -14.43 6.91 12.83
CA PRO A 98 -14.40 6.18 14.10
C PRO A 98 -14.29 7.09 15.32
N SER A 99 -14.71 6.56 16.46
CA SER A 99 -14.37 7.02 17.80
C SER A 99 -13.10 6.29 18.24
N SER A 100 -12.85 6.20 19.55
CA SER A 100 -12.03 5.14 20.11
C SER A 100 -12.65 3.78 19.75
N GLY A 101 -11.86 2.72 19.67
CA GLY A 101 -12.34 1.40 19.33
C GLY A 101 -11.41 0.35 19.88
N GLY A 1 8.02 27.43 6.20
CA GLY A 1 8.86 26.46 5.49
C GLY A 1 8.15 25.13 5.28
N SER A 2 8.12 24.67 4.03
CA SER A 2 7.95 23.26 3.69
C SER A 2 9.32 22.70 3.28
N SER A 3 9.44 21.39 3.07
CA SER A 3 10.60 20.77 2.44
C SER A 3 10.10 19.46 1.83
N GLY A 4 9.81 19.49 0.53
CA GLY A 4 9.26 18.34 -0.17
C GLY A 4 9.39 18.54 -1.68
N SER A 5 8.26 18.70 -2.38
CA SER A 5 8.11 18.56 -3.83
C SER A 5 8.28 17.10 -4.22
N SER A 6 9.39 16.46 -3.90
CA SER A 6 9.62 15.05 -4.16
C SER A 6 9.25 14.21 -2.91
N GLY A 7 9.27 12.89 -3.08
CA GLY A 7 8.89 11.94 -2.05
C GLY A 7 8.49 10.57 -2.61
N GLN A 8 8.91 10.25 -3.84
CA GLN A 8 8.64 8.97 -4.50
C GLN A 8 9.49 7.85 -3.88
N TYR A 9 9.16 6.62 -4.29
CA TYR A 9 9.69 5.35 -3.77
C TYR A 9 11.20 5.21 -3.87
N GLU A 10 11.88 6.00 -4.69
CA GLU A 10 13.34 6.01 -4.75
C GLU A 10 13.90 6.19 -3.33
N LEU A 11 13.25 7.02 -2.50
CA LEU A 11 13.57 7.16 -1.08
C LEU A 11 13.52 5.83 -0.34
N TYR A 12 12.42 5.09 -0.54
CA TYR A 12 12.15 3.82 0.14
C TYR A 12 13.14 2.74 -0.33
N MET A 13 13.57 2.79 -1.60
CA MET A 13 14.58 1.87 -2.11
C MET A 13 15.85 1.97 -1.28
N TYR A 14 16.21 3.18 -0.87
CA TYR A 14 17.38 3.45 -0.05
C TYR A 14 17.08 3.05 1.40
N ARG A 15 16.01 3.59 1.97
CA ARG A 15 15.85 3.71 3.41
C ARG A 15 14.58 3.02 3.88
N GLU A 16 14.76 2.17 4.87
CA GLU A 16 13.75 1.31 5.47
C GLU A 16 12.63 2.06 6.21
N VAL A 17 11.63 1.31 6.66
CA VAL A 17 10.37 1.81 7.20
C VAL A 17 9.83 0.85 8.26
N ASP A 18 8.91 1.33 9.09
CA ASP A 18 8.24 0.58 10.13
C ASP A 18 7.21 -0.30 9.44
N THR A 19 7.60 -1.51 9.02
CA THR A 19 6.70 -2.34 8.25
C THR A 19 5.47 -2.80 9.06
N LEU A 20 5.56 -2.81 10.40
CA LEU A 20 4.46 -3.11 11.29
C LEU A 20 3.47 -1.94 11.24
N GLU A 21 3.91 -0.76 11.66
CA GLU A 21 3.10 0.45 11.73
C GLU A 21 2.53 0.85 10.38
N LEU A 22 3.22 0.56 9.27
CA LEU A 22 2.68 0.69 7.93
C LEU A 22 1.36 -0.08 7.82
N THR A 23 1.35 -1.37 8.15
CA THR A 23 0.12 -2.16 8.00
C THR A 23 -0.96 -1.64 8.93
N ARG A 24 -0.56 -1.17 10.12
CA ARG A 24 -1.47 -0.51 11.06
C ARG A 24 -2.16 0.68 10.40
N GLN A 25 -1.39 1.68 9.95
CA GLN A 25 -1.90 2.90 9.35
C GLN A 25 -2.78 2.60 8.15
N VAL A 26 -2.40 1.60 7.34
CA VAL A 26 -3.21 1.04 6.26
C VAL A 26 -4.58 0.61 6.80
N LYS A 27 -4.64 -0.34 7.75
CA LYS A 27 -5.89 -0.88 8.27
C LYS A 27 -6.74 0.21 8.94
N GLU A 28 -6.10 1.19 9.57
CA GLU A 28 -6.70 2.40 10.13
C GLU A 28 -7.41 3.18 9.00
N LYS A 29 -6.67 3.60 7.98
CA LYS A 29 -7.17 4.38 6.84
C LYS A 29 -8.29 3.66 6.10
N LEU A 30 -8.13 2.34 5.89
CA LEU A 30 -9.11 1.51 5.20
C LEU A 30 -10.42 1.51 5.97
N ALA A 31 -10.36 1.27 7.29
CA ALA A 31 -11.53 1.27 8.14
C ALA A 31 -12.24 2.63 8.13
N LYS A 32 -11.47 3.73 8.19
CA LYS A 32 -12.01 5.09 8.12
C LYS A 32 -12.88 5.30 6.88
N ASN A 33 -12.54 4.66 5.76
CA ASN A 33 -13.24 4.81 4.49
C ASN A 33 -14.16 3.64 4.18
N GLY A 34 -14.31 2.68 5.10
CA GLY A 34 -15.17 1.52 4.93
C GLY A 34 -14.69 0.53 3.87
N ILE A 35 -13.40 0.54 3.50
CA ILE A 35 -12.87 -0.27 2.40
C ILE A 35 -12.47 -1.64 2.92
N CYS A 36 -13.02 -2.70 2.31
CA CYS A 36 -12.62 -4.08 2.53
C CYS A 36 -11.15 -4.25 2.15
N GLN A 37 -10.28 -4.64 3.09
CA GLN A 37 -8.83 -4.74 2.85
C GLN A 37 -8.49 -5.71 1.72
N ARG A 38 -9.29 -6.76 1.54
CA ARG A 38 -9.24 -7.65 0.39
C ARG A 38 -9.25 -6.88 -0.93
N ILE A 39 -10.25 -6.05 -1.15
CA ILE A 39 -10.48 -5.31 -2.40
C ILE A 39 -9.37 -4.27 -2.58
N PHE A 40 -8.92 -3.65 -1.48
CA PHE A 40 -7.75 -2.78 -1.52
C PHE A 40 -6.59 -3.52 -2.19
N GLY A 41 -6.16 -4.63 -1.58
CA GLY A 41 -4.98 -5.34 -2.02
C GLY A 41 -5.09 -5.89 -3.42
N GLU A 42 -6.27 -6.40 -3.77
CA GLU A 42 -6.64 -6.82 -5.09
C GLU A 42 -6.44 -5.66 -6.08
N LYS A 43 -7.25 -4.60 -5.98
CA LYS A 43 -7.29 -3.56 -6.99
C LYS A 43 -6.00 -2.74 -7.02
N VAL A 44 -5.56 -2.27 -5.86
CA VAL A 44 -4.38 -1.42 -5.73
C VAL A 44 -3.11 -2.25 -5.89
N LEU A 45 -2.85 -3.19 -4.96
CA LEU A 45 -1.55 -3.84 -4.89
C LEU A 45 -1.39 -4.89 -6.00
N GLY A 46 -2.48 -5.36 -6.61
CA GLY A 46 -2.44 -6.42 -7.60
C GLY A 46 -1.98 -7.73 -6.95
N LEU A 47 -2.50 -8.02 -5.76
CA LEU A 47 -2.16 -9.19 -5.00
C LEU A 47 -3.42 -10.00 -4.74
N SER A 48 -3.29 -11.31 -4.84
CA SER A 48 -4.27 -12.29 -4.44
C SER A 48 -4.66 -12.06 -2.98
N GLN A 49 -5.93 -12.31 -2.68
CA GLN A 49 -6.54 -12.01 -1.41
C GLN A 49 -5.77 -12.63 -0.25
N GLY A 50 -5.49 -13.94 -0.30
CA GLY A 50 -4.77 -14.63 0.78
C GLY A 50 -3.38 -14.03 0.96
N SER A 51 -2.69 -13.75 -0.15
CA SER A 51 -1.37 -13.15 -0.18
C SER A 51 -1.36 -11.84 0.60
N VAL A 52 -2.21 -10.87 0.23
CA VAL A 52 -2.30 -9.57 0.87
C VAL A 52 -2.77 -9.68 2.32
N SER A 53 -3.75 -10.54 2.59
CA SER A 53 -4.43 -10.60 3.86
C SER A 53 -3.45 -11.10 4.92
N ASP A 54 -2.63 -12.10 4.60
CA ASP A 54 -1.59 -12.57 5.51
C ASP A 54 -0.53 -11.48 5.69
N MET A 55 -0.26 -10.70 4.64
CA MET A 55 0.72 -9.62 4.64
C MET A 55 0.36 -8.57 5.68
N LEU A 56 -0.85 -8.03 5.60
CA LEU A 56 -1.39 -7.14 6.62
C LEU A 56 -1.51 -7.80 8.00
N SER A 57 -1.68 -9.12 8.09
CA SER A 57 -1.73 -9.83 9.37
C SER A 57 -0.35 -9.89 10.02
N ARG A 58 0.72 -10.17 9.25
CA ARG A 58 2.09 -10.25 9.73
C ARG A 58 3.04 -9.71 8.66
N PRO A 59 3.32 -8.40 8.63
CA PRO A 59 4.34 -7.89 7.73
C PRO A 59 5.71 -8.46 8.10
N LYS A 60 6.57 -8.61 7.09
CA LYS A 60 7.96 -8.95 7.30
C LYS A 60 8.71 -7.73 7.82
N PRO A 61 9.87 -7.90 8.46
CA PRO A 61 10.77 -6.79 8.67
C PRO A 61 11.38 -6.40 7.33
N TRP A 62 11.70 -5.11 7.14
CA TRP A 62 12.12 -4.59 5.84
C TRP A 62 13.36 -5.31 5.28
N SER A 63 14.30 -5.67 6.16
CA SER A 63 15.52 -6.38 5.76
C SER A 63 15.18 -7.71 5.08
N LYS A 64 14.18 -8.44 5.58
CA LYS A 64 13.78 -9.75 5.07
C LYS A 64 12.91 -9.63 3.81
N LEU A 65 12.59 -8.43 3.33
CA LEU A 65 11.98 -8.24 2.02
C LEU A 65 13.10 -7.94 1.04
N THR A 66 12.98 -8.48 -0.18
CA THR A 66 13.81 -8.12 -1.33
C THR A 66 13.10 -7.01 -2.10
N GLN A 67 13.63 -6.51 -3.22
CA GLN A 67 12.93 -5.48 -3.98
C GLN A 67 11.52 -5.95 -4.39
N LYS A 68 11.35 -7.20 -4.82
CA LYS A 68 10.03 -7.71 -5.18
C LYS A 68 9.12 -7.81 -3.96
N GLY A 69 9.66 -8.15 -2.80
CA GLY A 69 8.91 -8.17 -1.55
C GLY A 69 8.52 -6.77 -1.10
N ARG A 70 9.37 -5.76 -1.35
CA ARG A 70 9.12 -4.37 -0.99
C ARG A 70 8.13 -3.75 -1.96
N GLU A 71 8.08 -4.17 -3.22
CA GLU A 71 7.26 -3.59 -4.28
C GLU A 71 5.80 -3.35 -3.88
N PRO A 72 5.06 -4.33 -3.30
CA PRO A 72 3.70 -4.07 -2.84
C PRO A 72 3.72 -3.15 -1.61
N PHE A 73 4.59 -3.40 -0.63
CA PHE A 73 4.68 -2.55 0.57
C PHE A 73 4.90 -1.08 0.20
N ILE A 74 5.67 -0.80 -0.84
CA ILE A 74 5.91 0.53 -1.38
C ILE A 74 4.58 1.15 -1.81
N ARG A 75 3.73 0.41 -2.54
CA ARG A 75 2.42 0.91 -2.87
C ARG A 75 1.54 1.07 -1.63
N MET A 76 1.65 0.23 -0.60
CA MET A 76 0.94 0.51 0.65
C MET A 76 1.43 1.83 1.29
N GLN A 77 2.74 2.09 1.27
CA GLN A 77 3.33 3.30 1.86
C GLN A 77 2.88 4.53 1.09
N LEU A 78 2.91 4.47 -0.24
CA LEU A 78 2.39 5.51 -1.11
C LEU A 78 0.92 5.70 -0.85
N TRP A 79 0.08 4.70 -1.12
CA TRP A 79 -1.36 4.78 -1.07
C TRP A 79 -1.88 5.50 0.18
N LEU A 80 -1.16 5.34 1.30
CA LEU A 80 -1.45 5.98 2.57
C LEU A 80 -1.63 7.49 2.39
N SER A 81 -0.70 8.17 1.72
CA SER A 81 -0.84 9.57 1.35
C SER A 81 -1.35 9.73 -0.09
N ASP A 82 -0.68 9.05 -1.03
CA ASP A 82 -0.73 9.23 -2.49
C ASP A 82 -2.09 8.85 -3.09
N GLN A 83 -2.81 7.93 -2.45
CA GLN A 83 -4.09 7.34 -2.86
C GLN A 83 -4.11 6.67 -4.24
N LEU A 84 -3.03 6.73 -5.02
CA LEU A 84 -2.91 6.30 -6.41
C LEU A 84 -3.97 6.94 -7.30
N GLY A 85 -3.64 8.12 -7.81
CA GLY A 85 -4.51 8.91 -8.65
C GLY A 85 -4.57 8.36 -10.07
N GLN A 86 -5.29 7.25 -10.25
CA GLN A 86 -5.44 6.52 -11.50
C GLN A 86 -6.10 7.33 -12.62
N ALA A 87 -6.96 8.26 -12.24
CA ALA A 87 -7.75 9.13 -13.08
C ALA A 87 -8.61 9.97 -12.13
N VAL A 88 -8.87 11.21 -12.48
CA VAL A 88 -9.85 12.08 -11.87
C VAL A 88 -10.71 12.68 -13.00
N GLY A 89 -11.62 13.59 -12.68
CA GLY A 89 -12.50 14.21 -13.65
C GLY A 89 -11.73 14.98 -14.71
N GLN A 90 -10.80 15.83 -14.25
CA GLN A 90 -9.89 16.65 -15.03
C GLN A 90 -10.62 17.27 -16.23
N GLN A 91 -9.98 17.34 -17.40
CA GLN A 91 -10.67 17.45 -18.67
C GLN A 91 -11.02 16.02 -19.12
N PRO A 92 -12.29 15.66 -19.32
CA PRO A 92 -12.62 14.39 -19.97
C PRO A 92 -12.12 14.42 -21.41
N GLY A 93 -11.89 13.24 -22.00
CA GLY A 93 -11.55 13.09 -23.42
C GLY A 93 -12.53 12.13 -24.07
N ALA A 94 -12.59 12.10 -25.41
CA ALA A 94 -13.47 11.21 -26.16
C ALA A 94 -12.65 10.44 -27.19
N SER A 95 -13.07 9.21 -27.52
CA SER A 95 -12.56 8.44 -28.63
C SER A 95 -13.65 7.52 -29.17
N SER A 96 -13.41 6.91 -30.32
CA SER A 96 -14.20 5.84 -30.91
C SER A 96 -13.23 4.92 -31.65
N GLY A 97 -13.72 3.83 -32.25
CA GLY A 97 -12.90 2.91 -33.03
C GLY A 97 -13.69 1.64 -33.35
N PRO A 98 -13.16 0.77 -34.23
CA PRO A 98 -13.79 -0.51 -34.53
C PRO A 98 -13.59 -1.47 -33.34
N SER A 99 -14.65 -2.18 -32.98
CA SER A 99 -14.67 -3.13 -31.87
C SER A 99 -14.59 -4.57 -32.38
N SER A 100 -15.31 -4.90 -33.45
CA SER A 100 -15.32 -6.20 -34.11
C SER A 100 -15.77 -6.04 -35.56
N GLY A 101 -15.65 -7.11 -36.32
CA GLY A 101 -15.80 -7.22 -37.76
C GLY A 101 -15.02 -8.48 -38.16
N GLY A 1 0.09 24.29 1.75
CA GLY A 1 1.41 24.16 2.37
C GLY A 1 1.26 23.43 3.69
N SER A 2 1.92 23.93 4.74
CA SER A 2 2.09 23.20 6.00
C SER A 2 2.77 21.84 5.78
N SER A 3 2.91 21.07 6.87
CA SER A 3 3.36 19.68 7.00
C SER A 3 3.91 19.07 5.69
N GLY A 4 5.22 19.16 5.47
CA GLY A 4 5.89 18.54 4.33
C GLY A 4 6.15 17.06 4.59
N SER A 5 6.80 16.38 3.64
CA SER A 5 7.60 15.16 3.84
C SER A 5 8.62 15.07 2.71
N SER A 6 8.15 14.77 1.48
CA SER A 6 8.91 14.83 0.23
C SER A 6 9.95 13.72 0.10
N GLY A 7 9.48 12.48 0.09
CA GLY A 7 10.21 11.32 -0.44
C GLY A 7 9.58 10.88 -1.75
N GLN A 8 9.95 9.69 -2.23
CA GLN A 8 9.24 8.91 -3.24
C GLN A 8 9.66 7.45 -3.02
N TYR A 9 9.15 6.51 -3.83
CA TYR A 9 9.62 5.12 -3.85
C TYR A 9 11.15 5.04 -3.89
N GLU A 10 11.79 5.99 -4.57
CA GLU A 10 13.23 6.06 -4.73
C GLU A 10 13.89 6.10 -3.36
N LEU A 11 13.44 7.04 -2.51
CA LEU A 11 13.87 7.25 -1.13
C LEU A 11 13.60 6.00 -0.30
N TYR A 12 12.38 5.49 -0.42
CA TYR A 12 11.88 4.38 0.38
C TYR A 12 12.72 3.12 0.09
N MET A 13 13.24 2.97 -1.14
CA MET A 13 14.17 1.93 -1.54
C MET A 13 15.47 1.95 -0.71
N TYR A 14 15.93 3.12 -0.29
CA TYR A 14 17.21 3.28 0.39
C TYR A 14 17.04 3.06 1.88
N ARG A 15 16.14 3.80 2.51
CA ARG A 15 15.96 3.79 3.96
C ARG A 15 15.19 2.51 4.33
N GLU A 16 14.46 2.52 5.43
CA GLU A 16 13.55 1.44 5.79
C GLU A 16 12.31 2.04 6.41
N VAL A 17 11.28 1.21 6.55
CA VAL A 17 9.98 1.54 7.11
C VAL A 17 9.70 0.48 8.18
N ASP A 18 9.11 0.86 9.31
CA ASP A 18 8.58 -0.11 10.27
C ASP A 18 7.36 -0.77 9.64
N THR A 19 7.46 -2.07 9.33
CA THR A 19 6.40 -2.75 8.59
C THR A 19 5.19 -3.11 9.46
N LEU A 20 5.30 -3.11 10.79
CA LEU A 20 4.15 -3.26 11.68
C LEU A 20 3.34 -1.97 11.66
N GLU A 21 4.03 -0.84 11.80
CA GLU A 21 3.42 0.49 11.79
C GLU A 21 2.78 0.78 10.43
N LEU A 22 3.40 0.31 9.35
CA LEU A 22 2.85 0.43 8.01
C LEU A 22 1.50 -0.28 7.92
N THR A 23 1.44 -1.58 8.22
CA THR A 23 0.17 -2.32 8.10
C THR A 23 -0.87 -1.69 9.03
N ARG A 24 -0.44 -1.19 10.20
CA ARG A 24 -1.25 -0.38 11.13
C ARG A 24 -1.94 0.78 10.40
N GLN A 25 -1.19 1.77 9.92
CA GLN A 25 -1.74 2.95 9.26
C GLN A 25 -2.61 2.60 8.06
N VAL A 26 -2.24 1.56 7.33
CA VAL A 26 -3.00 1.02 6.21
C VAL A 26 -4.40 0.57 6.71
N LYS A 27 -4.48 -0.37 7.66
CA LYS A 27 -5.74 -0.83 8.23
C LYS A 27 -6.57 0.31 8.84
N GLU A 28 -5.91 1.31 9.42
CA GLU A 28 -6.52 2.53 9.94
C GLU A 28 -7.26 3.28 8.83
N LYS A 29 -6.55 3.69 7.77
CA LYS A 29 -7.15 4.45 6.69
C LYS A 29 -8.23 3.63 5.96
N LEU A 30 -8.09 2.30 5.86
CA LEU A 30 -9.13 1.44 5.32
C LEU A 30 -10.40 1.55 6.14
N ALA A 31 -10.31 1.32 7.45
CA ALA A 31 -11.46 1.39 8.35
C ALA A 31 -12.14 2.76 8.27
N LYS A 32 -11.35 3.84 8.18
CA LYS A 32 -11.88 5.20 8.00
C LYS A 32 -12.79 5.30 6.77
N ASN A 33 -12.46 4.61 5.69
CA ASN A 33 -13.19 4.69 4.41
C ASN A 33 -14.17 3.53 4.22
N GLY A 34 -14.13 2.49 5.05
CA GLY A 34 -15.00 1.32 4.90
C GLY A 34 -14.53 0.37 3.79
N ILE A 35 -13.37 0.60 3.18
CA ILE A 35 -12.82 -0.26 2.13
C ILE A 35 -12.50 -1.63 2.77
N CYS A 36 -12.91 -2.72 2.13
CA CYS A 36 -12.59 -4.07 2.58
C CYS A 36 -11.15 -4.40 2.17
N GLN A 37 -10.36 -5.03 3.06
CA GLN A 37 -8.93 -5.30 2.84
C GLN A 37 -8.69 -6.12 1.58
N ARG A 38 -9.56 -7.10 1.29
CA ARG A 38 -9.53 -7.88 0.06
C ARG A 38 -9.47 -6.99 -1.17
N ILE A 39 -10.47 -6.13 -1.33
CA ILE A 39 -10.60 -5.30 -2.52
C ILE A 39 -9.43 -4.34 -2.58
N PHE A 40 -9.10 -3.73 -1.45
CA PHE A 40 -7.94 -2.85 -1.34
C PHE A 40 -6.77 -3.47 -2.10
N GLY A 41 -6.24 -4.61 -1.63
CA GLY A 41 -5.04 -5.15 -2.22
C GLY A 41 -5.27 -5.69 -3.63
N GLU A 42 -6.39 -6.37 -3.89
CA GLU A 42 -6.71 -6.92 -5.20
C GLU A 42 -6.75 -5.83 -6.26
N LYS A 43 -7.14 -4.61 -5.89
CA LYS A 43 -7.03 -3.41 -6.72
C LYS A 43 -5.57 -2.98 -6.78
N VAL A 44 -5.03 -2.59 -5.64
CA VAL A 44 -3.90 -1.66 -5.56
C VAL A 44 -2.52 -2.30 -5.62
N LEU A 45 -2.30 -3.29 -4.76
CA LEU A 45 -1.03 -4.03 -4.70
C LEU A 45 -1.04 -5.10 -5.77
N GLY A 46 -2.23 -5.49 -6.25
CA GLY A 46 -2.44 -6.42 -7.33
C GLY A 46 -1.93 -7.82 -6.99
N LEU A 47 -1.72 -8.13 -5.71
CA LEU A 47 -1.58 -9.50 -5.25
C LEU A 47 -2.99 -10.08 -5.15
N SER A 48 -3.12 -11.40 -5.03
CA SER A 48 -4.40 -12.02 -4.79
C SER A 48 -4.82 -11.80 -3.33
N GLN A 49 -6.05 -12.22 -3.00
CA GLN A 49 -6.76 -11.81 -1.80
C GLN A 49 -6.00 -12.17 -0.51
N GLY A 50 -5.90 -13.47 -0.20
CA GLY A 50 -5.25 -13.95 1.01
C GLY A 50 -3.80 -13.48 1.11
N SER A 51 -3.14 -13.26 -0.03
CA SER A 51 -1.78 -12.78 -0.11
C SER A 51 -1.63 -11.48 0.69
N VAL A 52 -2.39 -10.43 0.35
CA VAL A 52 -2.38 -9.16 1.10
C VAL A 52 -2.89 -9.36 2.52
N SER A 53 -3.92 -10.19 2.70
CA SER A 53 -4.59 -10.34 3.98
C SER A 53 -3.58 -10.85 5.02
N ASP A 54 -2.81 -11.88 4.67
CA ASP A 54 -1.82 -12.44 5.57
C ASP A 54 -0.59 -11.53 5.69
N MET A 55 -0.32 -10.66 4.69
CA MET A 55 0.64 -9.58 4.78
C MET A 55 0.25 -8.62 5.89
N LEU A 56 -0.96 -8.07 5.86
CA LEU A 56 -1.48 -7.20 6.92
C LEU A 56 -1.48 -7.91 8.28
N SER A 57 -1.80 -9.20 8.32
CA SER A 57 -1.82 -9.97 9.56
C SER A 57 -0.40 -10.14 10.14
N ARG A 58 0.58 -10.49 9.30
CA ARG A 58 1.96 -10.76 9.71
C ARG A 58 2.89 -10.31 8.58
N PRO A 59 3.24 -9.02 8.52
CA PRO A 59 4.22 -8.55 7.54
C PRO A 59 5.59 -9.12 7.90
N LYS A 60 6.60 -8.91 7.05
CA LYS A 60 7.97 -9.33 7.29
C LYS A 60 8.83 -8.09 7.51
N PRO A 61 9.98 -8.21 8.21
CA PRO A 61 10.83 -7.07 8.48
C PRO A 61 11.43 -6.53 7.18
N TRP A 62 11.71 -5.22 7.15
CA TRP A 62 12.21 -4.56 5.94
C TRP A 62 13.50 -5.22 5.46
N SER A 63 14.44 -5.52 6.37
CA SER A 63 15.63 -6.30 6.08
C SER A 63 15.34 -7.61 5.35
N LYS A 64 14.34 -8.39 5.79
CA LYS A 64 14.08 -9.69 5.16
C LYS A 64 13.57 -9.53 3.75
N LEU A 65 12.81 -8.47 3.47
CA LEU A 65 12.24 -8.28 2.14
C LEU A 65 13.36 -7.80 1.20
N THR A 66 13.22 -8.14 -0.06
CA THR A 66 14.05 -7.68 -1.17
C THR A 66 13.18 -6.81 -2.08
N GLN A 67 13.76 -6.22 -3.12
CA GLN A 67 13.11 -5.33 -4.08
C GLN A 67 11.68 -5.79 -4.43
N LYS A 68 11.51 -6.99 -5.01
CA LYS A 68 10.20 -7.47 -5.43
C LYS A 68 9.25 -7.81 -4.28
N GLY A 69 9.78 -7.98 -3.08
CA GLY A 69 8.98 -8.14 -1.86
C GLY A 69 8.59 -6.78 -1.27
N ARG A 70 9.41 -5.74 -1.48
CA ARG A 70 9.19 -4.39 -0.98
C ARG A 70 8.23 -3.64 -1.89
N GLU A 71 8.21 -3.92 -3.19
CA GLU A 71 7.30 -3.33 -4.18
C GLU A 71 5.85 -3.19 -3.67
N PRO A 72 5.17 -4.28 -3.23
CA PRO A 72 3.80 -4.17 -2.76
C PRO A 72 3.70 -3.30 -1.50
N PHE A 73 4.65 -3.42 -0.56
CA PHE A 73 4.69 -2.52 0.59
C PHE A 73 4.95 -1.05 0.21
N ILE A 74 5.66 -0.75 -0.87
CA ILE A 74 5.89 0.62 -1.33
C ILE A 74 4.58 1.19 -1.86
N ARG A 75 3.84 0.44 -2.66
CA ARG A 75 2.52 0.84 -3.10
C ARG A 75 1.59 1.01 -1.90
N MET A 76 1.73 0.22 -0.82
CA MET A 76 1.06 0.50 0.44
C MET A 76 1.46 1.87 1.03
N GLN A 77 2.77 2.14 1.17
CA GLN A 77 3.31 3.37 1.78
C GLN A 77 2.84 4.62 1.03
N LEU A 78 2.86 4.58 -0.29
CA LEU A 78 2.36 5.67 -1.12
C LEU A 78 0.87 5.80 -0.95
N TRP A 79 0.09 4.74 -1.21
CA TRP A 79 -1.37 4.75 -1.15
C TRP A 79 -1.89 5.47 0.10
N LEU A 80 -1.19 5.35 1.23
CA LEU A 80 -1.52 5.98 2.48
C LEU A 80 -1.85 7.47 2.31
N SER A 81 -1.00 8.22 1.61
CA SER A 81 -1.32 9.58 1.23
C SER A 81 -1.87 9.67 -0.20
N ASP A 82 -1.26 8.93 -1.12
CA ASP A 82 -1.40 9.03 -2.57
C ASP A 82 -2.78 8.60 -3.07
N GLN A 83 -3.34 7.58 -2.43
CA GLN A 83 -4.55 6.79 -2.76
C GLN A 83 -4.65 6.25 -4.19
N LEU A 84 -3.65 6.51 -5.04
CA LEU A 84 -3.55 6.26 -6.46
C LEU A 84 -4.68 6.95 -7.22
N GLY A 85 -4.35 8.06 -7.87
CA GLY A 85 -5.25 8.96 -8.60
C GLY A 85 -6.43 8.26 -9.26
N GLN A 86 -6.14 7.22 -10.05
CA GLN A 86 -7.12 6.29 -10.57
C GLN A 86 -6.60 4.87 -10.33
N ALA A 87 -5.44 4.55 -10.89
CA ALA A 87 -4.83 3.24 -10.86
C ALA A 87 -3.36 3.42 -11.23
N VAL A 88 -2.59 2.35 -11.19
CA VAL A 88 -1.24 2.26 -11.73
C VAL A 88 -1.18 0.99 -12.59
N GLY A 89 -0.53 1.08 -13.76
CA GLY A 89 -0.39 0.01 -14.73
C GLY A 89 -1.70 -0.25 -15.48
N GLN A 90 -2.75 -0.64 -14.74
CA GLN A 90 -3.95 -1.32 -15.19
C GLN A 90 -3.61 -2.64 -15.92
N GLN A 91 -4.59 -3.52 -16.01
CA GLN A 91 -4.44 -4.88 -16.52
C GLN A 91 -5.85 -5.45 -16.78
N PRO A 92 -5.99 -6.62 -17.41
CA PRO A 92 -7.29 -7.26 -17.54
C PRO A 92 -7.72 -7.93 -16.24
N GLY A 93 -8.91 -8.55 -16.28
CA GLY A 93 -9.47 -9.27 -15.15
C GLY A 93 -10.10 -8.31 -14.15
N ALA A 94 -11.00 -8.83 -13.33
CA ALA A 94 -11.62 -8.10 -12.23
C ALA A 94 -12.19 -9.03 -11.17
N SER A 95 -11.71 -10.28 -11.08
CA SER A 95 -12.12 -11.35 -10.18
C SER A 95 -12.75 -10.82 -8.89
N SER A 96 -14.06 -11.02 -8.77
CA SER A 96 -14.87 -10.44 -7.70
C SER A 96 -15.87 -11.46 -7.20
N GLY A 97 -15.50 -12.13 -6.12
CA GLY A 97 -16.42 -12.80 -5.22
C GLY A 97 -16.80 -11.80 -4.12
N PRO A 98 -17.99 -11.17 -4.19
CA PRO A 98 -18.53 -10.44 -3.05
C PRO A 98 -19.06 -11.45 -2.03
N SER A 99 -18.94 -11.11 -0.76
CA SER A 99 -19.23 -12.00 0.34
C SER A 99 -19.42 -11.18 1.61
N SER A 100 -20.16 -11.71 2.56
CA SER A 100 -20.47 -11.06 3.82
C SER A 100 -19.83 -11.89 4.92
N GLY A 101 -19.00 -11.25 5.74
CA GLY A 101 -17.75 -11.85 6.15
C GLY A 101 -16.71 -11.16 5.28
N GLY A 1 19.92 15.88 -1.95
CA GLY A 1 19.51 16.70 -0.80
C GLY A 1 19.47 15.84 0.44
N SER A 2 18.67 16.26 1.41
CA SER A 2 18.26 15.50 2.57
C SER A 2 17.05 16.22 3.13
N SER A 3 17.30 17.30 3.88
CA SER A 3 16.31 18.21 4.41
C SER A 3 15.54 18.83 3.24
N GLY A 4 14.27 18.48 3.07
CA GLY A 4 13.45 18.91 1.94
C GLY A 4 13.78 18.06 0.72
N SER A 5 13.47 16.77 0.81
CA SER A 5 13.43 15.86 -0.33
C SER A 5 12.00 15.35 -0.50
N SER A 6 11.67 14.83 -1.67
CA SER A 6 10.32 14.39 -2.03
C SER A 6 9.87 13.20 -1.18
N GLY A 7 10.69 12.16 -1.11
CA GLY A 7 10.25 10.85 -0.66
C GLY A 7 10.14 10.00 -1.91
N GLN A 8 8.91 9.74 -2.37
CA GLN A 8 8.57 8.70 -3.32
C GLN A 8 9.18 7.35 -2.90
N TYR A 9 9.00 6.32 -3.72
CA TYR A 9 9.72 5.07 -3.51
C TYR A 9 11.23 5.30 -3.49
N GLU A 10 11.75 6.35 -4.13
CA GLU A 10 13.19 6.55 -4.33
C GLU A 10 13.93 6.89 -3.03
N LEU A 11 13.32 7.56 -2.06
CA LEU A 11 13.95 7.71 -0.73
C LEU A 11 14.02 6.33 -0.08
N TYR A 12 12.87 5.66 -0.06
CA TYR A 12 12.64 4.43 0.66
C TYR A 12 13.31 3.23 -0.04
N MET A 13 13.83 3.37 -1.27
CA MET A 13 14.48 2.32 -2.02
C MET A 13 15.76 1.84 -1.32
N TYR A 14 16.30 2.67 -0.42
CA TYR A 14 17.52 2.46 0.32
C TYR A 14 17.15 2.24 1.78
N ARG A 15 16.50 3.23 2.39
CA ARG A 15 16.07 3.30 3.78
C ARG A 15 15.13 2.16 4.15
N GLU A 16 14.85 2.01 5.44
CA GLU A 16 13.92 1.05 5.99
C GLU A 16 12.57 1.70 6.26
N VAL A 17 11.60 0.95 6.77
CA VAL A 17 10.29 1.46 7.16
C VAL A 17 9.75 0.61 8.32
N ASP A 18 8.88 1.17 9.18
CA ASP A 18 8.13 0.39 10.17
C ASP A 18 7.07 -0.42 9.43
N THR A 19 7.41 -1.65 9.05
CA THR A 19 6.54 -2.53 8.27
C THR A 19 5.25 -2.88 9.02
N LEU A 20 5.30 -2.97 10.35
CA LEU A 20 4.14 -3.22 11.19
C LEU A 20 3.22 -2.01 11.14
N GLU A 21 3.71 -0.88 11.64
CA GLU A 21 2.95 0.36 11.76
C GLU A 21 2.41 0.83 10.40
N LEU A 22 3.13 0.50 9.31
CA LEU A 22 2.66 0.66 7.94
C LEU A 22 1.32 -0.06 7.77
N THR A 23 1.28 -1.40 7.90
CA THR A 23 0.04 -2.15 7.74
C THR A 23 -1.03 -1.61 8.69
N ARG A 24 -0.64 -1.22 9.90
CA ARG A 24 -1.53 -0.64 10.90
C ARG A 24 -2.23 0.60 10.36
N GLN A 25 -1.49 1.65 9.96
CA GLN A 25 -2.06 2.87 9.43
C GLN A 25 -2.86 2.59 8.16
N VAL A 26 -2.37 1.71 7.28
CA VAL A 26 -3.09 1.37 6.07
C VAL A 26 -4.48 0.83 6.45
N LYS A 27 -4.54 -0.20 7.31
CA LYS A 27 -5.78 -0.76 7.81
C LYS A 27 -6.66 0.31 8.47
N GLU A 28 -6.10 1.21 9.28
CA GLU A 28 -6.79 2.29 9.95
C GLU A 28 -7.47 3.22 8.94
N LYS A 29 -6.72 3.80 7.99
CA LYS A 29 -7.32 4.71 7.02
C LYS A 29 -8.35 4.01 6.15
N LEU A 30 -8.10 2.74 5.81
CA LEU A 30 -9.10 1.97 5.10
C LEU A 30 -10.36 1.86 5.96
N ALA A 31 -10.20 1.53 7.25
CA ALA A 31 -11.31 1.36 8.17
C ALA A 31 -12.14 2.63 8.30
N LYS A 32 -11.48 3.79 8.40
CA LYS A 32 -12.17 5.08 8.42
C LYS A 32 -13.08 5.23 7.21
N ASN A 33 -12.60 4.89 6.00
CA ASN A 33 -13.39 4.96 4.78
C ASN A 33 -14.23 3.69 4.55
N GLY A 34 -14.24 2.72 5.48
CA GLY A 34 -15.01 1.49 5.36
C GLY A 34 -14.58 0.58 4.21
N ILE A 35 -13.35 0.75 3.71
CA ILE A 35 -12.85 0.06 2.52
C ILE A 35 -12.41 -1.34 2.93
N CYS A 36 -13.02 -2.35 2.30
CA CYS A 36 -12.67 -3.75 2.46
C CYS A 36 -11.21 -3.97 2.05
N GLN A 37 -10.35 -4.34 3.00
CA GLN A 37 -8.91 -4.50 2.79
C GLN A 37 -8.62 -5.51 1.67
N ARG A 38 -9.45 -6.55 1.54
CA ARG A 38 -9.44 -7.51 0.44
C ARG A 38 -9.37 -6.83 -0.93
N ILE A 39 -10.34 -5.95 -1.23
CA ILE A 39 -10.45 -5.30 -2.53
C ILE A 39 -9.29 -4.32 -2.69
N PHE A 40 -8.95 -3.58 -1.63
CA PHE A 40 -7.75 -2.75 -1.63
C PHE A 40 -6.53 -3.57 -2.07
N GLY A 41 -6.32 -4.76 -1.51
CA GLY A 41 -5.19 -5.59 -1.85
C GLY A 41 -5.25 -6.09 -3.30
N GLU A 42 -6.44 -6.50 -3.74
CA GLU A 42 -6.68 -6.99 -5.08
C GLU A 42 -6.30 -5.91 -6.11
N LYS A 43 -6.76 -4.68 -5.86
CA LYS A 43 -6.69 -3.60 -6.83
C LYS A 43 -5.43 -2.76 -6.66
N VAL A 44 -5.21 -2.21 -5.48
CA VAL A 44 -4.03 -1.38 -5.22
C VAL A 44 -2.79 -2.26 -5.30
N LEU A 45 -2.72 -3.30 -4.47
CA LEU A 45 -1.46 -4.02 -4.24
C LEU A 45 -1.19 -5.09 -5.29
N GLY A 46 -2.19 -5.48 -6.08
CA GLY A 46 -2.08 -6.54 -7.07
C GLY A 46 -1.65 -7.84 -6.43
N LEU A 47 -2.37 -8.28 -5.39
CA LEU A 47 -2.18 -9.55 -4.68
C LEU A 47 -3.55 -10.18 -4.50
N SER A 48 -3.62 -11.51 -4.45
CA SER A 48 -4.86 -12.19 -4.10
C SER A 48 -5.27 -11.79 -2.69
N GLN A 49 -6.56 -11.91 -2.42
CA GLN A 49 -7.11 -11.71 -1.08
C GLN A 49 -6.30 -12.49 -0.04
N GLY A 50 -5.90 -13.73 -0.37
CA GLY A 50 -5.14 -14.59 0.51
C GLY A 50 -3.77 -14.01 0.83
N SER A 51 -2.96 -13.74 -0.19
CA SER A 51 -1.59 -13.28 0.02
C SER A 51 -1.57 -11.97 0.80
N VAL A 52 -2.45 -11.03 0.49
CA VAL A 52 -2.54 -9.78 1.21
C VAL A 52 -2.96 -10.01 2.66
N SER A 53 -3.90 -10.92 2.93
CA SER A 53 -4.43 -11.20 4.26
C SER A 53 -3.28 -11.52 5.20
N ASP A 54 -2.45 -12.50 4.81
CA ASP A 54 -1.34 -12.92 5.66
C ASP A 54 -0.31 -11.82 5.83
N MET A 55 -0.14 -10.97 4.79
CA MET A 55 0.76 -9.84 4.80
C MET A 55 0.34 -8.84 5.86
N LEU A 56 -0.86 -8.27 5.76
CA LEU A 56 -1.40 -7.33 6.73
C LEU A 56 -1.52 -7.93 8.13
N SER A 57 -1.74 -9.24 8.26
CA SER A 57 -1.71 -9.92 9.54
C SER A 57 -0.30 -9.88 10.16
N ARG A 58 0.74 -10.32 9.42
CA ARG A 58 2.09 -10.43 9.97
C ARG A 58 3.11 -10.03 8.91
N PRO A 59 3.29 -8.71 8.67
CA PRO A 59 4.18 -8.23 7.64
C PRO A 59 5.61 -8.60 7.98
N LYS A 60 6.49 -8.60 6.98
CA LYS A 60 7.79 -9.24 7.08
C LYS A 60 8.90 -8.20 7.10
N PRO A 61 10.05 -8.53 7.72
CA PRO A 61 11.08 -7.58 8.05
C PRO A 61 11.74 -7.01 6.79
N TRP A 62 11.91 -5.69 6.74
CA TRP A 62 12.48 -4.98 5.59
C TRP A 62 13.92 -5.44 5.28
N SER A 63 14.66 -5.88 6.30
CA SER A 63 15.99 -6.47 6.15
C SER A 63 15.96 -7.71 5.27
N LYS A 64 15.00 -8.61 5.53
CA LYS A 64 14.76 -9.81 4.76
C LYS A 64 14.19 -9.47 3.38
N LEU A 65 13.23 -8.54 3.29
CA LEU A 65 12.45 -8.38 2.08
C LEU A 65 13.28 -7.68 1.00
N THR A 66 13.39 -8.35 -0.14
CA THR A 66 14.08 -7.90 -1.35
C THR A 66 13.36 -6.70 -1.98
N GLN A 67 14.00 -6.04 -2.97
CA GLN A 67 13.37 -5.08 -3.87
C GLN A 67 11.99 -5.58 -4.33
N LYS A 68 11.92 -6.70 -5.05
CA LYS A 68 10.62 -7.21 -5.51
C LYS A 68 9.70 -7.59 -4.34
N GLY A 69 10.27 -8.01 -3.22
CA GLY A 69 9.50 -8.28 -2.01
C GLY A 69 8.78 -7.03 -1.49
N ARG A 70 9.43 -5.87 -1.60
CA ARG A 70 8.92 -4.58 -1.13
C ARG A 70 7.91 -3.98 -2.11
N GLU A 71 7.83 -4.41 -3.38
CA GLU A 71 6.95 -3.79 -4.39
C GLU A 71 5.49 -3.58 -3.93
N PRO A 72 4.78 -4.56 -3.35
CA PRO A 72 3.43 -4.33 -2.86
C PRO A 72 3.47 -3.37 -1.65
N PHE A 73 4.39 -3.58 -0.71
CA PHE A 73 4.53 -2.74 0.46
C PHE A 73 4.80 -1.27 0.12
N ILE A 74 5.54 -0.99 -0.95
CA ILE A 74 5.85 0.35 -1.44
C ILE A 74 4.55 1.06 -1.83
N ARG A 75 3.66 0.38 -2.57
CA ARG A 75 2.35 0.92 -2.88
C ARG A 75 1.57 1.16 -1.60
N MET A 76 1.64 0.26 -0.61
CA MET A 76 1.00 0.46 0.68
C MET A 76 1.42 1.79 1.30
N GLN A 77 2.72 2.09 1.32
CA GLN A 77 3.29 3.31 1.90
C GLN A 77 2.81 4.55 1.15
N LEU A 78 2.84 4.51 -0.18
CA LEU A 78 2.47 5.64 -1.00
C LEU A 78 0.99 5.92 -0.85
N TRP A 79 0.13 4.92 -1.06
CA TRP A 79 -1.32 5.02 -0.98
C TRP A 79 -1.78 5.77 0.27
N LEU A 80 -1.09 5.62 1.40
CA LEU A 80 -1.41 6.31 2.66
C LEU A 80 -1.55 7.81 2.42
N SER A 81 -0.62 8.45 1.70
CA SER A 81 -0.77 9.85 1.33
C SER A 81 -1.32 10.02 -0.09
N ASP A 82 -0.70 9.38 -1.08
CA ASP A 82 -0.91 9.47 -2.54
C ASP A 82 -2.32 9.14 -3.00
N GLN A 83 -3.07 8.40 -2.17
CA GLN A 83 -4.36 7.81 -2.45
C GLN A 83 -4.42 6.83 -3.62
N LEU A 84 -3.41 6.73 -4.50
CA LEU A 84 -3.56 6.41 -5.90
C LEU A 84 -4.59 7.32 -6.55
N GLY A 85 -4.10 8.34 -7.25
CA GLY A 85 -4.85 9.05 -8.27
C GLY A 85 -4.81 8.21 -9.55
N GLN A 86 -4.85 8.91 -10.67
CA GLN A 86 -4.99 8.38 -12.02
C GLN A 86 -4.09 7.16 -12.25
N ALA A 87 -2.79 7.42 -12.37
CA ALA A 87 -1.79 6.47 -12.84
C ALA A 87 -0.44 6.99 -12.39
N VAL A 88 -0.12 6.77 -11.10
CA VAL A 88 1.07 7.28 -10.42
C VAL A 88 1.20 8.79 -10.62
N GLY A 89 0.26 9.51 -10.00
CA GLY A 89 0.30 10.95 -9.88
C GLY A 89 1.22 11.32 -8.71
N GLN A 90 0.90 12.41 -8.03
CA GLN A 90 1.43 12.75 -6.72
C GLN A 90 0.31 13.31 -5.86
N GLN A 91 0.54 13.33 -4.54
CA GLN A 91 -0.34 13.87 -3.49
C GLN A 91 -1.74 13.25 -3.45
N PRO A 92 -2.52 13.48 -2.38
CA PRO A 92 -3.97 13.38 -2.46
C PRO A 92 -4.53 14.57 -3.23
N GLY A 93 -5.73 14.39 -3.82
CA GLY A 93 -6.50 15.48 -4.42
C GLY A 93 -7.89 15.66 -3.82
N ALA A 94 -8.42 14.66 -3.09
CA ALA A 94 -9.41 14.94 -2.05
C ALA A 94 -8.63 15.44 -0.84
N SER A 95 -7.94 14.53 -0.16
CA SER A 95 -7.38 14.71 1.17
C SER A 95 -8.50 14.86 2.19
N SER A 96 -8.33 14.26 3.37
CA SER A 96 -9.32 14.35 4.43
C SER A 96 -8.65 13.92 5.72
N GLY A 97 -8.55 14.84 6.69
CA GLY A 97 -8.02 14.51 8.00
C GLY A 97 -8.41 15.58 9.01
N PRO A 98 -9.05 15.21 10.13
CA PRO A 98 -9.30 16.15 11.21
C PRO A 98 -7.98 16.39 11.94
N SER A 99 -8.02 17.25 12.95
CA SER A 99 -6.88 17.62 13.78
C SER A 99 -7.23 17.47 15.26
N SER A 100 -8.36 16.82 15.57
CA SER A 100 -8.73 16.30 16.87
C SER A 100 -9.60 15.05 16.60
N GLY A 101 -10.07 14.36 17.64
CA GLY A 101 -10.64 13.03 17.53
C GLY A 101 -9.55 12.02 17.26
#